data_4PUF
#
_entry.id   4PUF
#
_cell.length_a   106.290
_cell.length_b   134.830
_cell.length_c   154.620
_cell.angle_alpha   90.00
_cell.angle_beta   90.00
_cell.angle_gamma   90.00
#
_symmetry.space_group_name_H-M   'P 21 21 21'
#
loop_
_entity.id
_entity.type
_entity.pdbx_description
1 polymer 'E3 ubiquitin-protein ligase SlrP'
2 polymer Thioredoxin
#
loop_
_entity_poly.entity_id
_entity_poly.type
_entity_poly.pdbx_seq_one_letter_code
_entity_poly.pdbx_strand_id
1 'polypeptide(L)'
;MRGSHHHHHHGSKDAVNYELIWSEWVKEAPAKEAANREEAVQRMRDCLKNNKTELRLKILGLTTIPAYIPEQITTLILDN
NELKSLPENLQGNIKTLYANSNQLTSIPATLPDTIQEMELSINRITELPERLPSALQSLDLFHNKISCLPENLPEELRYL
SVYDNSIRTLPAHLPSEITHLNVQSNSLTALPETLPPGLKTLEAGENALTSLPASLPPELQVLDVSKNQITVLPETLPPT
ITTLDVSRNALTNLPENLPAALQIMQASRNNLVRLPESLPHFRGEGPQPTRIIVEYNPFSERTIQNMQRLMSSVDYQGPR
VLFAMGDFSIVRVTRPLHQAVQGWLTSLEEEDVNQWRAFEAEANAAAFSGFLDYLGDTQNTRHPDFKEQVSAWLMRLAED
SALRETVFIIAMNATISCEDRVTLAYHQMQEATLVHDAERGAFDSHLAELIMAGREIFRLEQIESLAREKVKRLFFIDEV
EVFLGFQNQLRESLSLTTMTRDMRFYNVSGITESDLDEAEIRIKMAENRDFHKWFALWGPWHKVLERIAPEEWREMMAKR
DECIETDEYQSRVNAELEDLRIADDSDAERTTEVQMDAERAIGIKIMEEINQTLFTEIMENILLKKEVSSLMSAYWR
;
A,B
2 'polypeptide(L)'
;MRGSHHHHHHGSMVKQIESKTAFQEALDAAGDKLVVVDFSATWCGPCKMIKPFFHSLSEKYSNVIFLEVDVDDCQDVASE
CEVKCMPTFQFFKKGQKVGEFSGANKEKLEATINELV
;
C,D
#
# COMPACT_ATOMS: atom_id res chain seq x y z
N GLU A 19 -42.50 -40.38 -0.21
CA GLU A 19 -41.83 -40.90 0.97
C GLU A 19 -40.99 -39.82 1.66
N LEU A 20 -40.60 -38.80 0.91
CA LEU A 20 -39.84 -37.68 1.46
C LEU A 20 -40.70 -36.85 2.41
N ILE A 21 -41.97 -36.69 2.04
CA ILE A 21 -42.92 -35.96 2.88
C ILE A 21 -43.09 -36.64 4.23
N TRP A 22 -43.20 -37.97 4.20
CA TRP A 22 -43.36 -38.76 5.41
C TRP A 22 -42.17 -38.63 6.34
N SER A 23 -40.98 -38.94 5.82
CA SER A 23 -39.77 -39.00 6.63
C SER A 23 -39.25 -37.63 7.10
N GLU A 24 -39.94 -36.57 6.71
CA GLU A 24 -39.55 -35.22 7.14
C GLU A 24 -40.49 -34.68 8.21
N TRP A 25 -41.77 -35.04 8.12
CA TRP A 25 -42.72 -34.75 9.19
C TRP A 25 -42.54 -35.78 10.29
N VAL A 26 -41.84 -36.86 9.95
CA VAL A 26 -41.43 -37.87 10.93
C VAL A 26 -40.36 -37.29 11.84
N LYS A 27 -39.59 -36.34 11.31
CA LYS A 27 -38.54 -35.67 12.08
C LYS A 27 -39.10 -34.89 13.28
N GLU A 28 -40.42 -34.76 13.32
CA GLU A 28 -41.10 -34.12 14.45
C GLU A 28 -41.43 -35.15 15.51
N ALA A 29 -41.23 -36.42 15.20
CA ALA A 29 -41.49 -37.51 16.14
C ALA A 29 -40.42 -37.71 17.23
N PRO A 30 -39.12 -37.50 16.90
CA PRO A 30 -38.16 -37.40 18.00
C PRO A 30 -38.56 -36.29 18.95
N ALA A 31 -39.12 -35.22 18.39
CA ALA A 31 -39.77 -34.16 19.17
C ALA A 31 -38.90 -33.54 20.24
N LYS A 32 -37.85 -32.85 19.82
CA LYS A 32 -37.03 -32.08 20.76
C LYS A 32 -37.78 -30.80 21.10
N GLU A 33 -37.21 -30.00 22.01
CA GLU A 33 -37.85 -28.77 22.45
C GLU A 33 -38.05 -27.79 21.29
N ALA A 34 -37.07 -27.71 20.41
CA ALA A 34 -37.12 -26.77 19.29
C ALA A 34 -38.25 -27.10 18.31
N ALA A 35 -39.25 -26.24 18.28
CA ALA A 35 -40.38 -26.40 17.36
C ALA A 35 -40.07 -25.76 16.02
N ASN A 36 -38.84 -25.26 15.88
CA ASN A 36 -38.39 -24.67 14.62
C ASN A 36 -37.96 -25.73 13.62
N ARG A 37 -38.23 -26.99 13.97
CA ARG A 37 -37.91 -28.12 13.11
C ARG A 37 -38.78 -28.10 11.86
N GLU A 38 -39.97 -27.49 11.98
CA GLU A 38 -40.92 -27.43 10.88
C GLU A 38 -40.57 -26.31 9.89
N GLU A 39 -39.77 -25.36 10.36
CA GLU A 39 -39.35 -24.24 9.51
C GLU A 39 -38.46 -24.72 8.37
N ALA A 40 -37.78 -25.85 8.59
CA ALA A 40 -36.89 -26.41 7.59
C ALA A 40 -37.66 -27.18 6.52
N VAL A 41 -38.71 -27.88 6.94
CA VAL A 41 -39.51 -28.68 6.01
C VAL A 41 -40.40 -27.76 5.16
N GLN A 42 -40.55 -26.52 5.59
CA GLN A 42 -41.28 -25.52 4.82
C GLN A 42 -40.46 -25.12 3.60
N ARG A 43 -39.18 -24.85 3.81
CA ARG A 43 -38.28 -24.46 2.75
C ARG A 43 -37.93 -25.67 1.88
N MET A 44 -38.15 -26.85 2.42
CA MET A 44 -37.88 -28.10 1.71
C MET A 44 -38.87 -28.30 0.57
N ARG A 45 -40.12 -27.88 0.80
CA ARG A 45 -41.17 -28.04 -0.19
C ARG A 45 -41.22 -26.85 -1.15
N ASP A 46 -40.84 -25.68 -0.64
CA ASP A 46 -40.85 -24.45 -1.45
C ASP A 46 -39.81 -24.51 -2.57
N CYS A 47 -38.72 -25.23 -2.34
CA CYS A 47 -37.64 -25.32 -3.32
C CYS A 47 -37.92 -26.39 -4.37
N LEU A 48 -38.94 -27.21 -4.12
CA LEU A 48 -39.30 -28.28 -5.04
C LEU A 48 -40.16 -27.74 -6.18
N LYS A 49 -41.12 -26.90 -5.84
CA LYS A 49 -42.04 -26.35 -6.83
C LYS A 49 -41.48 -25.12 -7.53
N ASN A 50 -40.87 -24.23 -6.74
CA ASN A 50 -40.27 -23.02 -7.30
C ASN A 50 -38.96 -23.31 -8.01
N ASN A 51 -38.43 -24.52 -7.80
CA ASN A 51 -37.14 -24.92 -8.35
C ASN A 51 -36.01 -23.96 -7.99
N LYS A 52 -35.58 -24.01 -6.73
CA LYS A 52 -34.50 -23.15 -6.25
C LYS A 52 -33.13 -23.77 -6.53
N THR A 53 -33.14 -25.02 -7.01
CA THR A 53 -31.95 -25.86 -7.17
C THR A 53 -30.96 -25.88 -5.99
N GLU A 54 -31.38 -25.34 -4.86
CA GLU A 54 -30.53 -25.27 -3.67
C GLU A 54 -31.39 -25.22 -2.41
N LEU A 55 -30.98 -25.98 -1.39
CA LEU A 55 -31.71 -25.98 -0.13
C LEU A 55 -31.02 -25.08 0.89
N ARG A 56 -31.53 -23.87 1.05
CA ARG A 56 -30.94 -22.91 1.97
C ARG A 56 -31.65 -22.88 3.31
N LEU A 57 -31.02 -23.44 4.33
CA LEU A 57 -31.58 -23.41 5.68
C LEU A 57 -30.51 -23.31 6.77
N LYS A 58 -30.53 -22.19 7.50
CA LYS A 58 -29.63 -22.00 8.62
C LYS A 58 -30.30 -21.22 9.73
N ILE A 59 -29.54 -20.91 10.78
CA ILE A 59 -30.02 -20.17 11.96
C ILE A 59 -31.23 -20.82 12.66
N LEU A 60 -31.56 -22.04 12.25
CA LEU A 60 -32.74 -22.75 12.74
C LEU A 60 -32.59 -23.20 14.19
N GLY A 61 -31.56 -24.00 14.47
CA GLY A 61 -31.35 -24.57 15.78
C GLY A 61 -31.55 -26.08 15.75
N LEU A 62 -31.35 -26.65 14.57
CA LEU A 62 -31.64 -28.07 14.31
C LEU A 62 -30.50 -29.00 14.70
N THR A 63 -30.78 -29.93 15.62
CA THR A 63 -29.78 -30.85 16.14
C THR A 63 -29.46 -32.00 15.17
N THR A 64 -30.42 -32.34 14.32
CA THR A 64 -30.20 -33.40 13.34
C THR A 64 -31.07 -33.22 12.09
N ILE A 65 -30.60 -33.74 10.97
CA ILE A 65 -31.32 -33.65 9.71
C ILE A 65 -31.51 -35.05 9.11
N PRO A 66 -32.51 -35.22 8.24
CA PRO A 66 -32.72 -36.52 7.60
C PRO A 66 -31.56 -36.90 6.68
N ALA A 67 -31.44 -38.20 6.39
CA ALA A 67 -30.41 -38.68 5.50
C ALA A 67 -30.90 -38.69 4.05
N TYR A 68 -32.17 -38.32 3.87
CA TYR A 68 -32.78 -38.32 2.55
C TYR A 68 -33.16 -36.92 2.08
N ILE A 69 -32.52 -36.48 1.00
CA ILE A 69 -32.86 -35.22 0.36
C ILE A 69 -33.27 -35.50 -1.09
N PRO A 70 -34.20 -34.69 -1.63
CA PRO A 70 -34.62 -34.87 -3.03
C PRO A 70 -33.46 -34.73 -4.01
N GLU A 71 -33.48 -35.54 -5.06
CA GLU A 71 -32.41 -35.55 -6.06
C GLU A 71 -32.33 -34.21 -6.82
N GLN A 72 -33.44 -33.48 -6.80
CA GLN A 72 -33.50 -32.17 -7.46
C GLN A 72 -32.48 -31.20 -6.88
N ILE A 73 -32.25 -31.31 -5.57
CA ILE A 73 -31.31 -30.44 -4.88
C ILE A 73 -29.87 -30.78 -5.28
N THR A 74 -28.97 -29.81 -5.15
CA THR A 74 -27.56 -30.01 -5.50
C THR A 74 -26.64 -29.18 -4.61
N THR A 75 -27.22 -28.17 -3.96
CA THR A 75 -26.50 -27.38 -2.97
C THR A 75 -27.24 -27.42 -1.64
N LEU A 76 -26.58 -27.96 -0.62
CA LEU A 76 -27.19 -28.13 0.70
C LEU A 76 -26.46 -27.30 1.73
N ILE A 77 -27.19 -26.41 2.40
CA ILE A 77 -26.58 -25.48 3.36
C ILE A 77 -27.06 -25.71 4.78
N LEU A 78 -26.11 -26.06 5.64
CA LEU A 78 -26.33 -26.18 7.07
C LEU A 78 -25.31 -25.26 7.68
N ASP A 79 -25.74 -24.26 8.43
CA ASP A 79 -24.77 -23.37 9.06
C ASP A 79 -25.30 -22.78 10.36
N ASN A 80 -24.39 -22.53 11.28
CA ASN A 80 -24.67 -21.76 12.49
C ASN A 80 -25.88 -22.22 13.29
N ASN A 81 -26.03 -23.54 13.41
CA ASN A 81 -26.92 -24.14 14.38
C ASN A 81 -26.35 -25.49 14.78
N GLU A 82 -26.47 -25.80 16.07
CA GLU A 82 -25.83 -26.99 16.63
C GLU A 82 -26.26 -28.30 15.98
N LEU A 83 -25.29 -28.99 15.39
CA LEU A 83 -25.43 -30.40 15.07
C LEU A 83 -24.37 -31.10 15.88
N LYS A 84 -24.79 -31.76 16.95
CA LYS A 84 -23.84 -32.41 17.85
C LYS A 84 -23.06 -33.48 17.13
N SER A 85 -23.69 -34.11 16.14
CA SER A 85 -23.02 -35.12 15.32
C SER A 85 -23.66 -35.23 13.94
N LEU A 86 -23.03 -36.03 13.10
CA LEU A 86 -23.47 -36.24 11.73
C LEU A 86 -24.61 -37.27 11.66
N PRO A 87 -25.56 -37.06 10.72
CA PRO A 87 -26.54 -38.09 10.38
C PRO A 87 -25.88 -39.10 9.43
N GLU A 88 -25.99 -40.39 9.76
CA GLU A 88 -25.27 -41.41 9.01
C GLU A 88 -25.82 -41.63 7.60
N ASN A 89 -24.92 -41.59 6.62
CA ASN A 89 -25.23 -41.89 5.23
C ASN A 89 -26.29 -40.99 4.60
N LEU A 90 -25.92 -39.73 4.34
CA LEU A 90 -26.76 -38.85 3.55
C LEU A 90 -26.69 -39.28 2.09
N GLN A 91 -27.82 -39.24 1.39
CA GLN A 91 -27.85 -39.68 0.01
C GLN A 91 -28.73 -38.78 -0.86
N GLY A 92 -28.51 -38.81 -2.16
CA GLY A 92 -29.25 -38.01 -3.10
C GLY A 92 -28.39 -37.58 -4.26
N ASN A 93 -28.32 -36.28 -4.49
CA ASN A 93 -27.48 -35.73 -5.55
C ASN A 93 -26.86 -34.39 -5.14
N ILE A 94 -26.04 -34.44 -4.10
CA ILE A 94 -25.40 -33.23 -3.59
C ILE A 94 -24.04 -33.01 -4.24
N LYS A 95 -23.86 -31.83 -4.82
CA LYS A 95 -22.56 -31.47 -5.40
C LYS A 95 -21.77 -30.60 -4.43
N THR A 96 -22.47 -29.74 -3.70
CA THR A 96 -21.84 -28.86 -2.73
C THR A 96 -22.55 -28.93 -1.38
N LEU A 97 -21.79 -29.10 -0.32
CA LEU A 97 -22.35 -29.17 1.03
C LEU A 97 -21.62 -28.22 1.98
N TYR A 98 -22.32 -27.22 2.48
CA TYR A 98 -21.70 -26.26 3.39
C TYR A 98 -22.16 -26.48 4.84
N ALA A 99 -21.21 -26.55 5.76
CA ALA A 99 -21.55 -26.73 7.18
C ALA A 99 -20.53 -26.13 8.15
N ASN A 100 -20.86 -24.97 8.71
CA ASN A 100 -19.95 -24.25 9.61
C ASN A 100 -20.58 -23.87 10.94
N SER A 101 -19.72 -23.45 11.89
CA SER A 101 -20.15 -22.93 13.19
C SER A 101 -21.01 -23.89 14.02
N ASN A 102 -20.97 -25.17 13.68
CA ASN A 102 -21.71 -26.18 14.43
C ASN A 102 -20.80 -27.01 15.32
N GLN A 103 -21.35 -27.50 16.44
CA GLN A 103 -20.58 -28.31 17.37
C GLN A 103 -20.55 -29.76 16.90
N LEU A 104 -19.76 -30.02 15.87
CA LEU A 104 -19.70 -31.34 15.25
C LEU A 104 -18.52 -32.15 15.78
N THR A 105 -18.64 -33.47 15.76
CA THR A 105 -17.59 -34.35 16.27
C THR A 105 -16.87 -35.13 15.17
N SER A 106 -17.63 -35.71 14.25
CA SER A 106 -17.05 -36.51 13.18
C SER A 106 -17.90 -36.46 11.91
N ILE A 107 -17.33 -36.97 10.82
CA ILE A 107 -18.05 -37.10 9.56
C ILE A 107 -18.08 -38.57 9.14
N PRO A 108 -19.04 -38.97 8.31
CA PRO A 108 -19.12 -40.39 7.96
C PRO A 108 -18.25 -40.76 6.77
N ALA A 109 -17.98 -42.05 6.61
CA ALA A 109 -17.29 -42.55 5.43
C ALA A 109 -18.29 -42.78 4.32
N THR A 110 -19.58 -42.70 4.67
CA THR A 110 -20.66 -42.89 3.72
C THR A 110 -21.27 -41.56 3.30
N LEU A 111 -20.51 -40.79 2.52
CA LEU A 111 -20.99 -39.52 1.99
C LEU A 111 -21.14 -39.62 0.47
N PRO A 112 -22.11 -38.88 -0.09
CA PRO A 112 -22.39 -38.91 -1.54
C PRO A 112 -21.13 -38.68 -2.38
N ASP A 113 -20.84 -39.62 -3.27
CA ASP A 113 -19.66 -39.52 -4.13
C ASP A 113 -19.88 -38.56 -5.30
N THR A 114 -20.73 -37.57 -5.09
CA THR A 114 -20.99 -36.55 -6.09
C THR A 114 -20.68 -35.17 -5.51
N ILE A 115 -20.37 -35.14 -4.21
CA ILE A 115 -20.01 -33.91 -3.54
C ILE A 115 -18.67 -33.39 -4.04
N GLN A 116 -18.67 -32.19 -4.62
CA GLN A 116 -17.47 -31.61 -5.19
C GLN A 116 -16.84 -30.58 -4.27
N GLU A 117 -17.68 -29.88 -3.52
CA GLU A 117 -17.20 -28.88 -2.57
C GLU A 117 -17.82 -29.09 -1.19
N MET A 118 -16.98 -29.05 -0.16
CA MET A 118 -17.46 -29.23 1.20
C MET A 118 -16.77 -28.25 2.15
N GLU A 119 -17.56 -27.44 2.84
CA GLU A 119 -17.01 -26.44 3.77
C GLU A 119 -17.35 -26.78 5.21
N LEU A 120 -16.33 -26.76 6.07
CA LEU A 120 -16.52 -26.99 7.50
C LEU A 120 -15.70 -26.01 8.34
N SER A 121 -16.31 -24.90 8.72
CA SER A 121 -15.63 -23.88 9.50
C SER A 121 -16.15 -23.84 10.94
N ILE A 122 -15.31 -23.34 11.84
CA ILE A 122 -15.66 -23.18 13.26
C ILE A 122 -16.29 -24.44 13.86
N ASN A 123 -15.82 -25.61 13.43
CA ASN A 123 -16.34 -26.87 13.93
C ASN A 123 -15.40 -27.49 14.95
N ARG A 124 -15.74 -28.69 15.42
CA ARG A 124 -14.98 -29.33 16.48
C ARG A 124 -14.51 -30.73 16.08
N ILE A 125 -14.20 -30.89 14.80
CA ILE A 125 -13.70 -32.17 14.29
C ILE A 125 -12.33 -32.48 14.87
N THR A 126 -12.20 -33.65 15.49
CA THR A 126 -10.93 -34.05 16.09
C THR A 126 -10.04 -34.81 15.11
N GLU A 127 -10.67 -35.50 14.16
CA GLU A 127 -9.92 -36.30 13.20
C GLU A 127 -10.73 -36.55 11.93
N LEU A 128 -10.03 -36.79 10.83
CA LEU A 128 -10.68 -37.04 9.55
C LEU A 128 -10.71 -38.54 9.22
N PRO A 129 -11.91 -39.08 9.01
CA PRO A 129 -12.12 -40.48 8.61
C PRO A 129 -11.54 -40.79 7.24
N GLU A 130 -11.78 -42.02 6.78
CA GLU A 130 -11.17 -42.50 5.54
C GLU A 130 -12.16 -42.55 4.38
N ARG A 131 -11.60 -42.56 3.16
CA ARG A 131 -12.37 -42.75 1.93
C ARG A 131 -13.50 -41.73 1.74
N LEU A 132 -13.16 -40.45 1.79
CA LEU A 132 -14.11 -39.39 1.51
C LEU A 132 -14.41 -39.37 0.01
N PRO A 133 -15.62 -38.91 -0.38
CA PRO A 133 -16.11 -38.86 -1.76
C PRO A 133 -15.05 -38.49 -2.80
N SER A 134 -14.96 -39.29 -3.85
CA SER A 134 -13.90 -39.15 -4.86
C SER A 134 -13.99 -37.83 -5.62
N ALA A 135 -15.21 -37.41 -5.96
CA ALA A 135 -15.40 -36.23 -6.80
C ALA A 135 -15.23 -34.92 -6.05
N LEU A 136 -14.64 -34.96 -4.86
CA LEU A 136 -14.46 -33.77 -4.04
C LEU A 136 -13.22 -32.98 -4.48
N GLN A 137 -13.43 -31.73 -4.88
CA GLN A 137 -12.35 -30.86 -5.33
C GLN A 137 -11.95 -29.85 -4.26
N SER A 138 -12.91 -29.46 -3.42
CA SER A 138 -12.66 -28.44 -2.41
C SER A 138 -13.09 -28.90 -1.02
N LEU A 139 -12.19 -28.81 -0.06
CA LEU A 139 -12.48 -29.16 1.32
C LEU A 139 -11.98 -28.08 2.27
N ASP A 140 -12.90 -27.39 2.93
CA ASP A 140 -12.55 -26.34 3.87
C ASP A 140 -12.66 -26.85 5.31
N LEU A 141 -11.60 -26.68 6.09
CA LEU A 141 -11.58 -27.13 7.47
C LEU A 141 -10.92 -26.09 8.38
N PHE A 142 -11.52 -24.91 8.45
CA PHE A 142 -11.02 -23.83 9.28
C PHE A 142 -11.55 -23.91 10.70
N HIS A 143 -10.70 -23.60 11.67
CA HIS A 143 -11.09 -23.53 13.07
C HIS A 143 -11.69 -24.83 13.60
N ASN A 144 -10.93 -25.92 13.51
CA ASN A 144 -11.35 -27.21 14.04
C ASN A 144 -10.40 -27.68 15.14
N LYS A 145 -10.24 -28.98 15.28
CA LYS A 145 -9.35 -29.57 16.27
C LYS A 145 -8.63 -30.79 15.71
N ILE A 146 -8.44 -30.80 14.40
CA ILE A 146 -7.79 -31.91 13.72
C ILE A 146 -6.32 -32.03 14.12
N SER A 147 -5.94 -33.18 14.66
CA SER A 147 -4.59 -33.40 15.16
C SER A 147 -3.74 -34.21 14.18
N CYS A 148 -4.39 -35.08 13.42
CA CYS A 148 -3.70 -35.90 12.44
C CYS A 148 -4.42 -35.90 11.10
N LEU A 149 -3.66 -35.94 10.01
CA LEU A 149 -4.23 -35.89 8.67
C LEU A 149 -4.03 -37.23 7.96
N PRO A 150 -5.11 -37.75 7.35
CA PRO A 150 -5.12 -39.04 6.64
C PRO A 150 -4.06 -39.14 5.55
N GLU A 151 -3.60 -40.36 5.30
CA GLU A 151 -2.54 -40.60 4.32
C GLU A 151 -3.02 -40.43 2.89
N ASN A 152 -4.13 -41.09 2.54
CA ASN A 152 -4.63 -41.05 1.18
C ASN A 152 -5.99 -40.38 1.03
N LEU A 153 -5.97 -39.09 0.73
CA LEU A 153 -7.18 -38.33 0.43
C LEU A 153 -7.44 -38.37 -1.07
N PRO A 154 -8.72 -38.23 -1.49
CA PRO A 154 -9.11 -38.27 -2.91
C PRO A 154 -8.28 -37.35 -3.80
N GLU A 155 -7.90 -37.85 -4.97
CA GLU A 155 -6.98 -37.12 -5.86
C GLU A 155 -7.64 -35.95 -6.60
N GLU A 156 -8.96 -35.91 -6.61
CA GLU A 156 -9.67 -34.83 -7.28
C GLU A 156 -9.60 -33.53 -6.49
N LEU A 157 -9.09 -33.62 -5.26
CA LEU A 157 -8.91 -32.44 -4.42
C LEU A 157 -7.97 -31.43 -5.06
N ARG A 158 -8.42 -30.18 -5.13
CA ARG A 158 -7.61 -29.11 -5.71
C ARG A 158 -7.47 -27.92 -4.76
N TYR A 159 -8.21 -27.97 -3.65
CA TYR A 159 -8.13 -26.91 -2.64
C TYR A 159 -8.33 -27.47 -1.24
N LEU A 160 -7.31 -27.34 -0.41
CA LEU A 160 -7.38 -27.82 0.97
C LEU A 160 -6.97 -26.71 1.92
N SER A 161 -7.77 -26.48 2.95
CA SER A 161 -7.48 -25.44 3.93
C SER A 161 -7.72 -25.93 5.35
N VAL A 162 -6.68 -25.89 6.17
CA VAL A 162 -6.78 -26.31 7.56
C VAL A 162 -6.33 -25.21 8.51
N TYR A 163 -6.88 -24.02 8.33
CA TYR A 163 -6.58 -22.88 9.18
C TYR A 163 -7.00 -23.17 10.62
N ASP A 164 -6.20 -22.69 11.58
CA ASP A 164 -6.48 -22.86 13.00
C ASP A 164 -6.67 -24.33 13.37
N ASN A 165 -5.74 -25.17 12.91
CA ASN A 165 -5.79 -26.60 13.18
C ASN A 165 -4.46 -27.16 13.67
N SER A 166 -4.47 -27.69 14.89
CA SER A 166 -3.27 -28.21 15.53
C SER A 166 -2.81 -29.52 14.92
N ILE A 167 -2.13 -29.45 13.78
CA ILE A 167 -1.58 -30.63 13.13
C ILE A 167 -0.07 -30.73 13.35
N ARG A 168 0.37 -31.83 13.96
CA ARG A 168 1.81 -32.02 14.23
C ARG A 168 2.63 -32.12 12.94
N THR A 169 2.23 -32.99 12.03
CA THR A 169 2.96 -33.20 10.78
C THR A 169 2.02 -33.68 9.67
N LEU A 170 2.27 -33.21 8.45
CA LEU A 170 1.47 -33.62 7.30
C LEU A 170 1.97 -34.94 6.72
N PRO A 171 1.06 -35.71 6.09
CA PRO A 171 1.45 -36.97 5.44
C PRO A 171 2.35 -36.73 4.24
N ALA A 172 3.21 -37.69 3.94
CA ALA A 172 4.19 -37.55 2.86
C ALA A 172 3.52 -37.60 1.48
N HIS A 173 2.42 -38.33 1.38
CA HIS A 173 1.70 -38.44 0.12
C HIS A 173 0.47 -37.54 0.08
N LEU A 174 0.28 -36.87 -1.06
CA LEU A 174 -0.86 -35.98 -1.26
C LEU A 174 -1.41 -36.18 -2.68
N PRO A 175 -2.70 -35.85 -2.89
CA PRO A 175 -3.40 -36.00 -4.18
C PRO A 175 -2.62 -35.52 -5.40
N SER A 176 -1.62 -34.67 -5.21
CA SER A 176 -0.74 -34.22 -6.28
C SER A 176 -1.45 -33.46 -7.39
N GLU A 177 -2.67 -33.03 -7.12
CA GLU A 177 -3.43 -32.23 -8.08
C GLU A 177 -3.96 -30.95 -7.44
N ILE A 178 -3.59 -30.74 -6.18
CA ILE A 178 -3.98 -29.52 -5.48
C ILE A 178 -3.20 -28.33 -6.03
N THR A 179 -3.92 -27.28 -6.39
CA THR A 179 -3.28 -26.07 -6.91
C THR A 179 -3.24 -24.99 -5.84
N HIS A 180 -3.84 -25.27 -4.70
CA HIS A 180 -3.89 -24.32 -3.59
C HIS A 180 -4.00 -25.04 -2.26
N LEU A 181 -2.88 -25.10 -1.54
CA LEU A 181 -2.85 -25.72 -0.22
C LEU A 181 -2.58 -24.68 0.88
N ASN A 182 -3.46 -24.62 1.87
CA ASN A 182 -3.30 -23.74 3.03
C ASN A 182 -3.26 -24.58 4.32
N VAL A 183 -2.17 -24.45 5.08
CA VAL A 183 -2.03 -25.15 6.35
C VAL A 183 -1.82 -24.17 7.50
N GLN A 184 -1.78 -22.88 7.18
CA GLN A 184 -1.63 -21.80 8.18
C GLN A 184 -2.49 -22.04 9.43
N SER A 185 -1.84 -22.50 10.49
CA SER A 185 -2.52 -22.95 11.69
C SER A 185 -1.58 -22.96 12.89
N ASN A 186 -1.27 -24.17 13.35
CA ASN A 186 -0.47 -24.40 14.55
C ASN A 186 0.35 -25.68 14.45
N SER A 187 1.43 -25.76 15.23
CA SER A 187 2.13 -27.02 15.50
C SER A 187 2.85 -27.73 14.35
N LEU A 188 3.49 -26.99 13.45
CA LEU A 188 4.28 -27.63 12.39
C LEU A 188 5.78 -27.52 12.61
N THR A 189 6.44 -28.67 12.75
CA THR A 189 7.88 -28.70 12.97
C THR A 189 8.63 -28.59 11.65
N ALA A 190 8.12 -29.28 10.63
CA ALA A 190 8.75 -29.28 9.31
C ALA A 190 7.76 -29.67 8.21
N LEU A 191 8.22 -29.55 6.97
CA LEU A 191 7.41 -29.90 5.81
C LEU A 191 8.02 -31.08 5.06
N PRO A 192 7.19 -31.94 4.47
CA PRO A 192 7.70 -33.06 3.66
C PRO A 192 8.36 -32.56 2.39
N GLU A 193 9.34 -33.32 1.90
CA GLU A 193 10.05 -32.95 0.69
C GLU A 193 9.35 -33.49 -0.55
N THR A 194 8.18 -34.09 -0.35
CA THR A 194 7.38 -34.62 -1.45
C THR A 194 5.98 -34.01 -1.44
N LEU A 195 5.86 -32.83 -2.03
CA LEU A 195 4.59 -32.12 -2.09
C LEU A 195 4.00 -32.22 -3.50
N PRO A 196 2.68 -32.01 -3.64
CA PRO A 196 1.98 -32.01 -4.94
C PRO A 196 2.70 -31.20 -6.01
N PRO A 197 3.17 -31.88 -7.08
CA PRO A 197 3.88 -31.23 -8.18
C PRO A 197 3.04 -30.19 -8.92
N GLY A 198 1.72 -30.26 -8.76
CA GLY A 198 0.82 -29.33 -9.40
C GLY A 198 0.38 -28.22 -8.46
N LEU A 199 1.16 -27.98 -7.42
CA LEU A 199 0.85 -26.93 -6.45
C LEU A 199 1.40 -25.58 -6.91
N LYS A 200 0.56 -24.55 -6.85
CA LYS A 200 0.96 -23.21 -7.26
C LYS A 200 0.90 -22.22 -6.10
N THR A 201 0.25 -22.62 -5.01
CA THR A 201 0.09 -21.74 -3.86
C THR A 201 0.17 -22.50 -2.54
N LEU A 202 1.04 -22.04 -1.65
CA LEU A 202 1.20 -22.65 -0.34
C LEU A 202 1.18 -21.59 0.75
N GLU A 203 0.43 -21.85 1.82
CA GLU A 203 0.34 -20.93 2.95
C GLU A 203 0.61 -21.66 4.26
N ALA A 204 1.84 -21.57 4.74
CA ALA A 204 2.23 -22.23 5.98
C ALA A 204 2.58 -21.21 7.06
N GLY A 205 1.83 -20.12 7.12
CA GLY A 205 2.09 -19.08 8.10
C GLY A 205 1.70 -19.47 9.50
N GLU A 206 2.14 -18.68 10.47
CA GLU A 206 1.81 -18.86 11.89
C GLU A 206 2.11 -20.26 12.43
N ASN A 207 3.03 -20.97 11.77
CA ASN A 207 3.49 -22.26 12.27
C ASN A 207 4.82 -22.11 13.01
N ALA A 208 5.29 -23.19 13.61
CA ALA A 208 6.52 -23.15 14.38
C ALA A 208 7.63 -24.00 13.76
N LEU A 209 7.79 -23.88 12.45
CA LEU A 209 8.84 -24.62 11.74
C LEU A 209 10.11 -23.79 11.64
N THR A 210 11.24 -24.45 11.41
CA THR A 210 12.53 -23.78 11.43
C THR A 210 13.29 -23.93 10.11
N SER A 211 12.82 -24.81 9.24
CA SER A 211 13.50 -25.04 7.97
C SER A 211 12.52 -25.38 6.85
N LEU A 212 12.94 -25.11 5.61
CA LEU A 212 12.15 -25.48 4.44
C LEU A 212 12.84 -26.58 3.66
N PRO A 213 12.06 -27.57 3.18
CA PRO A 213 12.60 -28.69 2.42
C PRO A 213 13.33 -28.25 1.16
N ALA A 214 14.43 -28.93 0.84
CA ALA A 214 15.22 -28.60 -0.33
C ALA A 214 14.45 -28.85 -1.61
N SER A 215 13.50 -29.79 -1.55
CA SER A 215 12.68 -30.13 -2.70
C SER A 215 11.25 -29.61 -2.52
N LEU A 216 10.82 -28.76 -3.46
CA LEU A 216 9.48 -28.20 -3.44
C LEU A 216 8.88 -28.29 -4.84
N PRO A 217 7.53 -28.22 -4.95
CA PRO A 217 6.85 -28.27 -6.24
C PRO A 217 7.46 -27.30 -7.26
N PRO A 218 7.84 -27.81 -8.44
CA PRO A 218 8.50 -27.03 -9.49
C PRO A 218 7.54 -26.08 -10.19
N GLU A 219 6.28 -26.11 -9.81
CA GLU A 219 5.28 -25.23 -10.41
C GLU A 219 4.77 -24.21 -9.39
N LEU A 220 5.38 -24.22 -8.20
CA LEU A 220 4.96 -23.34 -7.12
C LEU A 220 5.15 -21.86 -7.47
N GLN A 221 4.11 -21.07 -7.24
CA GLN A 221 4.15 -19.65 -7.57
C GLN A 221 4.06 -18.78 -6.31
N VAL A 222 3.21 -19.17 -5.38
CA VAL A 222 3.02 -18.41 -4.16
C VAL A 222 3.37 -19.23 -2.92
N LEU A 223 4.34 -18.74 -2.16
CA LEU A 223 4.78 -19.42 -0.93
C LEU A 223 4.81 -18.45 0.24
N ASP A 224 3.92 -18.65 1.20
CA ASP A 224 3.84 -17.79 2.38
C ASP A 224 4.24 -18.53 3.63
N VAL A 225 5.45 -18.24 4.14
CA VAL A 225 5.92 -18.83 5.37
C VAL A 225 6.24 -17.75 6.40
N SER A 226 5.24 -16.92 6.70
CA SER A 226 5.40 -15.85 7.67
C SER A 226 5.15 -16.36 9.08
N LYS A 227 5.65 -15.61 10.06
CA LYS A 227 5.46 -15.95 11.48
C LYS A 227 5.93 -17.35 11.84
N ASN A 228 7.19 -17.65 11.54
CA ASN A 228 7.78 -18.95 11.87
C ASN A 228 9.10 -18.80 12.61
N GLN A 229 10.00 -19.76 12.42
CA GLN A 229 11.31 -19.74 13.05
C GLN A 229 12.42 -20.13 12.07
N ILE A 230 12.23 -19.78 10.80
CA ILE A 230 13.21 -20.12 9.78
C ILE A 230 14.45 -19.24 9.91
N THR A 231 15.63 -19.86 9.80
CA THR A 231 16.88 -19.13 9.87
C THR A 231 17.48 -18.94 8.47
N VAL A 232 17.44 -20.01 7.67
CA VAL A 232 18.02 -19.99 6.34
C VAL A 232 17.06 -20.57 5.29
N LEU A 233 16.86 -19.84 4.20
CA LEU A 233 16.08 -20.34 3.08
C LEU A 233 16.95 -21.21 2.19
N PRO A 234 16.39 -22.34 1.71
CA PRO A 234 17.13 -23.30 0.87
C PRO A 234 17.57 -22.67 -0.45
N GLU A 235 18.71 -23.13 -0.96
CA GLU A 235 19.26 -22.59 -2.20
C GLU A 235 18.64 -23.27 -3.42
N THR A 236 17.85 -24.32 -3.17
CA THR A 236 17.16 -25.03 -4.23
C THR A 236 15.68 -24.66 -4.24
N LEU A 237 15.39 -23.42 -4.61
CA LEU A 237 14.02 -22.90 -4.59
C LEU A 237 13.42 -22.93 -6.00
N PRO A 238 12.13 -23.25 -6.10
CA PRO A 238 11.41 -23.31 -7.38
C PRO A 238 11.50 -21.99 -8.14
N PRO A 239 11.95 -22.05 -9.41
CA PRO A 239 12.12 -20.86 -10.26
C PRO A 239 10.80 -20.19 -10.63
N THR A 240 9.68 -20.85 -10.36
CA THR A 240 8.37 -20.32 -10.73
C THR A 240 7.79 -19.42 -9.64
N ILE A 241 8.44 -19.39 -8.48
CA ILE A 241 7.97 -18.58 -7.35
C ILE A 241 7.99 -17.09 -7.69
N THR A 242 6.84 -16.44 -7.51
CA THR A 242 6.71 -15.02 -7.80
C THR A 242 6.58 -14.19 -6.53
N THR A 243 5.80 -14.71 -5.57
CA THR A 243 5.60 -14.02 -4.30
C THR A 243 6.04 -14.89 -3.14
N LEU A 244 7.05 -14.41 -2.40
CA LEU A 244 7.57 -15.14 -1.25
C LEU A 244 7.52 -14.28 0.01
N ASP A 245 6.84 -14.77 1.03
CA ASP A 245 6.70 -14.03 2.28
C ASP A 245 7.35 -14.78 3.44
N VAL A 246 8.49 -14.29 3.90
CA VAL A 246 9.21 -14.88 5.02
C VAL A 246 9.31 -13.90 6.18
N SER A 247 8.31 -13.04 6.31
CA SER A 247 8.27 -12.04 7.37
C SER A 247 8.08 -12.69 8.74
N ARG A 248 8.33 -11.91 9.79
CA ARG A 248 8.11 -12.35 11.17
C ARG A 248 8.87 -13.62 11.51
N ASN A 249 10.10 -13.73 11.00
CA ASN A 249 10.93 -14.90 11.26
C ASN A 249 12.23 -14.54 11.97
N ALA A 250 13.14 -15.50 12.03
CA ALA A 250 14.47 -15.28 12.60
C ALA A 250 15.51 -15.50 11.51
N LEU A 251 15.26 -14.92 10.34
CA LEU A 251 16.13 -15.10 9.18
C LEU A 251 17.47 -14.40 9.37
N THR A 252 18.56 -15.17 9.30
CA THR A 252 19.89 -14.62 9.48
C THR A 252 20.45 -14.08 8.17
N ASN A 253 20.36 -14.89 7.12
CA ASN A 253 20.81 -14.48 5.79
C ASN A 253 19.72 -14.64 4.74
N LEU A 254 20.05 -14.32 3.50
CA LEU A 254 19.13 -14.51 2.37
C LEU A 254 19.83 -15.33 1.29
N PRO A 255 19.08 -16.16 0.56
CA PRO A 255 19.68 -17.07 -0.43
C PRO A 255 20.42 -16.35 -1.54
N GLU A 256 21.54 -16.93 -1.97
CA GLU A 256 22.32 -16.39 -3.07
C GLU A 256 21.57 -16.59 -4.38
N ASN A 257 20.79 -17.67 -4.44
CA ASN A 257 19.99 -17.99 -5.62
C ASN A 257 18.52 -17.73 -5.41
N LEU A 258 18.08 -16.51 -5.72
CA LEU A 258 16.67 -16.17 -5.64
C LEU A 258 15.92 -16.81 -6.81
N PRO A 259 14.63 -17.10 -6.62
CA PRO A 259 13.78 -17.67 -7.68
C PRO A 259 13.85 -16.86 -8.97
N ALA A 260 13.88 -17.55 -10.10
CA ALA A 260 14.05 -16.90 -11.40
C ALA A 260 12.95 -15.90 -11.70
N ALA A 261 11.70 -16.30 -11.49
CA ALA A 261 10.56 -15.45 -11.79
C ALA A 261 10.05 -14.76 -10.52
N LEU A 262 10.97 -14.33 -9.66
CA LEU A 262 10.61 -13.64 -8.43
C LEU A 262 10.06 -12.26 -8.75
N GLN A 263 8.94 -11.91 -8.13
CA GLN A 263 8.33 -10.60 -8.32
C GLN A 263 8.48 -9.75 -7.07
N ILE A 264 8.08 -10.30 -5.93
CA ILE A 264 8.15 -9.58 -4.67
C ILE A 264 8.52 -10.52 -3.51
N MET A 265 9.38 -10.03 -2.62
CA MET A 265 9.78 -10.81 -1.45
C MET A 265 9.61 -10.00 -0.16
N GLN A 266 8.65 -10.41 0.66
CA GLN A 266 8.41 -9.77 1.94
C GLN A 266 9.25 -10.42 3.03
N ALA A 267 10.43 -9.84 3.30
CA ALA A 267 11.36 -10.42 4.27
C ALA A 267 11.63 -9.48 5.44
N SER A 268 10.57 -8.89 5.97
CA SER A 268 10.69 -7.97 7.10
C SER A 268 10.69 -8.71 8.43
N ARG A 269 10.85 -7.96 9.52
CA ARG A 269 10.86 -8.53 10.87
C ARG A 269 11.83 -9.70 11.04
N ASN A 270 13.02 -9.57 10.45
CA ASN A 270 14.03 -10.61 10.55
C ASN A 270 15.32 -10.12 11.21
N ASN A 271 16.31 -11.00 11.29
CA ASN A 271 17.59 -10.66 11.89
C ASN A 271 18.73 -10.64 10.87
N LEU A 272 18.45 -10.08 9.69
CA LEU A 272 19.47 -9.91 8.68
C LEU A 272 20.44 -8.80 9.10
N VAL A 273 21.73 -9.02 8.87
CA VAL A 273 22.74 -8.00 9.13
C VAL A 273 23.35 -7.54 7.81
N ARG A 274 23.50 -8.48 6.89
CA ARG A 274 23.94 -8.16 5.54
C ARG A 274 23.24 -9.05 4.53
N LEU A 275 22.80 -8.46 3.41
CA LEU A 275 22.13 -9.22 2.38
C LEU A 275 23.15 -9.73 1.35
N PRO A 276 22.84 -10.85 0.67
CA PRO A 276 23.82 -11.57 -0.16
C PRO A 276 24.49 -10.73 -1.25
N GLU A 277 25.69 -11.17 -1.64
CA GLU A 277 26.46 -10.50 -2.69
C GLU A 277 25.87 -10.79 -4.05
N SER A 278 25.00 -11.79 -4.11
CA SER A 278 24.40 -12.20 -5.37
C SER A 278 23.15 -11.40 -5.72
N LEU A 279 23.19 -10.10 -5.42
CA LEU A 279 22.17 -9.20 -5.97
C LEU A 279 22.72 -8.17 -6.97
N PRO A 280 23.49 -8.62 -8.00
CA PRO A 280 23.83 -7.66 -9.04
C PRO A 280 23.05 -7.96 -10.32
N HIS A 281 22.41 -6.95 -10.88
CA HIS A 281 21.59 -7.15 -12.08
C HIS A 281 20.45 -8.13 -11.80
N PHE A 282 20.80 -9.32 -11.27
CA PHE A 282 19.84 -10.38 -10.96
C PHE A 282 19.17 -10.59 -12.32
N ARG A 283 17.85 -10.56 -12.37
CA ARG A 283 17.12 -10.58 -13.62
C ARG A 283 15.73 -10.06 -13.37
N GLY A 284 15.28 -9.16 -14.22
CA GLY A 284 13.87 -8.80 -14.26
C GLY A 284 13.11 -9.74 -15.16
N GLU A 285 12.82 -10.95 -14.67
CA GLU A 285 12.06 -11.92 -15.44
C GLU A 285 10.59 -11.51 -15.49
N GLY A 286 10.16 -10.71 -14.52
CA GLY A 286 8.79 -10.23 -14.46
C GLY A 286 8.61 -8.84 -15.07
N PRO A 287 7.38 -8.51 -15.49
CA PRO A 287 7.08 -7.21 -16.10
C PRO A 287 7.22 -6.09 -15.07
N GLN A 288 6.79 -6.40 -13.85
CA GLN A 288 6.94 -5.52 -12.71
C GLN A 288 8.33 -5.70 -12.13
N PRO A 289 9.04 -4.58 -11.89
CA PRO A 289 10.38 -4.58 -11.31
C PRO A 289 10.40 -5.34 -9.98
N THR A 290 11.34 -6.27 -9.85
CA THR A 290 11.46 -7.10 -8.65
C THR A 290 11.75 -6.25 -7.42
N ARG A 291 10.88 -6.34 -6.42
CA ARG A 291 11.04 -5.57 -5.20
C ARG A 291 11.19 -6.47 -3.98
N ILE A 292 12.18 -6.17 -3.14
CA ILE A 292 12.43 -6.94 -1.93
C ILE A 292 12.31 -6.06 -0.69
N ILE A 293 11.28 -6.29 0.11
CA ILE A 293 11.02 -5.50 1.30
C ILE A 293 11.68 -6.14 2.53
N VAL A 294 12.61 -5.42 3.14
CA VAL A 294 13.36 -5.94 4.28
C VAL A 294 13.38 -4.98 5.48
N GLU A 295 12.20 -4.50 5.86
CA GLU A 295 12.08 -3.58 6.98
C GLU A 295 12.39 -4.22 8.32
N TYR A 296 12.68 -3.38 9.31
CA TYR A 296 12.88 -3.81 10.69
C TYR A 296 13.98 -4.87 10.89
N ASN A 297 15.08 -4.72 10.15
CA ASN A 297 16.21 -5.63 10.29
C ASN A 297 17.49 -4.89 10.67
N PRO A 298 18.23 -5.41 11.66
CA PRO A 298 19.48 -4.79 12.13
C PRO A 298 20.59 -4.90 11.10
N PHE A 299 20.57 -4.03 10.10
CA PHE A 299 21.56 -4.07 9.02
C PHE A 299 22.85 -3.36 9.37
N SER A 300 23.90 -3.65 8.61
CA SER A 300 25.18 -2.96 8.75
C SER A 300 25.14 -1.68 7.92
N GLU A 301 25.84 -0.65 8.40
CA GLU A 301 25.86 0.64 7.71
C GLU A 301 26.46 0.52 6.32
N ARG A 302 27.37 -0.44 6.15
CA ARG A 302 27.98 -0.70 4.84
C ARG A 302 26.95 -1.24 3.86
N THR A 303 26.04 -2.07 4.35
CA THR A 303 25.01 -2.67 3.51
C THR A 303 23.97 -1.64 3.06
N ILE A 304 23.40 -0.93 4.02
CA ILE A 304 22.38 0.09 3.73
C ILE A 304 22.93 1.15 2.79
N GLN A 305 24.15 1.60 3.03
CA GLN A 305 24.79 2.61 2.20
C GLN A 305 24.99 2.14 0.76
N ASN A 306 25.75 1.06 0.60
CA ASN A 306 26.09 0.54 -0.73
C ASN A 306 24.89 0.14 -1.58
N MET A 307 23.87 -0.44 -0.95
CA MET A 307 22.66 -0.81 -1.66
C MET A 307 21.85 0.44 -2.06
N GLN A 308 21.89 1.45 -1.21
CA GLN A 308 21.23 2.72 -1.52
C GLN A 308 21.97 3.44 -2.63
N ARG A 309 23.30 3.38 -2.60
CA ARG A 309 24.12 3.98 -3.65
C ARG A 309 23.91 3.27 -4.98
N LEU A 310 23.57 1.99 -4.91
CA LEU A 310 23.24 1.22 -6.10
C LEU A 310 21.93 1.69 -6.70
N MET A 311 20.90 1.77 -5.87
CA MET A 311 19.57 2.16 -6.32
C MET A 311 19.51 3.63 -6.73
N SER A 312 20.38 4.45 -6.17
CA SER A 312 20.43 5.87 -6.51
C SER A 312 20.92 6.09 -7.93
N SER A 313 21.87 5.26 -8.35
CA SER A 313 22.42 5.35 -9.70
C SER A 313 21.48 4.72 -10.72
N VAL A 314 21.32 5.39 -11.86
CA VAL A 314 20.40 4.93 -12.89
C VAL A 314 20.97 3.76 -13.71
N ASP A 315 22.24 3.44 -13.47
CA ASP A 315 22.87 2.31 -14.14
C ASP A 315 22.44 0.98 -13.53
N TYR A 316 21.74 1.07 -12.40
CA TYR A 316 21.28 -0.11 -11.67
C TYR A 316 20.20 -0.84 -12.45
N GLN A 317 20.30 -2.17 -12.48
CA GLN A 317 19.35 -2.99 -13.22
C GLN A 317 18.88 -4.17 -12.37
N GLY A 318 19.30 -4.19 -11.11
CA GLY A 318 18.94 -5.26 -10.20
C GLY A 318 17.60 -5.04 -9.53
N PRO A 319 17.33 -5.80 -8.46
CA PRO A 319 16.07 -5.70 -7.71
C PRO A 319 16.04 -4.49 -6.79
N ARG A 320 14.84 -3.94 -6.57
CA ARG A 320 14.69 -2.78 -5.70
C ARG A 320 14.53 -3.20 -4.24
N VAL A 321 15.56 -2.93 -3.44
CA VAL A 321 15.55 -3.31 -2.03
C VAL A 321 14.96 -2.19 -1.16
N LEU A 322 13.93 -2.51 -0.40
CA LEU A 322 13.26 -1.53 0.45
C LEU A 322 13.66 -1.68 1.91
N PHE A 323 14.44 -0.71 2.41
CA PHE A 323 14.85 -0.71 3.81
C PHE A 323 13.80 -0.04 4.68
N ALA A 324 13.19 1.02 4.17
CA ALA A 324 12.14 1.75 4.89
C ALA A 324 10.86 1.79 4.06
N MET A 325 10.05 2.81 4.27
CA MET A 325 8.77 2.93 3.56
C MET A 325 8.82 3.44 2.10
N GLY A 326 9.43 4.61 1.82
CA GLY A 326 10.07 5.47 2.79
C GLY A 326 11.48 5.88 2.41
N ASP A 327 11.63 7.10 1.90
CA ASP A 327 12.96 7.63 1.58
C ASP A 327 13.63 8.14 2.84
N PHE A 328 14.94 7.94 2.93
CA PHE A 328 15.65 8.27 4.16
C PHE A 328 17.11 8.68 3.93
N SER A 329 17.76 9.06 5.03
CA SER A 329 19.19 9.38 5.00
C SER A 329 19.87 8.85 6.26
N ILE A 330 20.92 8.06 6.06
CA ILE A 330 21.64 7.44 7.17
C ILE A 330 22.33 8.49 8.03
N VAL A 331 22.18 8.39 9.35
CA VAL A 331 22.83 9.32 10.26
C VAL A 331 23.98 8.66 11.02
N ARG A 332 25.09 9.37 11.11
CA ARG A 332 26.27 8.89 11.81
C ARG A 332 26.37 9.58 13.17
N VAL A 333 26.00 8.86 14.22
CA VAL A 333 26.04 9.42 15.57
C VAL A 333 26.82 8.53 16.53
N THR A 334 27.80 9.12 17.21
CA THR A 334 28.62 8.37 18.15
C THR A 334 28.04 8.42 19.56
N ARG A 335 27.57 7.27 20.03
CA ARG A 335 27.03 7.15 21.39
C ARG A 335 28.17 7.19 22.41
N PRO A 336 27.86 7.59 23.65
CA PRO A 336 28.88 7.63 24.72
C PRO A 336 29.57 6.29 24.91
N LEU A 337 30.85 6.34 25.27
CA LEU A 337 31.69 5.14 25.36
C LEU A 337 31.20 4.14 26.42
N HIS A 338 30.67 4.66 27.53
CA HIS A 338 30.19 3.79 28.60
C HIS A 338 29.02 2.94 28.14
N GLN A 339 28.36 3.39 27.08
CA GLN A 339 27.27 2.63 26.48
C GLN A 339 27.80 1.68 25.41
N ALA A 340 28.88 2.10 24.75
CA ALA A 340 29.46 1.34 23.64
C ALA A 340 30.20 0.09 24.12
N VAL A 341 30.67 0.12 25.36
CA VAL A 341 31.42 -0.99 25.93
C VAL A 341 30.49 -2.10 26.42
N GLN A 342 29.32 -1.71 26.92
CA GLN A 342 28.35 -2.67 27.41
C GLN A 342 27.79 -3.54 26.28
N GLY A 343 28.00 -3.11 25.05
CA GLY A 343 27.59 -3.87 23.89
C GLY A 343 28.47 -5.09 23.66
N TRP A 344 29.65 -5.08 24.26
CA TRP A 344 30.58 -6.20 24.13
C TRP A 344 30.53 -7.11 25.35
N LEU A 345 30.56 -6.53 26.54
CA LEU A 345 30.44 -7.31 27.77
C LEU A 345 29.02 -7.31 28.31
N THR A 346 28.48 -8.50 28.58
CA THR A 346 27.10 -8.65 29.01
C THR A 346 26.94 -8.38 30.50
N SER A 347 28.00 -8.64 31.26
CA SER A 347 27.99 -8.44 32.71
C SER A 347 27.71 -6.99 33.08
N LEU A 348 26.62 -6.77 33.81
CA LEU A 348 26.24 -5.43 34.23
C LEU A 348 26.53 -5.18 35.71
N GLU A 349 27.37 -4.19 35.98
CA GLU A 349 27.66 -3.79 37.36
C GLU A 349 28.05 -2.31 37.40
N GLU A 350 27.66 -1.63 38.47
CA GLU A 350 27.89 -0.19 38.60
C GLU A 350 29.37 0.13 38.70
N GLU A 351 30.16 -0.81 39.23
CA GLU A 351 31.58 -0.60 39.44
C GLU A 351 32.36 -0.51 38.12
N ASP A 352 32.02 -1.37 37.17
CA ASP A 352 32.74 -1.44 35.91
C ASP A 352 32.48 -0.23 35.02
N VAL A 353 31.21 0.19 34.94
CA VAL A 353 30.81 1.29 34.08
C VAL A 353 31.47 2.62 34.48
N ASN A 354 31.64 2.82 35.78
CA ASN A 354 32.22 4.06 36.29
C ASN A 354 33.64 4.31 35.79
N GLN A 355 34.42 3.24 35.63
CA GLN A 355 35.79 3.36 35.14
C GLN A 355 35.82 3.76 33.68
N TRP A 356 34.87 3.25 32.90
CA TRP A 356 34.81 3.54 31.48
C TRP A 356 34.44 5.00 31.20
N ARG A 357 33.77 5.63 32.15
CA ARG A 357 33.49 7.07 32.04
C ARG A 357 34.77 7.87 32.28
N ALA A 358 35.60 7.36 33.18
CA ALA A 358 36.90 7.98 33.45
C ALA A 358 37.83 7.75 32.26
N PHE A 359 37.58 6.66 31.52
CA PHE A 359 38.34 6.36 30.32
C PHE A 359 37.81 7.19 29.16
N GLU A 360 36.62 7.76 29.36
CA GLU A 360 35.97 8.56 28.33
C GLU A 360 36.39 10.02 28.49
N ALA A 361 37.00 10.34 29.62
CA ALA A 361 37.43 11.70 29.90
C ALA A 361 38.68 12.07 29.11
N GLU A 362 39.61 11.14 29.01
CA GLU A 362 40.87 11.39 28.29
C GLU A 362 40.64 11.53 26.79
N ALA A 363 41.62 12.10 26.11
CA ALA A 363 41.52 12.38 24.68
C ALA A 363 41.44 11.09 23.84
N ASN A 364 40.95 11.22 22.62
CA ASN A 364 40.80 10.10 21.69
C ASN A 364 39.92 8.97 22.22
N ALA A 365 39.02 9.30 23.13
CA ALA A 365 38.11 8.32 23.70
C ALA A 365 36.91 8.13 22.80
N ALA A 366 36.46 9.21 22.17
CA ALA A 366 35.33 9.16 21.25
C ALA A 366 35.69 8.36 20.00
N ALA A 367 36.98 8.36 19.65
CA ALA A 367 37.47 7.63 18.49
C ALA A 367 37.36 6.13 18.71
N PHE A 368 37.70 5.68 19.92
CA PHE A 368 37.63 4.27 20.27
C PHE A 368 36.18 3.85 20.51
N SER A 369 35.35 4.79 20.95
CA SER A 369 33.94 4.54 21.16
C SER A 369 33.25 4.25 19.84
N GLY A 370 33.65 4.98 18.80
CA GLY A 370 33.12 4.77 17.47
C GLY A 370 33.74 3.54 16.83
N PHE A 371 34.91 3.17 17.30
CA PHE A 371 35.60 1.99 16.79
C PHE A 371 34.88 0.71 17.18
N LEU A 372 34.44 0.65 18.42
CA LEU A 372 33.75 -0.54 18.93
C LEU A 372 32.44 -0.79 18.20
N ASP A 373 31.70 0.28 17.93
CA ASP A 373 30.41 0.16 17.25
C ASP A 373 30.57 -0.25 15.80
N TYR A 374 31.55 0.35 15.12
CA TYR A 374 31.82 0.02 13.72
C TYR A 374 32.48 -1.35 13.57
N LEU A 375 32.99 -1.89 14.67
CA LEU A 375 33.59 -3.21 14.66
C LEU A 375 32.52 -4.28 14.82
N GLY A 376 31.58 -4.04 15.72
CA GLY A 376 30.50 -4.98 15.97
C GLY A 376 29.29 -4.75 15.09
N ASP A 377 29.48 -3.99 14.01
CA ASP A 377 28.39 -3.70 13.08
C ASP A 377 28.47 -4.61 11.87
N THR A 378 28.80 -5.87 12.09
CA THR A 378 28.79 -6.86 11.02
C THR A 378 27.99 -8.06 11.49
N GLN A 379 28.12 -9.18 10.79
CA GLN A 379 27.40 -10.39 11.17
C GLN A 379 28.30 -11.33 11.98
N ASN A 380 29.52 -11.54 11.50
CA ASN A 380 30.44 -12.47 12.12
C ASN A 380 31.07 -11.95 13.41
N THR A 381 31.06 -10.63 13.58
CA THR A 381 31.63 -10.03 14.79
C THR A 381 30.61 -9.95 15.91
N ARG A 382 29.38 -10.34 15.63
CA ARG A 382 28.35 -10.41 16.64
C ARG A 382 28.33 -11.80 17.28
N HIS A 383 29.17 -12.69 16.76
CA HIS A 383 29.25 -14.06 17.25
C HIS A 383 29.76 -14.07 18.68
N PRO A 384 29.11 -14.88 19.54
CA PRO A 384 29.43 -14.95 20.97
C PRO A 384 30.88 -15.33 21.26
N ASP A 385 31.44 -16.22 20.45
CA ASP A 385 32.82 -16.66 20.64
C ASP A 385 33.81 -15.53 20.37
N PHE A 386 33.51 -14.69 19.39
CA PHE A 386 34.36 -13.55 19.08
C PHE A 386 34.10 -12.40 20.04
N LYS A 387 32.86 -12.30 20.53
CA LYS A 387 32.50 -11.26 21.47
C LYS A 387 33.15 -11.51 22.83
N GLU A 388 33.44 -12.79 23.09
CA GLU A 388 34.02 -13.19 24.37
C GLU A 388 35.47 -12.72 24.50
N GLN A 389 36.25 -12.88 23.43
CA GLN A 389 37.66 -12.49 23.45
C GLN A 389 37.83 -10.98 23.42
N VAL A 390 36.90 -10.28 22.77
CA VAL A 390 36.90 -8.83 22.76
C VAL A 390 36.61 -8.32 24.17
N SER A 391 35.69 -9.01 24.85
CA SER A 391 35.34 -8.67 26.22
C SER A 391 36.55 -8.82 27.13
N ALA A 392 37.33 -9.87 26.91
CA ALA A 392 38.54 -10.11 27.68
C ALA A 392 39.59 -9.05 27.36
N TRP A 393 39.67 -8.66 26.10
CA TRP A 393 40.62 -7.64 25.66
C TRP A 393 40.27 -6.26 26.21
N LEU A 394 38.98 -6.05 26.51
CA LEU A 394 38.53 -4.80 27.10
C LEU A 394 38.87 -4.74 28.58
N MET A 395 38.84 -5.89 29.24
CA MET A 395 39.22 -5.97 30.65
C MET A 395 40.72 -5.75 30.79
N ARG A 396 41.46 -6.06 29.74
CA ARG A 396 42.90 -5.82 29.69
C ARG A 396 43.19 -4.32 29.68
N LEU A 397 42.31 -3.57 29.01
CA LEU A 397 42.46 -2.12 28.90
C LEU A 397 41.84 -1.41 30.11
N ALA A 398 41.07 -2.14 30.89
CA ALA A 398 40.34 -1.57 32.01
C ALA A 398 41.27 -1.26 33.19
N GLU A 399 42.40 -1.97 33.26
CA GLU A 399 43.33 -1.78 34.37
C GLU A 399 44.68 -1.26 33.89
N ASP A 400 45.11 -1.71 32.72
CA ASP A 400 46.38 -1.25 32.15
C ASP A 400 46.21 0.13 31.52
N SER A 401 46.50 1.15 32.31
CA SER A 401 46.30 2.54 31.89
C SER A 401 47.18 2.94 30.73
N ALA A 402 48.33 2.27 30.60
CA ALA A 402 49.29 2.61 29.56
C ALA A 402 48.84 2.10 28.19
N LEU A 403 48.34 0.88 28.14
CA LEU A 403 47.89 0.29 26.89
C LEU A 403 46.58 0.91 26.42
N ARG A 404 45.77 1.36 27.37
CA ARG A 404 44.49 1.99 27.05
C ARG A 404 44.70 3.35 26.37
N GLU A 405 45.81 4.00 26.71
CA GLU A 405 46.11 5.31 26.16
C GLU A 405 46.61 5.21 24.72
N THR A 406 47.38 4.16 24.43
CA THR A 406 47.99 4.01 23.11
C THR A 406 47.02 3.45 22.07
N VAL A 407 46.01 2.73 22.52
CA VAL A 407 45.01 2.17 21.59
C VAL A 407 44.01 3.24 21.17
N PHE A 408 43.84 4.27 22.00
CA PHE A 408 42.97 5.38 21.67
C PHE A 408 43.62 6.22 20.58
N ILE A 409 44.93 6.34 20.64
CA ILE A 409 45.71 7.06 19.62
C ILE A 409 45.59 6.33 18.28
N ILE A 410 45.63 5.01 18.34
CA ILE A 410 45.49 4.20 17.13
C ILE A 410 44.08 4.32 16.56
N ALA A 411 43.08 4.34 17.44
CA ALA A 411 41.70 4.50 17.02
C ALA A 411 41.47 5.91 16.47
N MET A 412 42.24 6.87 16.95
CA MET A 412 42.15 8.24 16.48
C MET A 412 42.69 8.35 15.06
N ASN A 413 43.80 7.67 14.80
CA ASN A 413 44.42 7.69 13.48
C ASN A 413 43.61 6.91 12.46
N ALA A 414 42.70 6.08 12.94
CA ALA A 414 41.85 5.26 12.06
C ALA A 414 40.80 6.11 11.36
N THR A 415 40.34 7.15 12.04
CA THR A 415 39.32 8.04 11.49
C THR A 415 39.88 8.91 10.38
N ILE A 416 41.12 9.38 10.56
CA ILE A 416 41.77 10.25 9.59
C ILE A 416 42.25 9.45 8.37
N SER A 417 42.84 8.28 8.63
CA SER A 417 43.35 7.43 7.56
C SER A 417 42.25 7.00 6.59
N CYS A 418 42.22 7.65 5.43
CA CYS A 418 41.23 7.37 4.40
C CYS A 418 39.79 7.49 4.92
N GLU A 419 39.00 6.45 4.74
CA GLU A 419 37.61 6.46 5.18
C GLU A 419 37.29 5.28 6.10
N ASP A 420 37.35 4.07 5.56
CA ASP A 420 36.97 2.88 6.30
C ASP A 420 38.10 1.86 6.43
N ARG A 421 38.90 2.00 7.48
CA ARG A 421 39.96 1.04 7.78
C ARG A 421 39.87 0.58 9.23
N VAL A 422 38.75 -0.05 9.58
CA VAL A 422 38.53 -0.53 10.93
C VAL A 422 39.34 -1.81 11.19
N THR A 423 39.56 -2.60 10.15
CA THR A 423 40.28 -3.86 10.26
C THR A 423 41.72 -3.64 10.68
N LEU A 424 42.41 -2.77 9.93
CA LEU A 424 43.81 -2.45 10.21
C LEU A 424 43.95 -1.82 11.59
N ALA A 425 42.98 -1.00 11.95
CA ALA A 425 42.96 -0.36 13.26
C ALA A 425 42.90 -1.40 14.38
N TYR A 426 42.10 -2.45 14.17
CA TYR A 426 41.97 -3.52 15.14
C TYR A 426 43.25 -4.32 15.25
N HIS A 427 43.99 -4.40 14.15
CA HIS A 427 45.24 -5.15 14.11
C HIS A 427 46.38 -4.42 14.81
N GLN A 428 46.45 -3.10 14.60
CA GLN A 428 47.50 -2.28 15.18
C GLN A 428 47.45 -2.27 16.70
N MET A 429 46.25 -2.21 17.25
CA MET A 429 46.08 -2.17 18.70
C MET A 429 46.30 -3.53 19.35
N GLN A 430 46.07 -4.59 18.57
CA GLN A 430 46.35 -5.94 19.04
C GLN A 430 47.85 -6.17 19.01
N GLU A 431 48.51 -5.55 18.03
CA GLU A 431 49.96 -5.62 17.89
C GLU A 431 50.61 -4.77 18.97
N ALA A 432 49.91 -3.72 19.39
CA ALA A 432 50.43 -2.80 20.39
C ALA A 432 50.53 -3.43 21.77
N THR A 433 49.86 -4.56 21.96
CA THR A 433 49.92 -5.29 23.22
C THR A 433 51.32 -5.87 23.43
N LEU A 434 51.91 -6.36 22.34
CA LEU A 434 53.28 -6.88 22.39
C LEU A 434 54.29 -5.76 22.63
N VAL A 435 53.95 -4.56 22.19
CA VAL A 435 54.83 -3.41 22.37
C VAL A 435 54.93 -3.01 23.85
N HIS A 436 53.80 -3.00 24.53
CA HIS A 436 53.77 -2.63 25.95
C HIS A 436 54.29 -3.75 26.84
N ASP A 437 54.28 -4.98 26.32
CA ASP A 437 54.85 -6.11 27.03
C ASP A 437 56.38 -6.08 26.96
N ALA A 438 56.90 -5.48 25.91
CA ALA A 438 58.35 -5.37 25.71
C ALA A 438 58.92 -4.18 26.47
N GLU A 439 58.15 -3.11 26.57
CA GLU A 439 58.57 -1.91 27.29
C GLU A 439 58.71 -2.21 28.78
N ARG A 440 57.77 -2.99 29.32
CA ARG A 440 57.83 -3.41 30.72
C ARG A 440 58.87 -4.51 30.89
N GLY A 441 59.17 -5.20 29.81
CA GLY A 441 60.21 -6.20 29.81
C GLY A 441 59.76 -7.60 30.13
N ALA A 442 58.64 -8.01 29.55
CA ALA A 442 58.16 -9.38 29.71
C ALA A 442 59.05 -10.32 28.91
N PHE A 443 59.69 -9.77 27.88
CA PHE A 443 60.60 -10.53 27.04
C PHE A 443 62.04 -10.30 27.45
N ASP A 444 62.57 -11.21 28.28
CA ASP A 444 63.97 -11.16 28.67
C ASP A 444 64.60 -12.53 28.44
N SER A 445 65.54 -12.57 27.49
CA SER A 445 66.18 -13.81 27.06
C SER A 445 65.17 -14.83 26.49
N HIS A 446 63.94 -14.37 26.29
CA HIS A 446 62.91 -15.17 25.66
C HIS A 446 62.79 -14.75 24.21
N LEU A 447 63.92 -14.36 23.62
CA LEU A 447 63.98 -13.93 22.23
C LEU A 447 63.52 -15.06 21.31
N ALA A 448 63.82 -16.29 21.72
CA ALA A 448 63.42 -17.47 21.00
C ALA A 448 61.91 -17.64 21.01
N GLU A 449 61.28 -17.09 22.04
CA GLU A 449 59.84 -17.24 22.24
C GLU A 449 59.06 -16.14 21.54
N LEU A 450 59.65 -14.95 21.45
CA LEU A 450 58.98 -13.81 20.82
C LEU A 450 59.11 -13.85 19.30
N ILE A 451 60.09 -14.59 18.81
CA ILE A 451 60.27 -14.79 17.37
C ILE A 451 59.04 -15.50 16.80
N MET A 452 58.60 -16.54 17.49
CA MET A 452 57.41 -17.28 17.10
C MET A 452 56.18 -16.38 17.18
N ALA A 453 56.17 -15.48 18.16
CA ALA A 453 55.10 -14.50 18.30
C ALA A 453 55.19 -13.48 17.17
N GLY A 454 56.40 -13.23 16.69
CA GLY A 454 56.63 -12.30 15.61
C GLY A 454 56.24 -12.89 14.27
N ARG A 455 56.33 -14.20 14.15
CA ARG A 455 55.96 -14.89 12.93
C ARG A 455 54.45 -14.84 12.73
N GLU A 456 53.71 -15.04 13.81
CA GLU A 456 52.25 -15.04 13.74
C GLU A 456 51.71 -13.66 13.34
N ILE A 457 52.22 -12.62 13.99
CA ILE A 457 51.79 -11.26 13.69
C ILE A 457 52.15 -10.86 12.26
N PHE A 458 53.26 -11.41 11.76
CA PHE A 458 53.67 -11.17 10.38
C PHE A 458 52.69 -11.80 9.39
N ARG A 459 52.20 -12.99 9.73
CA ARG A 459 51.23 -13.68 8.89
C ARG A 459 49.91 -12.92 8.87
N LEU A 460 49.56 -12.34 10.01
CA LEU A 460 48.32 -11.56 10.13
C LEU A 460 48.35 -10.30 9.27
N GLU A 461 49.52 -9.67 9.17
CA GLU A 461 49.66 -8.51 8.31
C GLU A 461 49.47 -8.88 6.85
N GLN A 462 49.94 -10.08 6.48
CA GLN A 462 49.76 -10.59 5.13
C GLN A 462 48.28 -10.88 4.87
N ILE A 463 47.59 -11.34 5.91
CA ILE A 463 46.16 -11.61 5.83
C ILE A 463 45.39 -10.31 5.65
N GLU A 464 45.79 -9.28 6.37
CA GLU A 464 45.15 -7.97 6.29
C GLU A 464 45.27 -7.38 4.89
N SER A 465 46.41 -7.62 4.24
CA SER A 465 46.63 -7.14 2.89
C SER A 465 45.79 -7.93 1.89
N LEU A 466 45.49 -9.17 2.23
CA LEU A 466 44.66 -10.02 1.38
C LEU A 466 43.19 -9.67 1.52
N ALA A 467 42.81 -9.22 2.72
CA ALA A 467 41.43 -8.84 2.99
C ALA A 467 41.09 -7.52 2.31
N ARG A 468 42.09 -6.69 2.06
CA ARG A 468 41.90 -5.42 1.39
C ARG A 468 41.64 -5.62 -0.10
N GLU A 469 42.35 -6.58 -0.68
CA GLU A 469 42.20 -6.90 -2.10
C GLU A 469 40.89 -7.64 -2.36
N LYS A 470 40.39 -8.30 -1.33
CA LYS A 470 39.17 -9.10 -1.45
C LYS A 470 37.91 -8.26 -1.32
N VAL A 471 37.96 -7.26 -0.44
CA VAL A 471 36.78 -6.46 -0.11
C VAL A 471 36.37 -5.53 -1.26
N LYS A 472 37.27 -5.30 -2.21
CA LYS A 472 36.99 -4.39 -3.31
C LYS A 472 35.95 -4.94 -4.29
N ARG A 473 35.81 -6.26 -4.31
CA ARG A 473 34.83 -6.91 -5.18
C ARG A 473 33.63 -7.41 -4.36
N LEU A 474 33.47 -6.86 -3.17
CA LEU A 474 32.38 -7.26 -2.29
C LEU A 474 31.50 -6.08 -1.90
N PHE A 475 30.19 -6.23 -2.11
CA PHE A 475 29.22 -5.17 -1.85
C PHE A 475 28.93 -4.99 -0.36
N PHE A 476 28.64 -6.09 0.33
CA PHE A 476 28.13 -6.01 1.70
C PHE A 476 28.99 -6.77 2.71
N ILE A 477 29.86 -7.64 2.22
CA ILE A 477 30.80 -8.34 3.09
C ILE A 477 31.80 -7.35 3.65
N ASP A 478 31.83 -7.21 4.97
CA ASP A 478 32.74 -6.28 5.62
C ASP A 478 34.18 -6.75 5.48
N GLU A 479 35.12 -5.81 5.52
CA GLU A 479 36.54 -6.14 5.39
C GLU A 479 37.04 -6.87 6.64
N VAL A 480 36.38 -6.64 7.77
CA VAL A 480 36.72 -7.34 9.01
C VAL A 480 36.42 -8.82 8.90
N GLU A 481 35.23 -9.15 8.39
CA GLU A 481 34.80 -10.54 8.26
C GLU A 481 35.71 -11.33 7.33
N VAL A 482 36.21 -10.68 6.29
CA VAL A 482 37.16 -11.31 5.39
C VAL A 482 38.46 -11.58 6.11
N PHE A 483 38.89 -10.62 6.95
CA PHE A 483 40.10 -10.76 7.74
C PHE A 483 39.96 -11.87 8.77
N LEU A 484 38.90 -11.81 9.56
CA LEU A 484 38.66 -12.82 10.58
C LEU A 484 38.39 -14.18 9.96
N GLY A 485 37.91 -14.17 8.72
CA GLY A 485 37.68 -15.40 7.98
C GLY A 485 39.00 -16.07 7.65
N PHE A 486 39.87 -15.36 6.94
CA PHE A 486 41.19 -15.86 6.57
C PHE A 486 42.01 -16.24 7.80
N GLN A 487 41.84 -15.50 8.89
CA GLN A 487 42.55 -15.77 10.13
C GLN A 487 42.10 -17.09 10.75
N ASN A 488 40.80 -17.34 10.73
CA ASN A 488 40.24 -18.53 11.34
C ASN A 488 40.32 -19.75 10.44
N GLN A 489 40.14 -19.55 9.14
CA GLN A 489 40.18 -20.64 8.17
C GLN A 489 41.60 -21.15 7.96
N LEU A 490 42.58 -20.32 8.29
CA LEU A 490 43.98 -20.70 8.12
C LEU A 490 44.72 -20.77 9.46
N ARG A 491 43.99 -21.10 10.52
CA ARG A 491 44.59 -21.24 11.85
C ARG A 491 45.47 -22.49 11.90
N GLU A 492 44.97 -23.58 11.32
CA GLU A 492 45.69 -24.83 11.28
C GLU A 492 46.81 -24.79 10.25
N SER A 493 46.51 -24.24 9.08
CA SER A 493 47.45 -24.22 7.97
C SER A 493 48.67 -23.33 8.23
N LEU A 494 48.46 -22.24 8.96
CA LEU A 494 49.54 -21.28 9.20
C LEU A 494 49.99 -21.26 10.66
N SER A 495 49.55 -22.26 11.41
CA SER A 495 49.95 -22.41 12.82
C SER A 495 49.66 -21.17 13.66
N LEU A 496 48.39 -20.78 13.72
CA LEU A 496 47.99 -19.65 14.54
C LEU A 496 47.53 -20.12 15.92
N THR A 497 48.44 -20.78 16.65
CA THR A 497 48.14 -21.29 17.98
C THR A 497 47.87 -20.15 18.95
N THR A 498 48.75 -19.16 18.95
CA THR A 498 48.55 -17.96 19.75
C THR A 498 47.97 -16.86 18.85
N MET A 499 47.44 -15.81 19.46
CA MET A 499 46.83 -14.69 18.75
C MET A 499 45.58 -15.08 17.97
N THR A 500 45.08 -16.29 18.21
CA THR A 500 43.90 -16.79 17.50
C THR A 500 43.22 -17.92 18.27
N ARG A 501 41.94 -17.76 18.55
CA ARG A 501 41.17 -18.78 19.25
C ARG A 501 40.34 -19.61 18.28
N ASP A 502 40.07 -20.85 18.65
CA ASP A 502 39.23 -21.72 17.83
C ASP A 502 37.78 -21.26 17.86
N MET A 503 37.39 -20.48 16.86
CA MET A 503 36.05 -19.93 16.81
C MET A 503 35.24 -20.50 15.65
N ARG A 504 33.95 -20.66 15.87
CA ARG A 504 33.03 -21.07 14.82
C ARG A 504 32.33 -19.84 14.26
N PHE A 505 32.27 -19.74 12.93
CA PHE A 505 31.57 -18.63 12.29
C PHE A 505 30.36 -19.11 11.51
N TYR A 506 29.37 -18.24 11.37
CA TYR A 506 28.13 -18.58 10.68
C TYR A 506 28.39 -18.90 9.21
N ASN A 507 29.35 -18.18 8.62
CA ASN A 507 29.67 -18.34 7.21
C ASN A 507 31.12 -17.97 6.88
N VAL A 508 31.58 -18.41 5.71
CA VAL A 508 32.97 -18.23 5.31
C VAL A 508 33.25 -16.80 4.83
N SER A 509 32.22 -15.97 4.80
CA SER A 509 32.33 -14.58 4.36
C SER A 509 32.87 -14.44 2.93
N GLY A 510 32.30 -15.21 2.01
CA GLY A 510 32.63 -15.10 0.61
C GLY A 510 33.95 -15.74 0.21
N ILE A 511 34.65 -16.30 1.20
CA ILE A 511 35.93 -16.95 0.94
C ILE A 511 35.74 -18.29 0.26
N THR A 512 36.21 -18.40 -0.98
CA THR A 512 36.08 -19.64 -1.75
C THR A 512 37.20 -20.62 -1.44
N GLU A 513 37.20 -21.75 -2.12
CA GLU A 513 38.23 -22.78 -1.94
C GLU A 513 39.55 -22.30 -2.54
N SER A 514 39.46 -21.63 -3.68
CA SER A 514 40.65 -21.14 -4.38
C SER A 514 41.33 -20.01 -3.59
N ASP A 515 40.55 -19.32 -2.76
CA ASP A 515 41.08 -18.23 -1.94
C ASP A 515 42.02 -18.76 -0.87
N LEU A 516 41.60 -19.80 -0.18
CA LEU A 516 42.40 -20.38 0.90
C LEU A 516 43.64 -21.08 0.38
N ASP A 517 43.50 -21.77 -0.75
CA ASP A 517 44.62 -22.47 -1.36
C ASP A 517 45.69 -21.50 -1.87
N GLU A 518 45.26 -20.30 -2.26
CA GLU A 518 46.18 -19.28 -2.74
C GLU A 518 46.79 -18.49 -1.59
N ALA A 519 45.96 -18.14 -0.60
CA ALA A 519 46.40 -17.37 0.54
C ALA A 519 47.46 -18.12 1.35
N GLU A 520 47.32 -19.44 1.39
CA GLU A 520 48.26 -20.28 2.13
C GLU A 520 49.65 -20.23 1.52
N ILE A 521 49.73 -20.43 0.21
CA ILE A 521 51.01 -20.48 -0.49
C ILE A 521 51.73 -19.14 -0.49
N ARG A 522 50.98 -18.06 -0.71
CA ARG A 522 51.56 -16.71 -0.80
C ARG A 522 52.22 -16.29 0.51
N ILE A 523 51.53 -16.51 1.63
CA ILE A 523 52.03 -16.09 2.93
C ILE A 523 53.27 -16.89 3.35
N LYS A 524 53.26 -18.18 3.06
CA LYS A 524 54.38 -19.05 3.39
C LYS A 524 55.66 -18.62 2.67
N MET A 525 55.54 -18.29 1.39
CA MET A 525 56.67 -17.80 0.61
C MET A 525 57.09 -16.41 1.06
N ALA A 526 56.12 -15.67 1.62
CA ALA A 526 56.39 -14.32 2.10
C ALA A 526 57.14 -14.36 3.42
N GLU A 527 57.17 -15.53 4.06
CA GLU A 527 57.84 -15.68 5.34
C GLU A 527 59.24 -16.28 5.18
N ASN A 528 59.48 -16.95 4.06
CA ASN A 528 60.77 -17.58 3.81
C ASN A 528 61.81 -16.63 3.24
N ARG A 529 61.40 -15.40 2.96
CA ARG A 529 62.27 -14.47 2.26
C ARG A 529 62.21 -13.07 2.84
N ASP A 530 61.02 -12.64 3.30
CA ASP A 530 60.84 -11.29 3.81
C ASP A 530 60.98 -11.19 5.33
N PHE A 531 60.70 -12.29 6.03
CA PHE A 531 60.64 -12.26 7.48
C PHE A 531 61.94 -11.87 8.19
N HIS A 532 63.08 -12.25 7.61
CA HIS A 532 64.38 -11.89 8.19
C HIS A 532 64.51 -10.37 8.25
N LYS A 533 64.25 -9.70 7.14
CA LYS A 533 64.25 -8.25 7.11
C LYS A 533 63.12 -7.69 7.98
N TRP A 534 61.94 -8.30 7.85
CA TRP A 534 60.76 -7.87 8.58
C TRP A 534 61.00 -7.75 10.07
N PHE A 535 61.60 -8.77 10.67
CA PHE A 535 61.86 -8.77 12.10
C PHE A 535 62.71 -7.59 12.54
N ALA A 536 63.73 -7.24 11.74
CA ALA A 536 64.63 -6.12 12.04
C ALA A 536 63.93 -4.78 12.08
N LEU A 537 63.10 -4.51 11.09
CA LEU A 537 62.33 -3.27 11.05
C LEU A 537 61.33 -3.23 12.22
N TRP A 538 60.66 -4.36 12.47
CA TRP A 538 59.86 -4.55 13.67
C TRP A 538 60.83 -4.45 14.83
N GLY A 539 60.42 -3.91 15.97
CA GLY A 539 59.11 -3.36 16.14
C GLY A 539 58.94 -3.16 17.63
N PRO A 540 58.28 -4.11 18.31
CA PRO A 540 58.34 -4.03 19.76
C PRO A 540 59.67 -4.61 20.20
N TRP A 541 60.19 -5.50 19.36
CA TRP A 541 61.46 -6.16 19.57
C TRP A 541 62.55 -5.16 19.93
N HIS A 542 62.62 -4.07 19.17
CA HIS A 542 63.49 -2.95 19.48
C HIS A 542 63.42 -2.57 20.96
N LYS A 543 62.20 -2.37 21.47
CA LYS A 543 61.99 -2.01 22.87
C LYS A 543 62.66 -3.00 23.83
N VAL A 544 62.93 -4.22 23.34
CA VAL A 544 63.73 -5.20 24.09
C VAL A 544 65.22 -4.93 23.92
N LEU A 545 65.63 -4.54 22.70
CA LEU A 545 67.03 -4.26 22.40
C LEU A 545 67.61 -3.16 23.29
N GLU A 546 66.77 -2.17 23.61
CA GLU A 546 67.20 -1.07 24.47
C GLU A 546 67.16 -1.47 25.94
N ARG A 547 66.83 -2.73 26.20
CA ARG A 547 66.79 -3.26 27.56
C ARG A 547 67.74 -4.44 27.73
N ILE A 548 67.80 -5.29 26.70
CA ILE A 548 68.63 -6.49 26.76
C ILE A 548 70.05 -6.20 26.29
N ALA A 549 70.23 -5.12 25.55
CA ALA A 549 71.54 -4.72 25.07
C ALA A 549 71.62 -3.21 24.85
N PRO A 550 71.70 -2.44 25.95
CA PRO A 550 71.71 -0.97 25.89
C PRO A 550 72.93 -0.42 25.19
N GLU A 551 74.07 -1.11 25.33
CA GLU A 551 75.33 -0.65 24.76
C GLU A 551 75.31 -0.62 23.23
N GLU A 552 74.88 -1.72 22.63
CA GLU A 552 74.85 -1.84 21.17
C GLU A 552 73.79 -0.91 20.56
N TRP A 553 72.75 -0.61 21.34
CA TRP A 553 71.69 0.26 20.87
C TRP A 553 72.13 1.72 20.82
N ARG A 554 73.06 2.08 21.71
CA ARG A 554 73.60 3.43 21.75
C ARG A 554 74.60 3.66 20.62
N GLU A 555 75.47 2.67 20.41
CA GLU A 555 76.50 2.77 19.39
C GLU A 555 75.94 2.57 17.98
N MET A 556 74.71 2.08 17.90
CA MET A 556 74.02 1.97 16.62
C MET A 556 73.48 3.34 16.22
N MET A 557 72.93 4.06 17.21
CA MET A 557 72.43 5.41 17.00
C MET A 557 73.59 6.33 16.61
N ALA A 558 74.77 6.02 17.12
CA ALA A 558 75.97 6.78 16.79
C ALA A 558 76.63 6.25 15.53
N LYS A 559 75.99 5.26 14.90
CA LYS A 559 76.53 4.67 13.68
C LYS A 559 75.74 5.13 12.46
N ARG A 560 74.59 5.75 12.69
CA ARG A 560 73.77 6.27 11.60
C ARG A 560 74.07 7.75 11.33
N ASP A 561 74.39 8.49 12.39
CA ASP A 561 74.76 9.89 12.25
C ASP A 561 76.22 9.99 11.81
N GLU A 562 76.95 8.90 11.96
CA GLU A 562 78.34 8.82 11.52
C GLU A 562 78.40 8.51 10.04
N CYS A 563 77.40 7.77 9.55
CA CYS A 563 77.35 7.38 8.15
C CYS A 563 76.29 8.17 7.38
N ILE A 564 76.22 9.47 7.64
CA ILE A 564 75.26 10.34 6.97
C ILE A 564 75.82 11.75 6.84
N GLU A 565 76.95 11.99 7.48
CA GLU A 565 77.56 13.32 7.50
C GLU A 565 78.12 13.74 6.14
N THR A 566 78.81 12.82 5.46
CA THR A 566 79.44 13.14 4.18
C THR A 566 79.72 11.90 3.33
N ASP A 567 78.75 10.98 3.29
CA ASP A 567 78.89 9.78 2.48
C ASP A 567 78.85 10.11 1.00
N GLU A 568 79.26 9.16 0.17
CA GLU A 568 79.38 9.38 -1.27
C GLU A 568 78.07 9.14 -2.02
N TYR A 569 77.10 8.52 -1.34
CA TYR A 569 75.84 8.20 -1.98
C TYR A 569 74.95 9.42 -2.16
N GLN A 570 75.22 10.48 -1.40
CA GLN A 570 74.47 11.72 -1.54
C GLN A 570 74.77 12.41 -2.87
N SER A 571 76.06 12.64 -3.12
CA SER A 571 76.49 13.32 -4.35
C SER A 571 76.22 12.48 -5.58
N ARG A 572 76.24 11.16 -5.43
CA ARG A 572 76.00 10.25 -6.53
C ARG A 572 74.54 10.30 -6.98
N VAL A 573 73.65 10.56 -6.03
CA VAL A 573 72.22 10.66 -6.32
C VAL A 573 71.84 12.09 -6.69
N ASN A 574 72.37 13.05 -5.93
CA ASN A 574 72.08 14.47 -6.14
C ASN A 574 72.45 14.92 -7.56
N ALA A 575 73.52 14.35 -8.10
CA ALA A 575 73.94 14.65 -9.46
C ALA A 575 73.14 13.83 -10.46
N GLU A 576 72.57 12.72 -9.99
CA GLU A 576 71.77 11.84 -10.83
C GLU A 576 70.33 12.36 -10.95
N LEU A 577 69.88 13.07 -9.93
CA LEU A 577 68.54 13.63 -9.92
C LEU A 577 68.38 14.76 -10.95
N GLU A 578 69.40 15.60 -11.05
CA GLU A 578 69.38 16.72 -11.98
C GLU A 578 69.42 16.26 -13.43
N ASP A 579 70.13 15.16 -13.68
CA ASP A 579 70.22 14.60 -15.02
C ASP A 579 68.89 14.00 -15.46
N LEU A 580 68.05 13.66 -14.49
CA LEU A 580 66.73 13.10 -14.78
C LEU A 580 65.68 14.20 -14.93
N ARG A 581 65.65 15.13 -13.98
CA ARG A 581 64.69 16.23 -14.02
C ARG A 581 65.12 17.30 -15.02
N ALA A 601 64.76 17.17 -0.19
CA ALA A 601 64.74 16.46 1.08
C ALA A 601 64.66 14.95 0.86
N ILE A 602 65.28 14.47 -0.21
CA ILE A 602 65.30 13.05 -0.52
C ILE A 602 66.37 12.31 0.29
N GLY A 603 67.18 13.06 1.01
CA GLY A 603 68.23 12.48 1.84
C GLY A 603 67.69 11.61 2.94
N ILE A 604 66.45 11.87 3.35
CA ILE A 604 65.79 11.07 4.35
C ILE A 604 65.41 9.70 3.77
N LYS A 605 65.07 9.69 2.49
CA LYS A 605 64.77 8.45 1.79
C LYS A 605 66.03 7.61 1.63
N ILE A 606 67.18 8.29 1.66
CA ILE A 606 68.47 7.61 1.64
C ILE A 606 68.80 7.12 3.04
N MET A 607 68.44 7.93 4.03
CA MET A 607 68.65 7.60 5.44
C MET A 607 67.98 6.28 5.83
N GLU A 608 66.73 6.11 5.40
CA GLU A 608 66.00 4.89 5.71
C GLU A 608 66.57 3.68 4.97
N GLU A 609 67.24 3.93 3.85
CA GLU A 609 67.85 2.85 3.07
C GLU A 609 69.04 2.25 3.80
N ILE A 610 69.73 3.06 4.60
CA ILE A 610 70.88 2.58 5.35
C ILE A 610 70.49 2.13 6.75
N ASN A 611 69.35 2.62 7.23
CA ASN A 611 68.83 2.21 8.54
C ASN A 611 68.45 0.74 8.53
N GLN A 612 67.75 0.32 7.48
CA GLN A 612 67.33 -1.06 7.32
C GLN A 612 68.53 -2.01 7.30
N THR A 613 69.63 -1.53 6.73
CA THR A 613 70.87 -2.30 6.69
C THR A 613 71.50 -2.34 8.08
N LEU A 614 71.28 -1.30 8.86
CA LEU A 614 71.80 -1.23 10.22
C LEU A 614 71.04 -2.17 11.17
N PHE A 615 69.72 -2.14 11.08
CA PHE A 615 68.88 -3.01 11.90
C PHE A 615 69.12 -4.48 11.60
N THR A 616 69.55 -4.77 10.37
CA THR A 616 69.84 -6.13 9.95
C THR A 616 71.16 -6.62 10.55
N GLU A 617 72.18 -5.76 10.54
CA GLU A 617 73.48 -6.10 11.08
C GLU A 617 73.44 -6.29 12.59
N ILE A 618 72.76 -5.37 13.28
CA ILE A 618 72.63 -5.44 14.74
C ILE A 618 71.88 -6.69 15.16
N MET A 619 70.86 -7.07 14.40
CA MET A 619 70.05 -8.23 14.73
C MET A 619 70.87 -9.52 14.72
N GLU A 620 71.66 -9.69 13.67
CA GLU A 620 72.42 -10.92 13.49
C GLU A 620 73.49 -11.09 14.56
N ASN A 621 73.92 -9.98 15.15
CA ASN A 621 74.94 -10.02 16.19
C ASN A 621 74.40 -10.62 17.49
N ILE A 622 73.24 -10.12 17.92
CA ILE A 622 72.59 -10.63 19.13
C ILE A 622 72.04 -12.04 18.87
N LEU A 623 71.66 -12.30 17.63
CA LEU A 623 71.19 -13.62 17.23
C LEU A 623 72.27 -14.69 17.43
N LEU A 624 73.50 -14.35 17.09
CA LEU A 624 74.63 -15.27 17.28
C LEU A 624 75.06 -15.33 18.74
N LYS A 625 74.68 -14.31 19.51
CA LYS A 625 74.99 -14.28 20.94
C LYS A 625 74.28 -15.41 21.68
N LYS A 626 73.09 -15.75 21.20
CA LYS A 626 72.33 -16.86 21.76
C LYS A 626 72.10 -17.94 20.72
N GLU A 627 71.24 -18.91 21.04
CA GLU A 627 70.94 -20.01 20.13
C GLU A 627 69.69 -19.73 19.31
N VAL A 628 69.31 -18.46 19.24
CA VAL A 628 68.10 -18.06 18.54
C VAL A 628 68.34 -17.81 17.06
N SER A 629 69.60 -17.85 16.65
CA SER A 629 69.97 -17.57 15.26
C SER A 629 69.45 -18.65 14.30
N SER A 630 69.24 -19.85 14.82
CA SER A 630 68.75 -20.95 14.01
C SER A 630 67.25 -20.80 13.72
N LEU A 631 66.57 -20.04 14.57
CA LEU A 631 65.12 -19.92 14.50
C LEU A 631 64.63 -19.13 13.28
N MET A 632 65.34 -18.07 12.93
CA MET A 632 65.01 -17.28 11.76
C MET A 632 65.54 -17.92 10.48
N SER A 633 65.45 -19.24 10.40
CA SER A 633 65.69 -19.98 9.16
C SER A 633 64.42 -19.93 8.32
N ALA A 634 64.45 -20.58 7.16
CA ALA A 634 63.33 -20.59 6.21
C ALA A 634 62.01 -21.03 6.86
N TYR A 635 62.12 -22.00 7.76
CA TYR A 635 60.97 -22.49 8.55
C TYR A 635 59.90 -23.18 7.70
N TRP A 636 59.36 -22.48 6.71
CA TRP A 636 58.37 -23.08 5.81
C TRP A 636 59.03 -23.85 4.68
N GLU B 19 37.65 44.09 14.22
CA GLU B 19 36.71 44.18 13.11
C GLU B 19 35.34 43.63 13.50
N LEU B 20 35.20 42.31 13.44
CA LEU B 20 33.96 41.65 13.82
C LEU B 20 33.83 41.53 15.32
N ILE B 21 34.95 41.71 16.02
CA ILE B 21 34.96 41.72 17.48
C ILE B 21 34.22 42.95 17.98
N TRP B 22 34.53 44.10 17.38
CA TRP B 22 33.86 45.35 17.71
C TRP B 22 32.40 45.31 17.30
N SER B 23 32.06 44.47 16.34
CA SER B 23 30.71 44.39 15.82
C SER B 23 29.72 43.92 16.88
N GLU B 24 29.73 42.63 17.19
CA GLU B 24 28.72 42.08 18.09
C GLU B 24 28.90 42.45 19.56
N TRP B 25 30.14 42.57 20.02
CA TRP B 25 30.38 42.99 21.41
C TRP B 25 29.65 44.30 21.70
N VAL B 26 29.56 45.15 20.69
CA VAL B 26 28.77 46.38 20.78
C VAL B 26 27.38 46.18 20.16
N LYS B 27 27.12 44.98 19.64
CA LYS B 27 25.75 44.61 19.25
C LYS B 27 25.11 43.74 20.35
N GLU B 28 25.86 43.50 21.41
CA GLU B 28 25.30 42.93 22.63
C GLU B 28 24.84 44.10 23.50
N ALA B 29 25.20 45.31 23.07
CA ALA B 29 24.83 46.55 23.74
C ALA B 29 23.32 46.81 23.85
N PRO B 30 22.50 46.37 22.86
CA PRO B 30 21.06 46.40 23.08
C PRO B 30 20.67 45.78 24.41
N ALA B 31 21.30 44.65 24.75
CA ALA B 31 21.18 44.05 26.08
C ALA B 31 19.74 43.84 26.54
N LYS B 32 18.95 43.15 25.72
CA LYS B 32 17.60 42.80 26.12
C LYS B 32 17.65 41.74 27.22
N GLU B 33 16.51 41.46 27.84
CA GLU B 33 16.47 40.41 28.86
C GLU B 33 16.81 39.07 28.24
N ALA B 34 17.30 38.14 29.07
CA ALA B 34 17.89 36.89 28.59
C ALA B 34 18.97 37.20 27.55
N ALA B 35 19.92 38.03 27.96
CA ALA B 35 20.97 38.52 27.05
C ALA B 35 22.05 37.49 26.78
N ASN B 36 21.68 36.21 26.76
CA ASN B 36 22.64 35.15 26.48
C ASN B 36 23.02 35.07 25.01
N ARG B 37 23.49 36.18 24.47
CA ARG B 37 24.04 36.21 23.12
C ARG B 37 25.49 35.74 23.19
N GLU B 38 26.00 35.65 24.42
CA GLU B 38 27.36 35.15 24.64
C GLU B 38 27.40 33.65 24.39
N GLU B 39 26.25 33.00 24.48
CA GLU B 39 26.15 31.58 24.15
C GLU B 39 26.26 31.41 22.64
N ALA B 40 25.89 32.46 21.90
CA ALA B 40 26.00 32.46 20.45
C ALA B 40 27.44 32.68 20.00
N VAL B 41 28.14 33.61 20.68
CA VAL B 41 29.53 33.89 20.36
C VAL B 41 30.45 32.80 20.90
N GLN B 42 29.90 31.95 21.76
CA GLN B 42 30.65 30.81 22.29
C GLN B 42 30.59 29.68 21.26
N ARG B 43 29.69 29.83 20.29
CA ARG B 43 29.57 28.88 19.19
C ARG B 43 29.86 29.55 17.87
N MET B 44 30.04 30.87 17.91
CA MET B 44 30.33 31.64 16.70
C MET B 44 31.79 31.46 16.30
N ARG B 45 32.68 31.76 17.23
CA ARG B 45 34.11 31.64 17.00
C ARG B 45 34.51 30.17 16.84
N ASP B 46 33.86 29.30 17.60
CA ASP B 46 34.12 27.87 17.53
C ASP B 46 33.83 27.32 16.14
N CYS B 47 32.90 27.97 15.43
CA CYS B 47 32.59 27.61 14.06
C CYS B 47 33.72 28.05 13.13
N LEU B 48 34.43 29.10 13.53
CA LEU B 48 35.55 29.61 12.75
C LEU B 48 36.86 29.00 13.20
N LYS B 49 36.93 28.57 14.45
CA LYS B 49 38.11 27.90 14.98
C LYS B 49 38.32 26.55 14.32
N ASN B 50 37.24 25.80 14.17
CA ASN B 50 37.30 24.46 13.59
C ASN B 50 37.01 24.46 12.09
N ASN B 51 37.10 25.64 11.47
CA ASN B 51 36.86 25.80 10.04
C ASN B 51 35.52 25.26 9.56
N LYS B 52 34.49 25.44 10.37
CA LYS B 52 33.14 24.99 10.02
C LYS B 52 32.41 26.05 9.19
N THR B 53 31.59 25.60 8.25
CA THR B 53 30.79 26.49 7.43
C THR B 53 29.33 26.42 7.84
N GLU B 54 29.07 25.65 8.89
CA GLU B 54 27.71 25.46 9.39
C GLU B 54 27.50 26.18 10.72
N LEU B 55 26.54 27.09 10.75
CA LEU B 55 26.24 27.86 11.96
C LEU B 55 24.97 27.36 12.62
N ARG B 56 25.10 26.83 13.84
CA ARG B 56 23.96 26.29 14.58
C ARG B 56 23.45 27.29 15.62
N LEU B 57 22.41 28.03 15.26
CA LEU B 57 21.80 28.98 16.18
C LEU B 57 20.36 28.57 16.47
N LYS B 58 20.13 28.01 17.65
CA LYS B 58 18.84 27.44 17.98
C LYS B 58 18.47 27.68 19.44
N ILE B 59 17.17 27.70 19.71
CA ILE B 59 16.61 27.84 21.06
C ILE B 59 17.37 28.80 21.99
N LEU B 60 17.39 30.07 21.61
CA LEU B 60 18.15 31.07 22.37
C LEU B 60 17.33 31.67 23.51
N GLY B 61 16.01 31.58 23.41
CA GLY B 61 15.15 32.38 24.26
C GLY B 61 15.31 33.80 23.76
N LEU B 62 15.50 33.89 22.45
CA LEU B 62 15.96 35.09 21.76
C LEU B 62 14.97 36.25 21.78
N THR B 63 15.49 37.46 21.59
CA THR B 63 14.66 38.63 21.31
C THR B 63 15.20 39.35 20.07
N THR B 64 16.48 39.64 20.06
CA THR B 64 17.11 40.30 18.92
C THR B 64 18.49 39.74 18.58
N ILE B 65 18.84 39.78 17.31
CA ILE B 65 20.03 39.11 16.80
C ILE B 65 21.09 40.06 16.24
N PRO B 66 22.36 39.86 16.63
CA PRO B 66 23.54 40.47 16.01
C PRO B 66 23.57 40.22 14.51
N ALA B 67 24.01 41.22 13.74
CA ALA B 67 23.70 41.35 12.32
C ALA B 67 24.88 41.16 11.37
N TYR B 68 25.99 41.83 11.71
CA TYR B 68 27.19 41.90 10.89
C TYR B 68 27.79 40.53 10.59
N ILE B 69 27.52 39.59 11.47
CA ILE B 69 28.20 38.31 11.53
C ILE B 69 27.66 37.27 10.54
N PRO B 70 28.54 36.46 9.91
CA PRO B 70 29.99 36.59 9.73
C PRO B 70 30.42 36.35 8.29
N GLU B 71 31.68 36.63 7.97
CA GLU B 71 32.21 36.33 6.65
C GLU B 71 32.51 34.84 6.53
N GLN B 72 32.41 34.33 5.31
CA GLN B 72 32.78 32.94 4.99
C GLN B 72 32.06 31.89 5.86
N ILE B 73 30.74 31.97 5.90
CA ILE B 73 29.91 30.89 6.44
C ILE B 73 28.78 30.60 5.48
N THR B 74 28.87 29.43 4.83
CA THR B 74 27.92 29.06 3.78
C THR B 74 26.50 28.92 4.31
N THR B 75 26.34 28.18 5.40
CA THR B 75 25.01 27.87 5.92
C THR B 75 24.86 28.25 7.39
N LEU B 76 23.79 28.99 7.68
CA LEU B 76 23.44 29.32 9.06
C LEU B 76 21.98 28.95 9.34
N ILE B 77 21.75 28.38 10.52
CA ILE B 77 20.42 27.93 10.90
C ILE B 77 19.83 28.80 12.00
N LEU B 78 18.63 29.33 11.76
CA LEU B 78 17.93 30.14 12.74
C LEU B 78 16.54 29.57 13.02
N ASP B 79 16.49 28.51 13.81
CA ASP B 79 15.21 27.88 14.16
C ASP B 79 14.93 28.05 15.65
N ASN B 80 13.65 27.90 16.02
CA ASN B 80 13.18 28.10 17.39
C ASN B 80 13.64 29.42 18.00
N ASN B 81 13.21 30.52 17.37
CA ASN B 81 13.57 31.84 17.84
C ASN B 81 12.33 32.66 18.18
N GLU B 82 12.51 33.70 18.99
CA GLU B 82 11.43 34.64 19.25
C GLU B 82 11.79 35.98 18.61
N LEU B 83 12.47 35.89 17.48
CA LEU B 83 12.93 37.06 16.73
C LEU B 83 11.73 37.87 16.23
N LYS B 84 11.97 39.14 15.90
CA LYS B 84 10.92 40.02 15.40
C LYS B 84 11.05 40.25 13.91
N SER B 85 12.29 40.43 13.44
CA SER B 85 12.53 40.64 12.01
C SER B 85 14.00 40.35 11.67
N LEU B 86 14.31 40.43 10.39
CA LEU B 86 15.68 40.21 9.93
C LEU B 86 16.61 41.31 10.40
N PRO B 87 17.88 40.96 10.64
CA PRO B 87 18.98 41.86 11.01
C PRO B 87 19.28 42.88 9.91
N GLU B 88 19.69 44.09 10.29
CA GLU B 88 20.03 45.12 9.32
C GLU B 88 21.45 44.98 8.80
N ASN B 89 21.59 45.05 7.47
CA ASN B 89 22.89 45.05 6.79
C ASN B 89 23.78 43.86 7.15
N LEU B 90 23.29 42.66 6.85
CA LEU B 90 23.96 41.41 7.23
C LEU B 90 25.48 41.34 6.95
N GLN B 91 25.91 41.89 5.83
CA GLN B 91 27.33 41.99 5.47
C GLN B 91 28.11 40.68 5.52
N GLY B 92 27.50 39.57 5.09
CA GLY B 92 28.18 38.29 5.11
C GLY B 92 27.92 37.42 3.90
N ASN B 93 28.94 36.67 3.48
CA ASN B 93 28.81 35.72 2.37
C ASN B 93 28.06 34.47 2.82
N ILE B 94 26.83 34.31 2.33
CA ILE B 94 25.98 33.20 2.72
C ILE B 94 25.31 32.57 1.51
N LYS B 95 25.34 31.23 1.43
CA LYS B 95 24.68 30.52 0.33
C LYS B 95 23.42 29.79 0.78
N THR B 96 23.18 29.77 2.09
CA THR B 96 22.03 29.07 2.65
C THR B 96 21.54 29.71 3.95
N LEU B 97 20.28 30.09 3.97
CA LEU B 97 19.68 30.73 5.15
C LEU B 97 18.39 30.04 5.58
N TYR B 98 18.39 29.50 6.80
CA TYR B 98 17.23 28.81 7.34
C TYR B 98 16.60 29.58 8.50
N ALA B 99 15.31 29.87 8.38
CA ALA B 99 14.56 30.58 9.42
C ALA B 99 13.24 29.87 9.71
N ASN B 100 12.98 29.59 10.98
CA ASN B 100 11.79 28.84 11.37
C ASN B 100 11.24 29.28 12.73
N SER B 101 9.94 29.07 12.91
CA SER B 101 9.26 29.20 14.20
C SER B 101 9.48 30.53 14.93
N ASN B 102 9.63 31.60 14.15
CA ASN B 102 9.77 32.94 14.71
C ASN B 102 8.90 34.00 14.01
N GLN B 103 8.69 35.14 14.68
CA GLN B 103 7.83 36.18 14.16
C GLN B 103 8.62 37.08 13.21
N LEU B 104 8.14 37.24 11.98
CA LEU B 104 8.81 38.08 10.99
C LEU B 104 7.83 38.96 10.25
N THR B 105 8.21 40.21 10.03
CA THR B 105 7.43 41.13 9.21
C THR B 105 7.42 40.64 7.78
N SER B 106 8.62 40.45 7.23
CA SER B 106 8.81 40.19 5.82
C SER B 106 10.29 39.96 5.52
N ILE B 107 10.65 40.12 4.24
CA ILE B 107 12.04 40.06 3.77
C ILE B 107 12.59 41.46 3.50
N PRO B 108 13.64 41.86 4.24
CA PRO B 108 14.46 43.01 3.87
C PRO B 108 15.06 42.84 2.49
N ALA B 109 15.13 43.94 1.73
CA ALA B 109 15.69 43.91 0.39
C ALA B 109 17.18 43.55 0.42
N THR B 110 17.83 43.82 1.54
CA THR B 110 19.26 43.59 1.70
C THR B 110 19.62 42.10 1.68
N LEU B 111 19.73 41.54 0.48
CA LEU B 111 20.11 40.14 0.30
C LEU B 111 21.21 40.00 -0.73
N PRO B 112 22.34 39.37 -0.36
CA PRO B 112 23.45 39.16 -1.29
C PRO B 112 23.07 38.23 -2.44
N ASP B 113 23.77 38.33 -3.56
CA ASP B 113 23.55 37.48 -4.73
C ASP B 113 24.29 36.14 -4.60
N THR B 114 24.59 35.72 -3.38
CA THR B 114 25.31 34.45 -3.20
C THR B 114 24.44 33.36 -2.57
N ILE B 115 23.25 33.74 -2.09
CA ILE B 115 22.33 32.87 -1.35
C ILE B 115 21.55 31.89 -2.24
N GLN B 116 21.98 30.65 -2.34
CA GLN B 116 21.29 29.75 -3.26
C GLN B 116 19.95 29.15 -2.78
N GLU B 117 19.75 29.06 -1.48
CA GLU B 117 18.50 28.50 -0.95
C GLU B 117 18.08 29.14 0.37
N MET B 118 16.78 29.29 0.56
CA MET B 118 16.26 29.89 1.79
C MET B 118 15.14 29.04 2.38
N GLU B 119 14.87 29.21 3.67
CA GLU B 119 13.79 28.48 4.32
C GLU B 119 13.05 29.36 5.31
N LEU B 120 11.73 29.46 5.11
CA LEU B 120 10.86 30.25 5.97
C LEU B 120 9.55 29.50 6.18
N SER B 121 9.42 28.82 7.32
CA SER B 121 8.31 27.89 7.52
C SER B 121 7.29 28.31 8.58
N ILE B 122 7.63 29.28 9.42
CA ILE B 122 6.67 29.81 10.37
C ILE B 122 6.88 31.31 10.53
N ASN B 123 6.00 32.10 9.93
CA ASN B 123 6.13 33.55 9.98
C ASN B 123 4.78 34.24 10.11
N ARG B 124 4.81 35.50 10.53
CA ARG B 124 3.62 36.34 10.52
C ARG B 124 3.71 37.29 9.34
N ILE B 125 4.37 36.83 8.28
CA ILE B 125 4.57 37.62 7.08
C ILE B 125 3.23 37.95 6.41
N THR B 126 3.24 38.87 5.46
CA THR B 126 2.01 39.27 4.80
C THR B 126 2.14 39.51 3.29
N GLU B 127 3.34 39.83 2.82
CA GLU B 127 3.47 40.18 1.40
C GLU B 127 4.80 39.86 0.72
N LEU B 128 4.90 40.26 -0.55
CA LEU B 128 6.05 39.96 -1.38
C LEU B 128 7.05 41.12 -1.45
N PRO B 129 8.28 40.88 -1.00
CA PRO B 129 9.33 41.87 -1.18
C PRO B 129 9.83 41.94 -2.64
N GLU B 130 9.97 40.82 -3.34
CA GLU B 130 10.28 40.86 -4.77
C GLU B 130 11.63 41.57 -4.93
N ARG B 131 12.52 41.37 -3.96
CA ARG B 131 13.90 41.77 -4.11
C ARG B 131 14.71 40.51 -4.37
N LEU B 132 15.32 40.44 -5.55
CA LEU B 132 15.90 39.19 -6.01
C LEU B 132 17.37 39.05 -5.63
N PRO B 133 17.72 38.02 -4.86
CA PRO B 133 19.15 37.73 -4.85
C PRO B 133 19.65 37.22 -6.21
N SER B 134 18.78 36.64 -7.03
CA SER B 134 19.18 35.93 -8.26
C SER B 134 19.99 34.66 -8.01
N ALA B 135 20.38 34.48 -6.76
CA ALA B 135 21.18 33.38 -6.31
C ALA B 135 20.26 32.18 -5.97
N LEU B 136 19.04 32.52 -5.56
CA LEU B 136 18.09 31.55 -5.03
C LEU B 136 17.65 30.52 -6.06
N GLN B 137 17.58 29.28 -5.60
CA GLN B 137 17.06 28.19 -6.40
C GLN B 137 15.93 27.52 -5.62
N SER B 138 16.05 27.52 -4.30
CA SER B 138 15.05 26.91 -3.43
C SER B 138 14.50 27.93 -2.42
N LEU B 139 13.18 28.08 -2.40
CA LEU B 139 12.53 29.00 -1.48
C LEU B 139 11.13 28.50 -1.12
N ASP B 140 10.97 28.03 0.10
CA ASP B 140 9.66 27.57 0.57
C ASP B 140 9.02 28.60 1.49
N LEU B 141 7.70 28.62 1.52
CA LEU B 141 6.97 29.54 2.37
C LEU B 141 5.78 28.83 3.00
N PHE B 142 6.09 27.90 3.89
CA PHE B 142 5.07 27.13 4.61
C PHE B 142 4.54 27.93 5.79
N HIS B 143 3.26 27.76 6.08
CA HIS B 143 2.62 28.34 7.27
C HIS B 143 2.89 29.83 7.50
N ASN B 144 2.66 30.64 6.48
CA ASN B 144 2.81 32.09 6.60
C ASN B 144 2.08 32.85 5.49
N LYS B 145 0.98 33.50 5.86
CA LYS B 145 0.07 34.14 4.92
C LYS B 145 0.74 35.16 4.01
N ILE B 146 0.43 35.09 2.73
CA ILE B 146 0.85 36.10 1.77
C ILE B 146 -0.33 36.50 0.87
N SER B 147 -0.46 37.79 0.62
CA SER B 147 -1.57 38.30 -0.16
C SER B 147 -1.53 37.82 -1.61
N CYS B 148 -0.35 37.86 -2.21
CA CYS B 148 -0.20 37.47 -3.60
C CYS B 148 1.22 37.01 -3.91
N LEU B 149 1.51 36.86 -5.19
CA LEU B 149 2.82 36.44 -5.64
C LEU B 149 3.42 37.45 -6.62
N PRO B 150 4.75 37.64 -6.55
CA PRO B 150 5.53 38.53 -7.41
C PRO B 150 5.29 38.27 -8.91
N GLU B 151 5.19 39.36 -9.68
CA GLU B 151 4.91 39.24 -11.11
C GLU B 151 6.08 38.58 -11.86
N ASN B 152 7.28 38.73 -11.31
CA ASN B 152 8.49 38.17 -11.94
C ASN B 152 9.60 37.85 -10.94
N LEU B 153 9.76 36.56 -10.62
CA LEU B 153 10.79 36.12 -9.69
C LEU B 153 12.08 35.76 -10.44
N PRO B 154 13.22 35.69 -9.72
CA PRO B 154 14.51 35.35 -10.36
C PRO B 154 14.45 34.08 -11.20
N GLU B 155 15.16 34.10 -12.32
CA GLU B 155 15.14 32.97 -13.27
C GLU B 155 16.11 31.86 -12.87
N GLU B 156 16.40 31.76 -11.58
CA GLU B 156 17.24 30.69 -11.06
C GLU B 156 16.45 29.85 -10.06
N LEU B 157 15.24 30.29 -9.75
CA LEU B 157 14.37 29.59 -8.80
C LEU B 157 13.91 28.26 -9.38
N ARG B 158 14.03 27.20 -8.57
CA ARG B 158 13.68 25.86 -9.02
C ARG B 158 12.59 25.25 -8.14
N TYR B 159 12.61 25.61 -6.85
CA TYR B 159 11.62 25.10 -5.90
C TYR B 159 10.89 26.24 -5.21
N LEU B 160 9.57 26.15 -5.19
CA LEU B 160 8.74 27.17 -4.54
C LEU B 160 7.56 26.51 -3.83
N SER B 161 7.53 26.63 -2.51
CA SER B 161 6.46 26.04 -1.71
C SER B 161 5.64 27.10 -0.99
N VAL B 162 4.33 27.05 -1.15
CA VAL B 162 3.42 27.98 -0.48
C VAL B 162 2.31 27.21 0.22
N TYR B 163 2.53 26.88 1.49
CA TYR B 163 1.65 26.00 2.23
C TYR B 163 0.86 26.72 3.31
N ASP B 164 -0.41 26.38 3.45
CA ASP B 164 -1.28 26.87 4.53
C ASP B 164 -1.38 28.39 4.56
N ASN B 165 -1.58 29.00 3.39
CA ASN B 165 -1.75 30.45 3.31
C ASN B 165 -3.04 30.85 2.60
N SER B 166 -3.04 32.02 1.99
CA SER B 166 -4.23 32.51 1.30
C SER B 166 -3.86 33.39 0.11
N ILE B 167 -3.79 32.79 -1.07
CA ILE B 167 -3.39 33.50 -2.29
C ILE B 167 -4.57 33.62 -3.25
N ARG B 168 -4.86 34.85 -3.68
CA ARG B 168 -5.99 35.09 -4.56
C ARG B 168 -5.67 34.80 -6.03
N THR B 169 -4.52 35.27 -6.49
CA THR B 169 -4.17 35.15 -7.90
C THR B 169 -2.68 34.86 -8.10
N LEU B 170 -2.37 34.08 -9.15
CA LEU B 170 -0.99 33.83 -9.53
C LEU B 170 -0.64 34.67 -10.76
N PRO B 171 0.60 35.17 -10.82
CA PRO B 171 1.05 36.01 -11.93
C PRO B 171 1.05 35.26 -13.27
N ALA B 172 1.17 36.03 -14.36
CA ALA B 172 1.09 35.45 -15.71
C ALA B 172 2.44 34.89 -16.17
N HIS B 173 3.49 35.17 -15.41
CA HIS B 173 4.83 34.69 -15.78
C HIS B 173 5.70 34.41 -14.56
N LEU B 174 5.91 33.14 -14.27
CA LEU B 174 6.84 32.74 -13.22
C LEU B 174 8.18 32.36 -13.87
N PRO B 175 9.27 32.29 -13.07
CA PRO B 175 10.58 31.87 -13.54
C PRO B 175 10.51 30.67 -14.49
N SER B 176 10.98 30.85 -15.71
CA SER B 176 10.76 29.90 -16.80
C SER B 176 11.36 28.51 -16.59
N GLU B 177 12.14 28.34 -15.52
CA GLU B 177 12.77 27.05 -15.27
C GLU B 177 12.43 26.44 -13.91
N ILE B 178 11.31 26.88 -13.32
CA ILE B 178 10.79 26.23 -12.12
C ILE B 178 10.25 24.86 -12.48
N THR B 179 10.73 23.83 -11.79
CA THR B 179 10.30 22.46 -12.05
C THR B 179 9.41 21.92 -10.94
N HIS B 180 9.51 22.51 -9.76
CA HIS B 180 8.75 22.05 -8.61
C HIS B 180 8.01 23.21 -7.94
N LEU B 181 6.68 23.09 -7.87
CA LEU B 181 5.87 24.14 -7.29
C LEU B 181 4.77 23.54 -6.38
N ASN B 182 4.84 23.87 -5.10
CA ASN B 182 3.90 23.34 -4.11
C ASN B 182 3.02 24.44 -3.52
N VAL B 183 1.71 24.32 -3.73
CA VAL B 183 0.75 25.26 -3.15
C VAL B 183 -0.43 24.53 -2.50
N GLN B 184 -0.64 24.77 -1.21
CA GLN B 184 -1.77 24.18 -0.50
C GLN B 184 -2.54 25.27 0.22
N SER B 185 -2.26 26.50 -0.15
CA SER B 185 -2.87 27.67 0.48
C SER B 185 -4.38 27.63 0.34
N ASN B 186 -5.07 27.97 1.42
CA ASN B 186 -6.52 28.12 1.37
C ASN B 186 -6.94 29.17 0.35
N SER B 187 -8.15 29.05 -0.15
CA SER B 187 -8.78 30.07 -0.98
C SER B 187 -7.96 30.52 -2.20
N LEU B 188 -7.50 29.54 -2.99
CA LEU B 188 -6.97 29.84 -4.32
C LEU B 188 -7.89 29.22 -5.36
N THR B 189 -8.37 30.06 -6.28
CA THR B 189 -9.46 29.68 -7.19
C THR B 189 -9.09 29.89 -8.64
N ALA B 190 -8.48 28.85 -9.23
CA ALA B 190 -8.08 28.76 -10.65
C ALA B 190 -6.64 29.18 -10.95
N LEU B 191 -6.20 28.88 -12.17
CA LEU B 191 -4.79 28.92 -12.50
C LEU B 191 -4.54 29.83 -13.70
N PRO B 192 -3.32 30.39 -13.81
CA PRO B 192 -3.02 31.05 -15.08
C PRO B 192 -3.02 29.97 -16.14
N GLU B 193 -3.56 30.26 -17.32
CA GLU B 193 -3.57 29.24 -18.36
C GLU B 193 -2.15 28.81 -18.65
N THR B 194 -1.24 29.77 -18.70
CA THR B 194 0.17 29.48 -18.96
C THR B 194 1.10 29.73 -17.75
N LEU B 195 1.96 28.74 -17.48
CA LEU B 195 2.96 28.73 -16.39
C LEU B 195 4.22 28.10 -17.00
N PRO B 196 5.38 28.04 -16.32
CA PRO B 196 6.42 27.81 -17.32
C PRO B 196 6.50 26.38 -17.85
N PRO B 197 6.93 26.20 -19.12
CA PRO B 197 6.72 24.87 -19.70
C PRO B 197 7.53 23.80 -18.98
N GLY B 198 8.74 24.16 -18.56
CA GLY B 198 9.63 23.21 -17.93
C GLY B 198 9.10 22.55 -16.67
N LEU B 199 8.12 23.17 -16.01
CA LEU B 199 7.53 22.63 -14.78
C LEU B 199 7.03 21.22 -14.97
N LYS B 200 7.48 20.31 -14.12
CA LYS B 200 7.16 18.90 -14.24
C LYS B 200 6.36 18.38 -13.05
N THR B 201 6.44 19.09 -11.93
CA THR B 201 5.67 18.70 -10.74
C THR B 201 4.90 19.88 -10.16
N LEU B 202 3.61 19.67 -9.91
CA LEU B 202 2.75 20.72 -9.35
C LEU B 202 1.80 20.14 -8.31
N GLU B 203 1.66 20.85 -7.19
CA GLU B 203 0.76 20.43 -6.12
C GLU B 203 -0.21 21.57 -5.79
N ALA B 204 -1.51 21.27 -5.87
CA ALA B 204 -2.53 22.27 -5.60
C ALA B 204 -3.73 21.67 -4.87
N GLY B 205 -3.59 21.43 -3.58
CA GLY B 205 -4.65 20.85 -2.78
C GLY B 205 -5.14 21.79 -1.70
N GLU B 206 -6.30 21.48 -1.13
CA GLU B 206 -6.91 22.28 -0.06
C GLU B 206 -7.15 23.73 -0.51
N ASN B 207 -7.28 23.93 -1.82
CA ASN B 207 -7.39 25.27 -2.39
C ASN B 207 -8.82 25.71 -2.68
N ALA B 208 -9.75 24.76 -2.65
CA ALA B 208 -11.15 25.02 -3.03
C ALA B 208 -11.22 25.60 -4.44
N LEU B 209 -10.60 24.90 -5.39
CA LEU B 209 -10.51 25.33 -6.78
C LEU B 209 -11.87 25.18 -7.49
N THR B 210 -11.89 25.44 -8.79
CA THR B 210 -13.10 25.27 -9.60
C THR B 210 -12.80 24.46 -10.86
N SER B 211 -11.86 24.93 -11.69
CA SER B 211 -11.50 24.23 -12.91
C SER B 211 -10.02 24.38 -13.29
N LEU B 212 -9.57 23.56 -14.23
CA LEU B 212 -8.17 23.56 -14.68
C LEU B 212 -8.02 24.17 -16.07
N PRO B 213 -6.84 24.76 -16.36
CA PRO B 213 -6.54 25.33 -17.68
C PRO B 213 -6.58 24.30 -18.79
N ALA B 214 -6.76 24.76 -20.03
CA ALA B 214 -6.79 23.88 -21.19
C ALA B 214 -5.38 23.52 -21.63
N SER B 215 -4.43 24.39 -21.30
CA SER B 215 -3.04 24.17 -21.68
C SER B 215 -2.13 24.17 -20.47
N LEU B 216 -1.54 23.02 -20.16
CA LEU B 216 -0.59 22.91 -19.07
C LEU B 216 0.82 22.76 -19.66
N PRO B 217 1.85 22.99 -18.84
CA PRO B 217 3.25 22.78 -19.26
C PRO B 217 3.46 21.44 -19.96
N PRO B 218 4.08 21.46 -21.16
CA PRO B 218 4.29 20.27 -22.00
C PRO B 218 5.34 19.32 -21.45
N GLU B 219 5.76 19.51 -20.20
CA GLU B 219 6.72 18.62 -19.57
C GLU B 219 6.21 18.18 -18.21
N LEU B 220 5.02 18.67 -17.84
CA LEU B 220 4.40 18.33 -16.57
C LEU B 220 4.16 16.83 -16.43
N GLN B 221 4.71 16.23 -15.39
CA GLN B 221 4.59 14.79 -15.19
C GLN B 221 3.85 14.44 -13.89
N VAL B 222 3.80 15.40 -12.97
CA VAL B 222 3.12 15.19 -11.69
C VAL B 222 2.13 16.31 -11.41
N LEU B 223 0.84 15.96 -11.36
CA LEU B 223 -0.21 16.94 -11.08
C LEU B 223 -1.05 16.50 -9.88
N ASP B 224 -1.09 17.34 -8.85
CA ASP B 224 -1.85 17.03 -7.65
C ASP B 224 -2.88 18.13 -7.37
N VAL B 225 -4.16 17.80 -7.54
CA VAL B 225 -5.24 18.73 -7.26
C VAL B 225 -6.25 18.09 -6.31
N SER B 226 -5.75 17.31 -5.37
CA SER B 226 -6.61 16.60 -4.43
C SER B 226 -7.28 17.55 -3.44
N LYS B 227 -8.31 17.05 -2.77
CA LYS B 227 -8.98 17.75 -1.67
C LYS B 227 -9.56 19.12 -2.04
N ASN B 228 -9.76 19.37 -3.33
CA ASN B 228 -10.48 20.57 -3.76
C ASN B 228 -11.62 20.24 -4.74
N GLN B 229 -12.63 21.09 -4.76
CA GLN B 229 -13.86 20.80 -5.50
C GLN B 229 -13.77 21.18 -6.98
N ILE B 230 -13.71 20.16 -7.85
CA ILE B 230 -13.62 20.39 -9.28
C ILE B 230 -14.79 19.72 -10.00
N THR B 231 -15.34 20.39 -11.01
CA THR B 231 -16.45 19.85 -11.77
C THR B 231 -15.98 18.82 -12.80
N VAL B 232 -15.30 19.28 -13.84
CA VAL B 232 -14.83 18.40 -14.90
C VAL B 232 -13.42 18.78 -15.35
N LEU B 233 -12.52 17.79 -15.39
CA LEU B 233 -11.16 18.00 -15.86
C LEU B 233 -11.14 18.25 -17.37
N PRO B 234 -10.21 19.11 -17.82
CA PRO B 234 -10.08 19.44 -19.25
C PRO B 234 -9.71 18.23 -20.09
N GLU B 235 -10.18 18.19 -21.33
CA GLU B 235 -9.94 17.06 -22.21
C GLU B 235 -8.48 17.01 -22.63
N THR B 236 -7.97 18.13 -23.13
CA THR B 236 -6.58 18.20 -23.58
C THR B 236 -5.60 18.39 -22.42
N LEU B 237 -4.72 17.42 -22.23
CA LEU B 237 -3.72 17.47 -21.17
C LEU B 237 -2.38 16.99 -21.71
N PRO B 238 -1.28 17.54 -21.17
CA PRO B 238 0.06 17.11 -21.60
C PRO B 238 0.29 15.63 -21.31
N PRO B 239 0.63 14.86 -22.34
CA PRO B 239 0.86 13.41 -22.24
C PRO B 239 2.01 13.05 -21.30
N THR B 240 2.83 14.03 -20.93
CA THR B 240 3.95 13.80 -20.04
C THR B 240 3.49 13.47 -18.62
N ILE B 241 2.24 13.79 -18.31
CA ILE B 241 1.68 13.49 -16.99
C ILE B 241 1.61 11.98 -16.76
N THR B 242 2.31 11.51 -15.73
CA THR B 242 2.36 10.10 -15.42
C THR B 242 1.54 9.76 -14.17
N THR B 243 1.33 10.76 -13.33
CA THR B 243 0.54 10.58 -12.11
C THR B 243 -0.43 11.74 -11.92
N LEU B 244 -1.64 11.43 -11.45
CA LEU B 244 -2.68 12.43 -11.29
C LEU B 244 -3.57 12.13 -10.08
N ASP B 245 -3.57 13.04 -9.11
CA ASP B 245 -4.38 12.88 -7.91
C ASP B 245 -5.55 13.85 -7.92
N VAL B 246 -6.74 13.36 -8.25
CA VAL B 246 -7.95 14.16 -8.26
C VAL B 246 -8.94 13.65 -7.21
N SER B 247 -8.41 13.06 -6.15
CA SER B 247 -9.25 12.50 -5.09
C SER B 247 -9.96 13.59 -4.30
N ARG B 248 -11.07 13.23 -3.67
CA ARG B 248 -11.85 14.15 -2.85
C ARG B 248 -12.32 15.38 -3.61
N ASN B 249 -12.84 15.14 -4.81
CA ASN B 249 -13.42 16.21 -5.63
C ASN B 249 -14.92 16.03 -5.78
N ALA B 250 -15.49 16.75 -6.73
CA ALA B 250 -16.89 16.60 -7.10
C ALA B 250 -16.99 16.31 -8.59
N LEU B 251 -16.03 15.54 -9.09
CA LEU B 251 -15.93 15.25 -10.52
C LEU B 251 -17.06 14.33 -10.98
N THR B 252 -17.58 14.58 -12.16
CA THR B 252 -18.71 13.81 -12.69
C THR B 252 -18.31 12.90 -13.84
N ASN B 253 -17.49 13.42 -14.76
CA ASN B 253 -17.04 12.64 -15.90
C ASN B 253 -15.54 12.77 -16.15
N LEU B 254 -14.82 11.67 -16.03
CA LEU B 254 -13.38 11.65 -16.30
C LEU B 254 -13.12 11.91 -17.78
N PRO B 255 -12.00 12.58 -18.11
CA PRO B 255 -11.69 12.97 -19.49
C PRO B 255 -11.57 11.77 -20.43
N GLU B 256 -12.00 11.95 -21.67
CA GLU B 256 -11.94 10.90 -22.68
C GLU B 256 -10.51 10.56 -23.05
N ASN B 257 -9.73 11.60 -23.37
CA ASN B 257 -8.33 11.40 -23.73
C ASN B 257 -7.38 11.62 -22.56
N LEU B 258 -7.06 10.52 -21.87
CA LEU B 258 -6.10 10.55 -20.76
C LEU B 258 -4.69 10.73 -21.32
N PRO B 259 -3.77 11.28 -20.50
CA PRO B 259 -2.37 11.39 -20.89
C PRO B 259 -1.78 10.04 -21.34
N ALA B 260 -0.95 10.07 -22.37
CA ALA B 260 -0.40 8.84 -22.94
C ALA B 260 0.51 8.11 -21.97
N ALA B 261 1.25 8.86 -21.16
CA ALA B 261 2.22 8.30 -20.22
C ALA B 261 1.64 8.10 -18.84
N LEU B 262 0.31 8.02 -18.74
CA LEU B 262 -0.35 7.89 -17.45
C LEU B 262 0.00 6.55 -16.79
N GLN B 263 0.47 6.62 -15.54
CA GLN B 263 0.84 5.43 -14.80
C GLN B 263 -0.17 5.16 -13.70
N ILE B 264 -0.26 6.07 -12.74
CA ILE B 264 -1.18 5.92 -11.62
C ILE B 264 -2.11 7.11 -11.49
N MET B 265 -3.42 6.85 -11.49
CA MET B 265 -4.41 7.90 -11.33
C MET B 265 -5.39 7.53 -10.21
N GLN B 266 -5.58 8.44 -9.26
CA GLN B 266 -6.51 8.19 -8.16
C GLN B 266 -7.65 9.18 -8.17
N ALA B 267 -8.85 8.71 -8.52
CA ALA B 267 -10.03 9.56 -8.59
C ALA B 267 -11.12 9.09 -7.62
N SER B 268 -10.74 8.94 -6.35
CA SER B 268 -11.68 8.47 -5.33
C SER B 268 -12.43 9.63 -4.68
N ARG B 269 -13.41 9.29 -3.85
CA ARG B 269 -14.19 10.27 -3.10
C ARG B 269 -14.86 11.31 -3.98
N ASN B 270 -15.28 10.90 -5.17
CA ASN B 270 -15.94 11.81 -6.12
C ASN B 270 -17.39 11.43 -6.38
N ASN B 271 -17.94 11.97 -7.47
CA ASN B 271 -19.31 11.67 -7.86
C ASN B 271 -19.39 11.07 -9.25
N LEU B 272 -18.66 9.97 -9.45
CA LEU B 272 -18.65 9.26 -10.72
C LEU B 272 -19.79 8.25 -10.81
N VAL B 273 -20.49 8.26 -11.94
CA VAL B 273 -21.55 7.29 -12.17
C VAL B 273 -21.11 6.27 -13.23
N ARG B 274 -20.49 6.77 -14.28
CA ARG B 274 -19.99 5.89 -15.33
C ARG B 274 -18.56 6.26 -15.73
N LEU B 275 -17.87 5.31 -16.35
CA LEU B 275 -16.51 5.53 -16.81
C LEU B 275 -16.50 6.04 -18.24
N PRO B 276 -15.49 6.84 -18.60
CA PRO B 276 -15.28 7.28 -19.98
C PRO B 276 -15.31 6.10 -20.93
N GLU B 277 -15.91 6.30 -22.10
CA GLU B 277 -16.11 5.24 -23.08
C GLU B 277 -14.80 4.78 -23.69
N SER B 278 -13.87 5.72 -23.84
CA SER B 278 -12.62 5.49 -24.55
C SER B 278 -11.59 4.75 -23.70
N LEU B 279 -12.03 3.70 -23.01
CA LEU B 279 -11.12 2.77 -22.34
C LEU B 279 -11.32 1.36 -22.89
N PRO B 280 -11.04 1.16 -24.21
CA PRO B 280 -11.23 -0.08 -24.96
C PRO B 280 -9.94 -0.88 -24.93
N HIS B 281 -9.00 -0.52 -25.80
CA HIS B 281 -7.60 -0.70 -25.50
C HIS B 281 -7.07 0.70 -25.24
N PHE B 282 -6.65 0.96 -24.01
CA PHE B 282 -5.86 2.16 -23.73
C PHE B 282 -4.44 1.69 -23.51
N ARG B 283 -3.63 1.78 -24.56
CA ARG B 283 -2.23 1.42 -24.45
C ARG B 283 -1.58 2.25 -23.35
N GLY B 284 -0.94 1.54 -22.42
CA GLY B 284 -0.19 2.20 -21.37
C GLY B 284 1.29 2.15 -21.70
N GLU B 285 1.87 3.34 -21.93
CA GLU B 285 3.29 3.46 -22.18
C GLU B 285 4.07 2.82 -21.05
N GLY B 286 3.67 3.16 -19.82
CA GLY B 286 4.31 2.67 -18.61
C GLY B 286 4.63 1.18 -18.62
N PRO B 287 5.82 0.83 -18.12
CA PRO B 287 6.23 -0.58 -18.03
C PRO B 287 5.32 -1.28 -17.04
N GLN B 288 5.12 -0.61 -15.91
CA GLN B 288 4.11 -0.99 -14.94
C GLN B 288 2.73 -0.72 -15.53
N PRO B 289 1.73 -1.55 -15.18
CA PRO B 289 0.42 -1.37 -15.80
C PRO B 289 -0.21 -0.07 -15.33
N THR B 290 -1.17 0.45 -16.07
CA THR B 290 -1.78 1.72 -15.68
C THR B 290 -2.99 1.49 -14.80
N ARG B 291 -2.93 2.00 -13.57
CA ARG B 291 -4.01 1.83 -12.62
C ARG B 291 -4.82 3.12 -12.45
N ILE B 292 -6.14 2.97 -12.51
CA ILE B 292 -7.05 4.07 -12.25
C ILE B 292 -7.90 3.75 -11.03
N ILE B 293 -7.57 4.38 -9.90
CA ILE B 293 -8.27 4.10 -8.65
C ILE B 293 -9.48 5.00 -8.45
N VAL B 294 -10.67 4.38 -8.45
CA VAL B 294 -11.90 5.12 -8.26
C VAL B 294 -12.77 4.50 -7.16
N GLU B 295 -12.79 5.13 -5.99
CA GLU B 295 -13.53 4.60 -4.86
C GLU B 295 -14.55 5.60 -4.32
N TYR B 296 -15.54 5.08 -3.60
CA TYR B 296 -16.58 5.90 -2.98
C TYR B 296 -17.33 6.77 -3.99
N ASN B 297 -17.59 6.22 -5.17
CA ASN B 297 -18.35 6.91 -6.20
C ASN B 297 -19.62 6.14 -6.55
N PRO B 298 -20.75 6.85 -6.63
CA PRO B 298 -22.04 6.22 -6.96
C PRO B 298 -22.07 5.69 -8.38
N PHE B 299 -21.39 4.58 -8.62
CA PHE B 299 -21.34 3.96 -9.94
C PHE B 299 -22.62 3.20 -10.26
N SER B 300 -22.95 3.13 -11.55
CA SER B 300 -24.09 2.35 -12.01
C SER B 300 -23.71 0.88 -12.05
N GLU B 301 -24.70 0.01 -11.91
CA GLU B 301 -24.48 -1.43 -11.93
C GLU B 301 -23.87 -1.87 -13.26
N ARG B 302 -24.23 -1.18 -14.34
CA ARG B 302 -23.76 -1.53 -15.67
C ARG B 302 -22.25 -1.38 -15.80
N THR B 303 -21.71 -0.30 -15.24
CA THR B 303 -20.28 -0.02 -15.34
C THR B 303 -19.44 -0.98 -14.50
N ILE B 304 -19.89 -1.23 -13.27
CA ILE B 304 -19.19 -2.15 -12.39
C ILE B 304 -19.19 -3.55 -12.98
N GLN B 305 -20.32 -3.96 -13.54
CA GLN B 305 -20.47 -5.28 -14.13
C GLN B 305 -19.62 -5.43 -15.39
N ASN B 306 -19.59 -4.39 -16.22
CA ASN B 306 -18.86 -4.46 -17.48
C ASN B 306 -17.36 -4.38 -17.32
N MET B 307 -16.88 -3.42 -16.54
CA MET B 307 -15.44 -3.22 -16.35
C MET B 307 -14.80 -4.40 -15.62
N GLN B 308 -15.48 -4.91 -14.59
CA GLN B 308 -14.97 -6.04 -13.82
C GLN B 308 -14.93 -7.30 -14.67
N ARG B 309 -15.95 -7.47 -15.51
CA ARG B 309 -15.99 -8.60 -16.44
C ARG B 309 -14.90 -8.42 -17.49
N LEU B 310 -14.62 -7.16 -17.82
CA LEU B 310 -13.57 -6.84 -18.77
C LEU B 310 -12.19 -7.09 -18.17
N MET B 311 -12.13 -7.05 -16.84
CA MET B 311 -10.89 -7.35 -16.13
C MET B 311 -10.63 -8.86 -16.13
N SER B 312 -11.71 -9.63 -16.09
CA SER B 312 -11.61 -11.08 -16.06
C SER B 312 -11.05 -11.62 -17.37
N SER B 313 -11.23 -10.86 -18.44
CA SER B 313 -10.72 -11.25 -19.75
C SER B 313 -9.19 -11.09 -19.80
N VAL B 314 -8.52 -12.15 -20.24
CA VAL B 314 -7.06 -12.14 -20.32
C VAL B 314 -6.58 -11.22 -21.45
N ASP B 315 -7.36 -11.17 -22.52
CA ASP B 315 -7.01 -10.38 -23.70
C ASP B 315 -7.12 -8.88 -23.49
N TYR B 316 -7.65 -8.49 -22.32
CA TYR B 316 -7.82 -7.08 -22.01
C TYR B 316 -6.47 -6.40 -21.77
N GLN B 317 -6.21 -5.34 -22.53
CA GLN B 317 -4.91 -4.66 -22.46
C GLN B 317 -5.07 -3.22 -21.98
N GLY B 318 -6.28 -2.87 -21.52
CA GLY B 318 -6.56 -1.53 -21.05
C GLY B 318 -6.00 -1.28 -19.67
N PRO B 319 -6.36 -0.14 -19.06
CA PRO B 319 -5.86 0.26 -17.75
C PRO B 319 -6.55 -0.50 -16.62
N ARG B 320 -6.02 -0.37 -15.41
CA ARG B 320 -6.58 -1.06 -14.25
C ARG B 320 -7.52 -0.15 -13.46
N VAL B 321 -8.79 -0.51 -13.44
CA VAL B 321 -9.78 0.25 -12.69
C VAL B 321 -10.12 -0.47 -11.39
N LEU B 322 -9.73 0.13 -10.28
CA LEU B 322 -9.96 -0.45 -8.96
C LEU B 322 -11.13 0.22 -8.27
N PHE B 323 -12.34 -0.31 -8.47
CA PHE B 323 -13.53 0.24 -7.84
C PHE B 323 -13.47 0.03 -6.34
N ALA B 324 -13.01 -1.15 -5.94
CA ALA B 324 -12.84 -1.47 -4.53
C ALA B 324 -11.60 -2.35 -4.37
N MET B 325 -11.04 -2.37 -3.16
CA MET B 325 -9.83 -3.14 -2.91
C MET B 325 -10.08 -4.31 -1.96
N GLY B 326 -9.86 -5.53 -2.44
CA GLY B 326 -9.46 -5.77 -3.81
C GLY B 326 -10.56 -6.47 -4.58
N ASP B 327 -10.70 -7.77 -4.34
CA ASP B 327 -11.76 -8.56 -4.98
C ASP B 327 -13.11 -8.29 -4.34
N PHE B 328 -14.17 -8.42 -5.14
CA PHE B 328 -15.53 -8.23 -4.65
C PHE B 328 -16.54 -8.88 -5.59
N SER B 329 -17.82 -8.77 -5.24
CA SER B 329 -18.89 -9.28 -6.08
C SER B 329 -20.13 -8.40 -5.95
N ILE B 330 -20.75 -8.08 -7.09
CA ILE B 330 -21.93 -7.24 -7.10
C ILE B 330 -23.11 -7.97 -6.50
N VAL B 331 -23.82 -7.30 -5.60
CA VAL B 331 -25.01 -7.87 -4.99
C VAL B 331 -26.25 -7.09 -5.40
N ARG B 332 -27.26 -7.81 -5.89
CA ARG B 332 -28.49 -7.20 -6.35
C ARG B 332 -29.56 -7.29 -5.27
N VAL B 333 -29.56 -6.32 -4.36
CA VAL B 333 -30.54 -6.29 -3.29
C VAL B 333 -31.74 -5.42 -3.67
N THR B 334 -32.94 -5.98 -3.52
CA THR B 334 -34.16 -5.27 -3.88
C THR B 334 -34.71 -4.47 -2.71
N ARG B 335 -34.73 -3.15 -2.88
CA ARG B 335 -35.25 -2.24 -1.86
C ARG B 335 -36.76 -2.42 -1.72
N PRO B 336 -37.32 -2.05 -0.55
CA PRO B 336 -38.77 -2.03 -0.42
C PRO B 336 -39.37 -0.94 -1.31
N LEU B 337 -40.65 -1.03 -1.62
CA LEU B 337 -41.30 -0.11 -2.55
C LEU B 337 -41.22 1.35 -2.13
N HIS B 338 -41.75 1.65 -0.96
CA HIS B 338 -41.85 3.04 -0.49
C HIS B 338 -40.50 3.73 -0.33
N GLN B 339 -39.47 2.95 -0.05
CA GLN B 339 -38.13 3.51 0.13
C GLN B 339 -37.49 3.91 -1.19
N ALA B 340 -37.90 3.24 -2.26
CA ALA B 340 -37.37 3.54 -3.60
C ALA B 340 -38.06 4.78 -4.18
N VAL B 341 -39.19 5.15 -3.60
CA VAL B 341 -39.97 6.28 -4.08
C VAL B 341 -39.33 7.61 -3.67
N GLN B 342 -38.78 7.65 -2.46
CA GLN B 342 -38.15 8.87 -1.95
C GLN B 342 -36.89 9.23 -2.74
N GLY B 343 -36.40 8.29 -3.54
CA GLY B 343 -35.28 8.55 -4.42
C GLY B 343 -35.70 9.52 -5.52
N TRP B 344 -36.99 9.53 -5.83
CA TRP B 344 -37.54 10.44 -6.82
C TRP B 344 -38.30 11.58 -6.12
N LEU B 345 -38.79 11.30 -4.93
CA LEU B 345 -39.48 12.31 -4.13
C LEU B 345 -38.56 12.84 -3.03
N THR B 346 -37.89 13.95 -3.31
CA THR B 346 -36.98 14.55 -2.34
C THR B 346 -37.73 15.23 -1.21
N SER B 347 -38.64 16.14 -1.58
CA SER B 347 -39.45 16.84 -0.59
C SER B 347 -40.85 16.26 -0.54
N LEU B 348 -41.19 15.62 0.58
CA LEU B 348 -42.48 14.96 0.73
C LEU B 348 -42.84 14.72 2.19
N GLU B 349 -44.13 14.60 2.47
CA GLU B 349 -44.62 14.39 3.84
C GLU B 349 -44.85 12.90 4.10
N GLU B 350 -44.91 12.52 5.38
CA GLU B 350 -45.11 11.13 5.77
C GLU B 350 -46.44 10.57 5.26
N GLU B 351 -47.39 11.46 4.98
CA GLU B 351 -48.69 11.05 4.46
C GLU B 351 -48.55 10.33 3.12
N ASP B 352 -47.56 10.73 2.35
CA ASP B 352 -47.25 10.07 1.08
C ASP B 352 -46.63 8.70 1.34
N VAL B 353 -45.75 8.64 2.32
CA VAL B 353 -45.06 7.41 2.67
C VAL B 353 -46.03 6.30 3.09
N ASN B 354 -46.99 6.66 3.94
CA ASN B 354 -47.97 5.70 4.43
C ASN B 354 -48.85 5.14 3.31
N GLN B 355 -49.01 5.91 2.24
CA GLN B 355 -49.77 5.47 1.09
C GLN B 355 -48.95 4.51 0.24
N TRP B 356 -47.70 4.87 -0.01
CA TRP B 356 -46.80 4.03 -0.80
C TRP B 356 -46.53 2.69 -0.10
N ARG B 357 -46.48 2.73 1.23
CA ARG B 357 -46.24 1.52 2.02
C ARG B 357 -47.49 0.64 1.98
N ALA B 358 -48.64 1.25 1.73
CA ALA B 358 -49.91 0.53 1.63
C ALA B 358 -50.05 -0.07 0.24
N PHE B 359 -49.43 0.57 -0.75
CA PHE B 359 -49.47 0.08 -2.13
C PHE B 359 -48.52 -1.10 -2.30
N GLU B 360 -47.66 -1.29 -1.31
CA GLU B 360 -46.67 -2.36 -1.33
C GLU B 360 -47.32 -3.74 -1.19
N ALA B 361 -48.53 -3.75 -0.65
CA ALA B 361 -49.24 -5.01 -0.39
C ALA B 361 -49.81 -5.65 -1.66
N GLU B 362 -50.06 -4.83 -2.68
CA GLU B 362 -50.68 -5.32 -3.91
C GLU B 362 -49.71 -6.19 -4.72
N ALA B 363 -50.26 -6.96 -5.66
CA ALA B 363 -49.45 -7.82 -6.51
C ALA B 363 -48.59 -7.00 -7.46
N ASN B 364 -47.55 -7.64 -8.00
CA ASN B 364 -46.58 -6.99 -8.88
C ASN B 364 -45.97 -5.75 -8.24
N ALA B 365 -45.78 -5.80 -6.92
CA ALA B 365 -45.28 -4.66 -6.16
C ALA B 365 -43.78 -4.48 -6.31
N ALA B 366 -43.02 -5.52 -5.99
CA ALA B 366 -41.57 -5.46 -6.00
C ALA B 366 -41.00 -5.16 -7.38
N ALA B 367 -41.73 -5.54 -8.41
CA ALA B 367 -41.28 -5.34 -9.79
C ALA B 367 -41.07 -3.87 -10.12
N PHE B 368 -42.00 -3.03 -9.68
CA PHE B 368 -41.92 -1.60 -9.93
C PHE B 368 -40.90 -0.94 -9.00
N SER B 369 -40.68 -1.55 -7.85
CA SER B 369 -39.70 -1.04 -6.89
C SER B 369 -38.30 -1.11 -7.47
N GLY B 370 -38.01 -2.21 -8.15
CA GLY B 370 -36.72 -2.40 -8.79
C GLY B 370 -36.61 -1.56 -10.06
N PHE B 371 -37.76 -1.22 -10.64
CA PHE B 371 -37.79 -0.42 -11.85
C PHE B 371 -37.28 0.99 -11.60
N LEU B 372 -37.73 1.60 -10.50
CA LEU B 372 -37.33 2.95 -10.15
C LEU B 372 -35.84 3.03 -9.84
N ASP B 373 -35.30 1.93 -9.30
CA ASP B 373 -33.88 1.86 -8.95
C ASP B 373 -33.00 1.77 -10.19
N TYR B 374 -33.32 0.83 -11.08
CA TYR B 374 -32.57 0.68 -12.32
C TYR B 374 -32.68 1.90 -13.22
N LEU B 375 -33.86 2.54 -13.19
CA LEU B 375 -34.09 3.75 -13.98
C LEU B 375 -33.28 4.91 -13.42
N GLY B 376 -33.14 4.95 -12.10
CA GLY B 376 -32.42 6.01 -11.44
C GLY B 376 -30.94 5.70 -11.20
N ASP B 377 -30.49 4.58 -11.75
CA ASP B 377 -29.09 4.19 -11.61
C ASP B 377 -28.31 4.48 -12.88
N THR B 378 -28.39 5.71 -13.36
CA THR B 378 -27.61 6.15 -14.50
C THR B 378 -27.03 7.53 -14.23
N GLN B 379 -26.51 8.17 -15.27
CA GLN B 379 -25.92 9.50 -15.14
C GLN B 379 -26.94 10.61 -15.43
N ASN B 380 -27.63 10.50 -16.56
CA ASN B 380 -28.53 11.55 -17.02
C ASN B 380 -29.93 11.50 -16.42
N THR B 381 -30.33 10.34 -15.91
CA THR B 381 -31.65 10.19 -15.30
C THR B 381 -31.66 10.68 -13.86
N ARG B 382 -30.53 11.21 -13.41
CA ARG B 382 -30.44 11.79 -12.08
C ARG B 382 -30.49 13.31 -12.17
N HIS B 383 -30.69 13.81 -13.39
CA HIS B 383 -30.83 15.24 -13.63
C HIS B 383 -32.12 15.74 -13.01
N PRO B 384 -32.05 16.87 -12.28
CA PRO B 384 -33.16 17.41 -11.50
C PRO B 384 -34.45 17.62 -12.28
N ASP B 385 -34.35 18.00 -13.55
CA ASP B 385 -35.53 18.28 -14.35
C ASP B 385 -36.23 16.99 -14.81
N PHE B 386 -35.44 15.96 -15.09
CA PHE B 386 -36.00 14.65 -15.41
C PHE B 386 -36.56 14.02 -14.15
N LYS B 387 -35.92 14.31 -13.02
CA LYS B 387 -36.39 13.85 -11.72
C LYS B 387 -37.74 14.48 -11.41
N GLU B 388 -37.93 15.71 -11.87
CA GLU B 388 -39.18 16.42 -11.68
C GLU B 388 -40.30 15.76 -12.49
N GLN B 389 -39.99 15.37 -13.72
CA GLN B 389 -40.97 14.73 -14.59
C GLN B 389 -41.44 13.40 -14.05
N VAL B 390 -40.49 12.58 -13.59
CA VAL B 390 -40.81 11.28 -13.00
C VAL B 390 -41.58 11.46 -11.70
N SER B 391 -41.21 12.48 -10.93
CA SER B 391 -41.90 12.81 -9.69
C SER B 391 -43.35 13.18 -9.97
N ALA B 392 -43.56 13.93 -11.04
CA ALA B 392 -44.91 14.33 -11.45
C ALA B 392 -45.68 13.12 -11.93
N TRP B 393 -44.98 12.21 -12.61
CA TRP B 393 -45.61 10.98 -13.09
C TRP B 393 -45.97 10.09 -11.90
N LEU B 394 -45.08 10.04 -10.90
CA LEU B 394 -45.36 9.29 -9.68
C LEU B 394 -46.43 9.95 -8.84
N MET B 395 -46.60 11.25 -9.01
CA MET B 395 -47.59 12.01 -8.26
C MET B 395 -49.00 11.61 -8.67
N ARG B 396 -49.22 11.45 -9.97
CA ARG B 396 -50.51 11.02 -10.47
C ARG B 396 -50.84 9.60 -10.03
N LEU B 397 -49.82 8.74 -9.98
CA LEU B 397 -50.00 7.34 -9.64
C LEU B 397 -50.56 7.14 -8.21
N ALA B 398 -50.07 7.93 -7.27
CA ALA B 398 -50.58 7.91 -5.89
C ALA B 398 -52.11 8.02 -5.85
N GLU B 399 -52.66 9.03 -6.52
CA GLU B 399 -54.11 9.18 -6.66
C GLU B 399 -54.71 8.07 -7.52
N ASP B 400 -54.22 7.92 -8.74
CA ASP B 400 -54.89 7.10 -9.75
C ASP B 400 -55.37 5.72 -9.31
N SER B 401 -54.47 4.94 -8.70
CA SER B 401 -54.73 3.54 -8.33
C SER B 401 -54.94 2.62 -9.55
N ALA B 402 -55.93 2.96 -10.36
CA ALA B 402 -56.31 2.16 -11.52
C ALA B 402 -55.16 1.94 -12.50
N LEU B 403 -54.36 2.99 -12.73
CA LEU B 403 -53.24 2.91 -13.68
C LEU B 403 -52.06 2.15 -13.10
N ARG B 404 -51.83 2.30 -11.80
CA ARG B 404 -50.72 1.64 -11.13
C ARG B 404 -50.73 0.13 -11.35
N GLU B 405 -51.93 -0.46 -11.33
CA GLU B 405 -52.09 -1.89 -11.55
C GLU B 405 -51.57 -2.29 -12.92
N THR B 406 -51.83 -1.45 -13.91
CA THR B 406 -51.38 -1.70 -15.27
C THR B 406 -49.88 -1.39 -15.40
N VAL B 407 -49.42 -0.43 -14.62
CA VAL B 407 -48.01 -0.07 -14.60
C VAL B 407 -47.19 -1.16 -13.90
N PHE B 408 -47.75 -1.73 -12.84
CA PHE B 408 -47.06 -2.76 -12.07
C PHE B 408 -46.96 -4.07 -12.85
N ILE B 409 -47.96 -4.36 -13.66
CA ILE B 409 -47.99 -5.61 -14.41
C ILE B 409 -47.06 -5.58 -15.62
N ILE B 410 -46.73 -4.38 -16.08
CA ILE B 410 -45.80 -4.23 -17.20
C ILE B 410 -44.37 -4.11 -16.69
N ALA B 411 -44.23 -3.91 -15.39
CA ALA B 411 -42.92 -3.90 -14.75
C ALA B 411 -42.49 -5.32 -14.41
N MET B 412 -43.47 -6.20 -14.26
CA MET B 412 -43.22 -7.60 -13.96
C MET B 412 -42.86 -8.37 -15.22
N ASN B 413 -43.59 -8.09 -16.30
CA ASN B 413 -43.34 -8.76 -17.58
C ASN B 413 -42.01 -8.34 -18.20
N ALA B 414 -41.48 -7.21 -17.76
CA ALA B 414 -40.24 -6.67 -18.32
C ALA B 414 -39.01 -7.23 -17.59
N THR B 415 -39.21 -7.69 -16.36
CA THR B 415 -38.09 -8.18 -15.55
C THR B 415 -37.95 -9.69 -15.60
N ILE B 416 -38.99 -10.38 -16.05
CA ILE B 416 -38.95 -11.83 -16.14
C ILE B 416 -38.17 -12.30 -17.37
N SER B 417 -38.18 -11.50 -18.42
CA SER B 417 -37.42 -11.81 -19.62
C SER B 417 -35.95 -11.51 -19.42
N CYS B 418 -35.61 -10.22 -19.41
CA CYS B 418 -34.25 -9.77 -19.16
C CYS B 418 -34.24 -8.53 -18.27
N GLU B 419 -33.37 -8.52 -17.27
CA GLU B 419 -33.30 -7.41 -16.32
C GLU B 419 -32.84 -6.12 -17.00
N ASP B 420 -32.12 -6.26 -18.12
CA ASP B 420 -31.60 -5.12 -18.86
C ASP B 420 -32.72 -4.27 -19.47
N ARG B 421 -33.75 -4.94 -19.97
CA ARG B 421 -34.86 -4.25 -20.63
C ARG B 421 -35.67 -3.41 -19.64
N VAL B 422 -35.15 -2.24 -19.31
CA VAL B 422 -35.80 -1.33 -18.38
C VAL B 422 -36.31 -0.09 -19.11
N THR B 423 -35.70 0.19 -20.26
CA THR B 423 -36.08 1.37 -21.04
C THR B 423 -37.37 1.13 -21.82
N LEU B 424 -37.61 -0.11 -22.21
CA LEU B 424 -38.82 -0.46 -22.97
C LEU B 424 -40.04 -0.38 -22.06
N ALA B 425 -39.86 -0.76 -20.79
CA ALA B 425 -40.93 -0.72 -19.82
C ALA B 425 -41.36 0.72 -19.54
N TYR B 426 -40.38 1.62 -19.47
CA TYR B 426 -40.66 3.02 -19.23
C TYR B 426 -41.51 3.63 -20.34
N HIS B 427 -41.26 3.17 -21.56
CA HIS B 427 -42.03 3.65 -22.71
C HIS B 427 -43.45 3.10 -22.69
N GLN B 428 -43.59 1.88 -22.19
CA GLN B 428 -44.89 1.21 -22.15
C GLN B 428 -45.70 1.63 -20.94
N MET B 429 -45.07 2.39 -20.04
CA MET B 429 -45.77 2.92 -18.87
C MET B 429 -46.40 4.27 -19.20
N GLN B 430 -45.70 5.05 -20.02
CA GLN B 430 -46.24 6.33 -20.48
C GLN B 430 -47.33 6.10 -21.52
N GLU B 431 -47.22 4.98 -22.22
CA GLU B 431 -48.23 4.59 -23.20
C GLU B 431 -49.47 4.09 -22.46
N ALA B 432 -49.25 3.57 -21.25
CA ALA B 432 -50.34 3.04 -20.44
C ALA B 432 -51.29 4.15 -19.98
N THR B 433 -50.78 5.37 -19.89
CA THR B 433 -51.59 6.52 -19.51
C THR B 433 -52.64 6.79 -20.58
N LEU B 434 -52.22 6.68 -21.84
CA LEU B 434 -53.12 6.90 -22.97
C LEU B 434 -54.04 5.70 -23.21
N VAL B 435 -53.89 4.66 -22.39
CA VAL B 435 -54.77 3.50 -22.46
C VAL B 435 -55.99 3.72 -21.58
N HIS B 436 -55.74 4.20 -20.36
CA HIS B 436 -56.82 4.48 -19.42
C HIS B 436 -57.67 5.65 -19.88
N ASP B 437 -57.03 6.72 -20.32
CA ASP B 437 -57.74 7.91 -20.80
C ASP B 437 -58.62 7.56 -21.99
N ALA B 438 -58.11 6.70 -22.87
CA ALA B 438 -58.88 6.24 -24.02
C ALA B 438 -60.05 5.37 -23.58
N GLU B 439 -59.95 4.82 -22.37
CA GLU B 439 -61.00 3.97 -21.81
C GLU B 439 -61.87 4.75 -20.84
N ARG B 440 -61.32 5.84 -20.29
CA ARG B 440 -62.07 6.70 -19.38
C ARG B 440 -62.92 7.72 -20.14
N GLY B 441 -62.87 7.64 -21.47
CA GLY B 441 -63.64 8.55 -22.30
C GLY B 441 -63.06 9.94 -22.33
N ALA B 442 -61.73 10.00 -22.33
CA ALA B 442 -61.03 11.29 -22.37
C ALA B 442 -60.90 11.79 -23.80
N PHE B 443 -61.40 11.00 -24.74
CA PHE B 443 -61.32 11.40 -26.15
C PHE B 443 -62.72 11.57 -26.76
N ASP B 444 -63.26 12.78 -26.66
CA ASP B 444 -64.56 13.07 -27.22
C ASP B 444 -64.48 13.30 -28.72
N SER B 445 -64.26 12.22 -29.46
CA SER B 445 -64.13 12.26 -30.92
C SER B 445 -63.01 13.18 -31.38
N HIS B 446 -62.04 13.41 -30.51
CA HIS B 446 -60.87 14.23 -30.86
C HIS B 446 -59.78 13.34 -31.42
N LEU B 447 -60.09 12.67 -32.53
CA LEU B 447 -59.16 11.74 -33.16
C LEU B 447 -57.93 12.47 -33.70
N ALA B 448 -58.15 13.63 -34.30
CA ALA B 448 -57.07 14.43 -34.87
C ALA B 448 -56.02 14.83 -33.83
N GLU B 449 -56.45 14.90 -32.57
CA GLU B 449 -55.55 15.29 -31.49
C GLU B 449 -54.81 14.08 -30.93
N LEU B 450 -55.47 12.92 -30.92
CA LEU B 450 -54.89 11.72 -30.35
C LEU B 450 -53.99 10.96 -31.33
N ILE B 451 -54.25 11.10 -32.62
CA ILE B 451 -53.40 10.48 -33.63
C ILE B 451 -52.02 11.14 -33.68
N MET B 452 -51.95 12.38 -33.18
CA MET B 452 -50.68 13.09 -33.09
C MET B 452 -49.86 12.52 -31.95
N ALA B 453 -50.51 12.28 -30.82
CA ALA B 453 -49.91 11.49 -29.75
C ALA B 453 -49.69 10.10 -30.31
N GLY B 454 -50.44 9.79 -31.35
CA GLY B 454 -50.35 8.49 -31.98
C GLY B 454 -49.10 8.30 -32.80
N ARG B 455 -48.69 9.35 -33.49
CA ARG B 455 -47.49 9.26 -34.31
C ARG B 455 -46.23 9.36 -33.46
N GLU B 456 -46.32 10.10 -32.36
CA GLU B 456 -45.21 10.29 -31.44
C GLU B 456 -44.81 8.99 -30.74
N ILE B 457 -45.79 8.24 -30.24
CA ILE B 457 -45.52 6.94 -29.63
C ILE B 457 -44.86 6.02 -30.65
N PHE B 458 -45.31 6.12 -31.90
CA PHE B 458 -44.70 5.37 -32.99
C PHE B 458 -43.25 5.80 -33.18
N ARG B 459 -43.01 7.10 -33.09
CA ARG B 459 -41.66 7.64 -33.21
C ARG B 459 -40.79 7.18 -32.05
N LEU B 460 -41.34 7.25 -30.85
CA LEU B 460 -40.62 6.83 -29.64
C LEU B 460 -40.31 5.33 -29.67
N GLU B 461 -41.18 4.57 -30.32
CA GLU B 461 -40.92 3.14 -30.51
C GLU B 461 -39.73 2.93 -31.43
N GLN B 462 -39.61 3.78 -32.44
CA GLN B 462 -38.49 3.70 -33.37
C GLN B 462 -37.21 4.17 -32.71
N ILE B 463 -37.35 5.09 -31.76
CA ILE B 463 -36.21 5.57 -30.98
C ILE B 463 -35.65 4.43 -30.12
N GLU B 464 -36.56 3.69 -29.48
CA GLU B 464 -36.18 2.54 -28.68
C GLU B 464 -35.48 1.48 -29.52
N SER B 465 -35.92 1.34 -30.77
CA SER B 465 -35.32 0.41 -31.71
C SER B 465 -33.91 0.85 -32.09
N LEU B 466 -33.70 2.16 -32.12
CA LEU B 466 -32.40 2.72 -32.42
C LEU B 466 -31.50 2.67 -31.19
N ALA B 467 -32.10 2.81 -30.02
CA ALA B 467 -31.36 2.79 -28.76
C ALA B 467 -30.87 1.40 -28.43
N ARG B 468 -31.60 0.39 -28.88
CA ARG B 468 -31.25 -1.01 -28.62
C ARG B 468 -29.99 -1.41 -29.38
N GLU B 469 -29.84 -0.88 -30.59
CA GLU B 469 -28.69 -1.22 -31.42
C GLU B 469 -27.50 -0.30 -31.18
N LYS B 470 -27.75 0.79 -30.45
CA LYS B 470 -26.70 1.75 -30.13
C LYS B 470 -25.89 1.27 -28.92
N VAL B 471 -26.54 0.49 -28.06
CA VAL B 471 -25.90 -0.05 -26.86
C VAL B 471 -24.82 -1.06 -27.20
N LYS B 472 -25.04 -1.81 -28.27
CA LYS B 472 -24.16 -2.91 -28.67
C LYS B 472 -22.72 -2.49 -29.00
N ARG B 473 -22.50 -1.19 -29.18
CA ARG B 473 -21.16 -0.69 -29.47
C ARG B 473 -20.66 0.21 -28.36
N LEU B 474 -21.27 0.10 -27.18
CA LEU B 474 -20.84 0.89 -26.03
C LEU B 474 -20.78 0.09 -24.73
N PHE B 475 -19.93 0.53 -23.80
CA PHE B 475 -19.65 -0.22 -22.59
C PHE B 475 -20.39 0.26 -21.34
N PHE B 476 -20.37 1.58 -21.11
CA PHE B 476 -20.80 2.12 -19.82
C PHE B 476 -22.14 2.87 -19.88
N ILE B 477 -22.44 3.44 -21.03
CA ILE B 477 -23.69 4.17 -21.22
C ILE B 477 -24.89 3.23 -21.12
N ASP B 478 -25.90 3.62 -20.35
CA ASP B 478 -27.09 2.81 -20.19
C ASP B 478 -28.00 2.98 -21.41
N GLU B 479 -28.92 2.02 -21.60
CA GLU B 479 -29.83 2.08 -22.74
C GLU B 479 -30.83 3.22 -22.56
N VAL B 480 -31.18 3.52 -21.31
CA VAL B 480 -32.08 4.62 -21.01
C VAL B 480 -31.41 5.95 -21.35
N GLU B 481 -30.10 6.02 -21.13
CA GLU B 481 -29.32 7.22 -21.45
C GLU B 481 -29.38 7.53 -22.93
N VAL B 482 -29.43 6.47 -23.75
CA VAL B 482 -29.49 6.63 -25.20
C VAL B 482 -30.90 6.95 -25.66
N PHE B 483 -31.89 6.30 -25.03
CA PHE B 483 -33.29 6.51 -25.37
C PHE B 483 -33.73 7.94 -25.11
N LEU B 484 -33.30 8.48 -23.97
CA LEU B 484 -33.65 9.85 -23.62
C LEU B 484 -32.81 10.84 -24.41
N GLY B 485 -31.63 10.41 -24.84
CA GLY B 485 -30.76 11.24 -25.65
C GLY B 485 -31.36 11.55 -27.00
N PHE B 486 -31.79 10.51 -27.71
CA PHE B 486 -32.44 10.67 -29.00
C PHE B 486 -33.75 11.45 -28.86
N GLN B 487 -34.51 11.11 -27.83
CA GLN B 487 -35.82 11.73 -27.59
C GLN B 487 -35.71 13.23 -27.38
N ASN B 488 -34.88 13.64 -26.42
CA ASN B 488 -34.73 15.04 -26.08
C ASN B 488 -34.11 15.88 -27.19
N GLN B 489 -33.16 15.30 -27.91
CA GLN B 489 -32.46 16.03 -28.96
C GLN B 489 -33.28 16.13 -30.24
N LEU B 490 -34.09 15.11 -30.51
CA LEU B 490 -34.93 15.09 -31.71
C LEU B 490 -36.36 15.51 -31.38
N ARG B 491 -36.52 16.32 -30.34
CA ARG B 491 -37.85 16.78 -29.94
C ARG B 491 -38.41 17.77 -30.97
N GLU B 492 -37.53 18.58 -31.54
CA GLU B 492 -37.94 19.60 -32.49
C GLU B 492 -37.94 19.11 -33.93
N SER B 493 -37.09 18.14 -34.23
CA SER B 493 -36.94 17.63 -35.59
C SER B 493 -37.94 16.51 -35.88
N LEU B 494 -38.52 15.94 -34.82
CA LEU B 494 -39.49 14.87 -34.98
C LEU B 494 -40.88 15.27 -34.49
N SER B 495 -41.06 16.57 -34.28
CA SER B 495 -42.33 17.13 -33.83
C SER B 495 -42.85 16.46 -32.55
N LEU B 496 -41.96 16.26 -31.59
CA LEU B 496 -42.34 15.68 -30.30
C LEU B 496 -42.78 16.77 -29.33
N THR B 497 -43.72 17.61 -29.78
CA THR B 497 -44.22 18.72 -28.97
C THR B 497 -44.88 18.22 -27.69
N THR B 498 -45.94 17.43 -27.83
CA THR B 498 -46.59 16.82 -26.69
C THR B 498 -45.90 15.50 -26.34
N MET B 499 -46.31 14.90 -25.22
CA MET B 499 -45.76 13.63 -24.75
C MET B 499 -44.25 13.65 -24.51
N THR B 500 -43.65 14.84 -24.51
CA THR B 500 -42.21 14.99 -24.34
C THR B 500 -41.82 16.38 -23.85
N ARG B 501 -41.22 16.45 -22.67
CA ARG B 501 -40.74 17.71 -22.13
C ARG B 501 -39.23 17.83 -22.38
N ASP B 502 -38.80 18.99 -22.86
CA ASP B 502 -37.38 19.21 -23.14
C ASP B 502 -36.57 19.20 -21.85
N MET B 503 -35.43 18.51 -21.88
CA MET B 503 -34.60 18.37 -20.69
C MET B 503 -33.12 18.52 -21.03
N ARG B 504 -32.48 19.53 -20.45
CA ARG B 504 -31.05 19.73 -20.66
C ARG B 504 -30.24 18.65 -19.93
N PHE B 505 -29.37 17.98 -20.65
CA PHE B 505 -28.54 16.93 -20.07
C PHE B 505 -27.08 17.36 -19.99
N TYR B 506 -26.29 16.64 -19.20
CA TYR B 506 -24.89 16.97 -19.01
C TYR B 506 -24.05 16.66 -20.24
N ASN B 507 -24.51 15.72 -21.05
CA ASN B 507 -23.82 15.37 -22.29
C ASN B 507 -24.75 14.79 -23.35
N VAL B 508 -24.16 14.41 -24.49
CA VAL B 508 -24.92 13.88 -25.60
C VAL B 508 -25.20 12.39 -25.43
N SER B 509 -24.74 11.85 -24.30
CA SER B 509 -24.91 10.42 -23.99
C SER B 509 -24.34 9.53 -25.09
N GLY B 510 -23.17 9.90 -25.60
CA GLY B 510 -22.49 9.11 -26.60
C GLY B 510 -23.26 9.00 -27.91
N ILE B 511 -23.74 10.14 -28.41
CA ILE B 511 -24.46 10.17 -29.67
C ILE B 511 -23.74 11.07 -30.67
N THR B 512 -23.31 10.47 -31.78
CA THR B 512 -22.61 11.23 -32.83
C THR B 512 -23.60 12.07 -33.63
N GLU B 513 -23.09 13.09 -34.29
CA GLU B 513 -23.93 13.97 -35.11
C GLU B 513 -24.45 13.22 -36.34
N SER B 514 -23.69 12.23 -36.79
CA SER B 514 -24.07 11.44 -37.95
C SER B 514 -25.22 10.50 -37.61
N ASP B 515 -25.30 10.09 -36.34
CA ASP B 515 -26.37 9.22 -35.87
C ASP B 515 -27.72 9.95 -35.94
N LEU B 516 -27.71 11.23 -35.58
CA LEU B 516 -28.92 12.05 -35.62
C LEU B 516 -29.46 12.14 -37.05
N ASP B 517 -28.55 12.29 -38.00
CA ASP B 517 -28.92 12.34 -39.42
C ASP B 517 -29.57 11.02 -39.83
N GLU B 518 -29.03 9.92 -39.32
CA GLU B 518 -29.59 8.61 -39.60
C GLU B 518 -30.89 8.40 -38.83
N ALA B 519 -30.96 8.99 -37.64
CA ALA B 519 -32.13 8.85 -36.78
C ALA B 519 -33.33 9.60 -37.35
N GLU B 520 -33.09 10.79 -37.87
CA GLU B 520 -34.16 11.61 -38.45
C GLU B 520 -34.77 10.90 -39.66
N ILE B 521 -33.94 10.58 -40.65
CA ILE B 521 -34.39 9.98 -41.89
C ILE B 521 -35.13 8.66 -41.68
N ARG B 522 -34.54 7.78 -40.88
CA ARG B 522 -35.10 6.45 -40.67
C ARG B 522 -36.47 6.48 -39.99
N ILE B 523 -36.60 7.33 -38.96
CA ILE B 523 -37.87 7.44 -38.23
C ILE B 523 -38.93 8.12 -39.09
N LYS B 524 -38.53 9.14 -39.83
CA LYS B 524 -39.44 9.86 -40.72
C LYS B 524 -40.03 8.94 -41.78
N MET B 525 -39.17 8.16 -42.44
CA MET B 525 -39.62 7.22 -43.47
C MET B 525 -40.52 6.14 -42.89
N ALA B 526 -40.13 5.61 -41.73
CA ALA B 526 -40.88 4.54 -41.09
C ALA B 526 -42.31 4.99 -40.72
N GLU B 527 -42.48 6.29 -40.56
CA GLU B 527 -43.79 6.85 -40.22
C GLU B 527 -44.65 7.03 -41.47
N ASN B 528 -44.00 7.17 -42.62
CA ASN B 528 -44.70 7.38 -43.88
C ASN B 528 -45.09 6.09 -44.57
N ARG B 529 -44.40 5.01 -44.24
CA ARG B 529 -44.59 3.75 -44.94
C ARG B 529 -45.64 2.87 -44.26
N ASP B 530 -45.36 2.43 -43.05
CA ASP B 530 -46.25 1.50 -42.36
C ASP B 530 -46.81 2.02 -41.04
N PHE B 531 -47.44 3.19 -41.08
CA PHE B 531 -48.13 3.72 -39.91
C PHE B 531 -49.62 3.38 -39.96
N HIS B 532 -50.14 3.25 -41.17
CA HIS B 532 -51.54 2.87 -41.37
C HIS B 532 -51.80 1.49 -40.79
N LYS B 533 -50.91 0.56 -41.11
CA LYS B 533 -51.00 -0.80 -40.60
C LYS B 533 -50.77 -0.80 -39.09
N TRP B 534 -49.78 -0.02 -38.66
CA TRP B 534 -49.43 0.03 -37.24
C TRP B 534 -50.52 0.68 -36.40
N PHE B 535 -51.06 1.81 -36.86
CA PHE B 535 -52.10 2.50 -36.09
C PHE B 535 -53.31 1.61 -35.79
N ALA B 536 -53.84 0.94 -36.81
CA ALA B 536 -54.97 0.03 -36.64
C ALA B 536 -54.76 -0.92 -35.47
N LEU B 537 -53.56 -1.49 -35.40
CA LEU B 537 -53.23 -2.46 -34.36
C LEU B 537 -53.09 -1.81 -32.98
N TRP B 538 -52.44 -0.65 -32.92
CA TRP B 538 -52.41 0.16 -31.71
C TRP B 538 -53.77 0.84 -31.54
N GLY B 539 -54.55 0.39 -30.56
CA GLY B 539 -54.04 -0.31 -29.41
C GLY B 539 -54.84 0.20 -28.21
N PRO B 540 -54.72 1.49 -27.89
CA PRO B 540 -55.66 2.01 -26.89
C PRO B 540 -56.89 2.53 -27.58
N TRP B 541 -56.74 2.65 -28.89
CA TRP B 541 -57.72 3.20 -29.77
C TRP B 541 -58.85 2.22 -29.86
N HIS B 542 -58.50 0.94 -29.72
CA HIS B 542 -59.46 -0.14 -29.52
C HIS B 542 -60.44 0.24 -28.40
N LYS B 543 -59.91 0.68 -27.26
CA LYS B 543 -60.76 1.16 -26.17
C LYS B 543 -61.66 2.30 -26.66
N VAL B 544 -61.07 3.23 -27.41
CA VAL B 544 -61.83 4.29 -28.06
C VAL B 544 -62.76 3.71 -29.12
N LEU B 545 -62.26 2.77 -29.93
CA LEU B 545 -63.03 2.14 -30.99
C LEU B 545 -64.26 1.42 -30.45
N GLU B 546 -64.09 0.79 -29.30
CA GLU B 546 -65.21 0.13 -28.61
C GLU B 546 -66.18 1.18 -28.09
N ARG B 547 -65.65 2.34 -27.73
CA ARG B 547 -66.44 3.42 -27.15
C ARG B 547 -67.30 4.14 -28.18
N ILE B 548 -66.80 4.24 -29.41
CA ILE B 548 -67.48 5.01 -30.46
C ILE B 548 -68.48 4.19 -31.27
N ALA B 549 -68.09 3.01 -31.73
CA ALA B 549 -68.96 2.18 -32.54
C ALA B 549 -68.96 0.72 -32.08
N PRO B 550 -69.71 0.43 -31.01
CA PRO B 550 -69.76 -0.91 -30.41
C PRO B 550 -70.36 -1.96 -31.33
N GLU B 551 -71.36 -1.57 -32.11
CA GLU B 551 -72.03 -2.51 -33.01
C GLU B 551 -71.14 -2.95 -34.17
N GLU B 552 -70.52 -1.97 -34.83
CA GLU B 552 -69.58 -2.26 -35.92
C GLU B 552 -68.35 -2.97 -35.38
N TRP B 553 -68.03 -2.71 -34.11
CA TRP B 553 -66.99 -3.43 -33.42
C TRP B 553 -67.38 -4.89 -33.31
N ARG B 554 -68.58 -5.13 -32.80
CA ARG B 554 -69.08 -6.48 -32.59
C ARG B 554 -69.26 -7.23 -33.92
N GLU B 555 -69.71 -6.51 -34.95
CA GLU B 555 -69.88 -7.10 -36.27
C GLU B 555 -68.54 -7.62 -36.82
N MET B 556 -67.51 -6.79 -36.70
CA MET B 556 -66.17 -7.20 -37.12
C MET B 556 -65.57 -8.19 -36.12
N MET B 557 -66.12 -8.22 -34.92
CA MET B 557 -65.72 -9.18 -33.91
C MET B 557 -66.43 -10.51 -34.15
N ALA B 558 -67.72 -10.43 -34.50
CA ALA B 558 -68.49 -11.63 -34.82
C ALA B 558 -67.99 -12.23 -36.13
N LYS B 559 -67.60 -11.36 -37.06
CA LYS B 559 -67.03 -11.81 -38.32
C LYS B 559 -65.71 -12.53 -38.05
N ARG B 560 -64.96 -12.01 -37.07
CA ARG B 560 -63.72 -12.66 -36.64
C ARG B 560 -64.03 -14.02 -36.03
N ASP B 561 -65.16 -14.09 -35.32
CA ASP B 561 -65.60 -15.35 -34.73
C ASP B 561 -66.10 -16.29 -35.83
N GLU B 562 -66.68 -15.73 -36.87
CA GLU B 562 -67.18 -16.51 -38.00
C GLU B 562 -66.05 -16.82 -38.99
N CYS B 563 -64.91 -16.18 -38.79
CA CYS B 563 -63.73 -16.47 -39.61
C CYS B 563 -62.86 -17.54 -38.95
N ILE B 564 -63.26 -17.97 -37.77
CA ILE B 564 -62.59 -19.08 -37.10
C ILE B 564 -62.94 -20.38 -37.83
N GLU B 565 -64.16 -20.42 -38.37
CA GLU B 565 -64.62 -21.57 -39.14
C GLU B 565 -64.43 -21.32 -40.63
N THR B 566 -63.27 -20.75 -40.99
CA THR B 566 -62.98 -20.42 -42.37
C THR B 566 -62.89 -21.65 -43.26
N ASP B 567 -63.50 -21.57 -44.44
CA ASP B 567 -63.47 -22.68 -45.40
C ASP B 567 -62.06 -22.96 -45.90
N GLU B 568 -61.28 -21.90 -46.09
CA GLU B 568 -59.91 -22.04 -46.57
C GLU B 568 -58.89 -21.96 -45.43
N TYR B 569 -59.32 -22.30 -44.22
CA TYR B 569 -58.42 -22.30 -43.08
C TYR B 569 -57.48 -23.49 -43.13
N GLN B 570 -57.99 -24.62 -43.62
CA GLN B 570 -57.20 -25.83 -43.75
C GLN B 570 -56.24 -25.72 -44.94
N SER B 571 -56.61 -24.86 -45.90
CA SER B 571 -55.79 -24.66 -47.10
C SER B 571 -54.43 -24.09 -46.77
N ARG B 572 -54.33 -23.38 -45.65
CA ARG B 572 -53.07 -22.82 -45.19
C ARG B 572 -52.31 -23.82 -44.31
N VAL B 573 -53.05 -24.55 -43.49
CA VAL B 573 -52.45 -25.49 -42.54
C VAL B 573 -51.73 -26.65 -43.22
N ASN B 574 -52.36 -27.24 -44.23
CA ASN B 574 -51.81 -28.40 -44.91
C ASN B 574 -50.51 -28.11 -45.68
N ALA B 575 -50.30 -26.84 -46.03
CA ALA B 575 -49.10 -26.44 -46.77
C ALA B 575 -47.99 -26.00 -45.83
N GLU B 576 -48.22 -26.13 -44.53
CA GLU B 576 -47.25 -25.72 -43.52
C GLU B 576 -46.59 -26.93 -42.86
N LEU B 577 -47.38 -27.99 -42.66
CA LEU B 577 -46.90 -29.18 -41.97
C LEU B 577 -45.80 -29.91 -42.75
N GLU B 578 -45.88 -29.84 -44.07
CA GLU B 578 -44.89 -30.51 -44.92
C GLU B 578 -43.59 -29.71 -44.96
N ASP B 579 -43.71 -28.39 -45.12
CA ASP B 579 -42.55 -27.52 -45.18
C ASP B 579 -42.10 -27.11 -43.78
N ALA B 601 -51.11 -24.29 -32.67
CA ALA B 601 -49.73 -23.87 -32.51
C ALA B 601 -49.21 -23.20 -33.78
N ILE B 602 -49.15 -23.96 -34.86
CA ILE B 602 -48.67 -23.44 -36.14
C ILE B 602 -49.73 -22.61 -36.84
N GLY B 603 -51.00 -23.01 -36.67
CA GLY B 603 -52.10 -22.31 -37.29
C GLY B 603 -52.50 -21.03 -36.58
N ILE B 604 -51.67 -20.58 -35.65
CA ILE B 604 -51.92 -19.35 -34.91
C ILE B 604 -51.35 -18.15 -35.65
N LYS B 605 -50.19 -18.34 -36.28
CA LYS B 605 -49.52 -17.27 -37.03
C LYS B 605 -50.41 -16.76 -38.16
N ILE B 606 -51.05 -17.69 -38.88
CA ILE B 606 -51.98 -17.31 -39.94
C ILE B 606 -53.26 -16.72 -39.35
N MET B 607 -53.61 -17.17 -38.15
CA MET B 607 -54.77 -16.63 -37.44
C MET B 607 -54.50 -15.18 -37.03
N GLU B 608 -53.26 -14.91 -36.62
CA GLU B 608 -52.86 -13.57 -36.25
C GLU B 608 -52.73 -12.66 -37.48
N GLU B 609 -52.68 -13.28 -38.65
CA GLU B 609 -52.53 -12.53 -39.89
C GLU B 609 -53.90 -12.18 -40.48
N ILE B 610 -54.86 -13.06 -40.29
CA ILE B 610 -56.21 -12.84 -40.83
C ILE B 610 -56.96 -11.74 -40.06
N ASN B 611 -57.03 -11.87 -38.74
CA ASN B 611 -57.72 -10.88 -37.92
C ASN B 611 -57.02 -9.52 -37.93
N GLN B 612 -55.73 -9.52 -38.25
CA GLN B 612 -54.97 -8.29 -38.40
C GLN B 612 -55.50 -7.47 -39.56
N THR B 613 -55.80 -8.15 -40.66
CA THR B 613 -56.36 -7.49 -41.84
C THR B 613 -57.79 -7.03 -41.57
N LEU B 614 -58.45 -7.68 -40.62
CA LEU B 614 -59.81 -7.31 -40.24
C LEU B 614 -59.83 -6.01 -39.45
N PHE B 615 -58.74 -5.74 -38.74
CA PHE B 615 -58.62 -4.51 -37.95
C PHE B 615 -58.13 -3.35 -38.79
N THR B 616 -57.58 -3.65 -39.96
CA THR B 616 -57.15 -2.62 -40.90
C THR B 616 -58.32 -2.13 -41.74
N GLU B 617 -59.37 -2.94 -41.78
CA GLU B 617 -60.56 -2.61 -42.57
C GLU B 617 -61.60 -1.87 -41.74
N ILE B 618 -61.79 -2.31 -40.50
CA ILE B 618 -62.73 -1.64 -39.60
C ILE B 618 -62.24 -0.24 -39.27
N MET B 619 -60.92 -0.06 -39.27
CA MET B 619 -60.34 1.26 -39.07
C MET B 619 -60.69 2.17 -40.23
N GLU B 620 -60.22 1.78 -41.41
CA GLU B 620 -60.34 2.57 -42.63
C GLU B 620 -61.79 2.91 -42.96
N ASN B 621 -62.73 2.13 -42.43
CA ASN B 621 -64.14 2.36 -42.65
C ASN B 621 -64.72 3.42 -41.70
N ILE B 622 -64.54 3.19 -40.39
CA ILE B 622 -65.06 4.11 -39.38
C ILE B 622 -64.32 5.44 -39.40
N LEU B 623 -63.05 5.38 -39.77
CA LEU B 623 -62.21 6.57 -39.84
C LEU B 623 -62.70 7.52 -40.92
N LEU B 624 -63.29 6.96 -41.97
CA LEU B 624 -63.80 7.78 -43.07
C LEU B 624 -65.16 8.38 -42.71
N LYS B 625 -65.86 7.75 -41.77
CA LYS B 625 -67.16 8.24 -41.32
C LYS B 625 -67.06 9.58 -40.61
N LYS B 626 -65.93 9.81 -39.94
CA LYS B 626 -65.73 11.04 -39.18
C LYS B 626 -64.92 12.05 -39.99
N GLU B 627 -64.86 11.84 -41.30
CA GLU B 627 -64.12 12.71 -42.20
C GLU B 627 -62.65 12.86 -41.80
N VAL B 628 -62.11 11.83 -41.14
CA VAL B 628 -60.74 11.87 -40.67
C VAL B 628 -59.88 10.72 -41.20
N SER B 629 -60.27 10.19 -42.36
CA SER B 629 -59.40 9.28 -43.10
C SER B 629 -58.41 10.13 -43.85
N SER B 630 -58.63 11.43 -43.83
CA SER B 630 -57.67 12.40 -44.32
C SER B 630 -56.33 12.25 -43.59
N LEU B 631 -56.41 11.96 -42.29
CA LEU B 631 -55.29 12.13 -41.37
C LEU B 631 -54.19 11.08 -41.40
N MET B 632 -54.57 9.81 -41.56
CA MET B 632 -53.59 8.73 -41.73
C MET B 632 -52.65 9.15 -42.85
N SER B 633 -53.25 9.56 -43.96
CA SER B 633 -52.56 10.31 -45.01
C SER B 633 -51.18 9.81 -45.34
N ALA B 634 -50.27 10.77 -45.41
CA ALA B 634 -48.85 10.55 -45.34
C ALA B 634 -48.41 11.72 -44.51
N TYR B 635 -47.16 11.74 -44.07
CA TYR B 635 -46.68 12.87 -43.31
C TYR B 635 -45.19 13.07 -43.59
N TRP B 636 -44.61 14.14 -43.04
CA TRP B 636 -43.25 14.56 -43.38
C TRP B 636 -43.11 14.83 -44.89
N ARG B 637 -42.07 14.27 -45.48
CA ARG B 637 -41.84 14.39 -46.92
C ARG B 637 -42.55 13.29 -47.68
N HIS C 6 -7.95 34.99 23.34
CA HIS C 6 -7.01 36.09 23.24
C HIS C 6 -5.64 35.61 22.77
N HIS C 7 -5.12 34.60 23.45
CA HIS C 7 -3.81 34.03 23.10
C HIS C 7 -3.95 33.05 21.95
N HIS C 8 -3.50 33.47 20.76
CA HIS C 8 -3.57 32.62 19.57
C HIS C 8 -2.33 32.79 18.70
N HIS C 9 -1.27 32.07 19.05
CA HIS C 9 -0.04 32.13 18.27
C HIS C 9 -0.06 31.13 17.11
N HIS C 10 0.36 31.60 15.94
CA HIS C 10 0.42 30.76 14.76
C HIS C 10 1.52 29.71 14.89
N GLY C 11 2.38 29.85 15.90
CA GLY C 11 3.46 28.90 16.12
C GLY C 11 3.05 27.46 16.39
N SER C 12 2.12 26.96 15.56
CA SER C 12 1.61 25.59 15.61
C SER C 12 1.38 25.00 17.00
N MET C 13 1.70 23.73 17.16
CA MET C 13 1.61 23.07 18.44
C MET C 13 2.73 22.02 18.57
N VAL C 14 3.36 21.66 17.45
CA VAL C 14 4.58 20.82 17.54
C VAL C 14 5.63 21.55 18.36
N LYS C 15 6.34 20.77 19.16
CA LYS C 15 7.12 21.29 20.27
C LYS C 15 8.60 20.97 20.17
N GLN C 16 9.43 22.01 20.28
CA GLN C 16 10.88 21.85 20.17
C GLN C 16 11.49 21.38 21.48
N ILE C 17 12.57 20.61 21.39
CA ILE C 17 13.21 20.04 22.56
C ILE C 17 14.72 20.21 22.49
N GLU C 18 15.37 20.35 23.64
CA GLU C 18 16.81 20.55 23.68
C GLU C 18 17.48 19.75 24.80
N SER C 19 17.31 20.17 26.05
CA SER C 19 17.88 19.47 27.18
C SER C 19 17.35 18.05 27.23
N LYS C 20 18.27 17.08 27.31
CA LYS C 20 17.87 15.69 27.39
C LYS C 20 16.92 15.46 28.56
N THR C 21 17.34 15.84 29.76
CA THR C 21 16.51 15.67 30.95
C THR C 21 15.12 16.28 30.76
N ALA C 22 15.08 17.48 30.18
CA ALA C 22 13.81 18.15 29.88
C ALA C 22 12.95 17.32 28.92
N PHE C 23 13.62 16.61 28.00
CA PHE C 23 12.96 15.71 27.08
C PHE C 23 12.24 14.58 27.83
N GLN C 24 12.90 14.01 28.83
CA GLN C 24 12.27 12.96 29.65
C GLN C 24 11.07 13.50 30.42
N GLU C 25 11.14 14.75 30.86
CA GLU C 25 10.04 15.38 31.60
C GLU C 25 8.85 15.66 30.70
N ALA C 26 9.08 15.66 29.39
CA ALA C 26 8.02 15.88 28.42
C ALA C 26 7.16 14.63 28.24
N LEU C 27 7.69 13.49 28.67
CA LEU C 27 6.96 12.23 28.59
C LEU C 27 6.12 12.01 29.84
N ASP C 28 6.51 12.66 30.93
CA ASP C 28 5.74 12.60 32.17
C ASP C 28 4.71 13.72 32.22
N ALA C 29 4.94 14.76 31.43
CA ALA C 29 4.00 15.86 31.31
C ALA C 29 2.78 15.42 30.51
N ALA C 30 2.95 14.37 29.71
CA ALA C 30 1.87 13.81 28.93
C ALA C 30 0.97 12.94 29.81
N GLY C 31 1.57 11.95 30.45
CA GLY C 31 0.83 11.06 31.34
C GLY C 31 0.23 9.88 30.60
N ASP C 32 -1.02 10.01 30.21
CA ASP C 32 -1.73 8.92 29.53
C ASP C 32 -1.96 9.22 28.05
N LYS C 33 -1.87 10.50 27.68
CA LYS C 33 -2.07 10.89 26.28
C LYS C 33 -0.84 10.62 25.42
N LEU C 34 -1.08 10.16 24.21
CA LEU C 34 -0.01 9.74 23.29
C LEU C 34 0.81 10.93 22.78
N VAL C 35 2.09 10.68 22.51
CA VAL C 35 2.98 11.68 21.94
C VAL C 35 3.66 11.13 20.69
N VAL C 36 4.22 12.01 19.88
CA VAL C 36 4.96 11.59 18.69
C VAL C 36 6.30 12.31 18.59
N VAL C 37 7.38 11.53 18.53
CA VAL C 37 8.72 12.08 18.49
C VAL C 37 9.33 12.01 17.09
N ASP C 38 9.87 13.12 16.63
CA ASP C 38 10.50 13.20 15.32
C ASP C 38 12.00 13.43 15.50
N PHE C 39 12.79 12.73 14.71
CA PHE C 39 14.22 12.95 14.66
C PHE C 39 14.61 13.42 13.26
N SER C 40 15.01 14.69 13.15
CA SER C 40 15.28 15.29 11.86
C SER C 40 16.58 16.08 11.85
N ALA C 41 17.18 16.22 10.67
CA ALA C 41 18.34 17.07 10.52
C ALA C 41 18.08 18.23 9.56
N THR C 42 18.85 19.29 9.70
CA THR C 42 18.68 20.49 8.89
C THR C 42 19.36 20.36 7.53
N TRP C 43 19.88 19.17 7.22
CA TRP C 43 20.55 18.92 5.95
C TRP C 43 19.97 17.70 5.26
N CYS C 44 19.02 17.05 5.92
CA CYS C 44 18.42 15.83 5.39
C CYS C 44 17.42 16.12 4.26
N GLY C 45 17.76 15.67 3.06
CA GLY C 45 16.91 15.88 1.90
C GLY C 45 15.52 15.27 1.99
N PRO C 46 15.44 13.93 2.03
CA PRO C 46 14.17 13.20 2.12
C PRO C 46 13.30 13.58 3.32
N CYS C 47 13.89 14.29 4.29
CA CYS C 47 13.13 14.71 5.47
C CYS C 47 12.41 16.03 5.22
N LYS C 48 12.90 16.81 4.26
CA LYS C 48 12.32 18.11 3.94
C LYS C 48 10.88 18.00 3.40
N MET C 49 10.56 16.85 2.83
CA MET C 49 9.25 16.67 2.21
C MET C 49 8.17 16.25 3.21
N ILE C 50 8.57 15.91 4.42
CA ILE C 50 7.61 15.47 5.43
C ILE C 50 7.59 16.41 6.63
N LYS C 51 8.60 17.29 6.69
CA LYS C 51 8.69 18.30 7.75
C LYS C 51 7.49 19.27 7.80
N PRO C 52 7.09 19.86 6.66
CA PRO C 52 5.98 20.80 6.86
C PRO C 52 4.70 20.08 7.27
N PHE C 53 4.52 18.90 6.69
CA PHE C 53 3.36 18.06 6.89
C PHE C 53 3.25 17.55 8.32
N PHE C 54 4.38 17.26 8.95
CA PHE C 54 4.37 16.82 10.34
C PHE C 54 3.66 17.84 11.22
N HIS C 55 3.96 19.12 11.00
CA HIS C 55 3.32 20.23 11.69
C HIS C 55 1.81 20.32 11.41
N SER C 56 1.44 20.26 10.14
CA SER C 56 0.04 20.31 9.71
C SER C 56 -0.83 19.37 10.54
N LEU C 57 -0.31 18.17 10.75
CA LEU C 57 -0.97 17.16 11.57
C LEU C 57 -1.21 17.59 13.02
N SER C 58 -0.24 18.29 13.59
CA SER C 58 -0.27 18.71 14.98
C SER C 58 -1.56 19.42 15.37
N GLU C 59 -1.93 20.41 14.58
CA GLU C 59 -3.11 21.20 14.87
C GLU C 59 -4.38 20.38 14.65
N LYS C 60 -4.33 19.45 13.71
CA LYS C 60 -5.46 18.56 13.46
C LYS C 60 -5.66 17.58 14.62
N TYR C 61 -4.65 16.75 14.85
CA TYR C 61 -4.68 15.82 15.98
C TYR C 61 -4.16 16.49 17.24
N SER C 62 -4.95 17.43 17.77
CA SER C 62 -4.53 18.21 18.93
C SER C 62 -4.51 17.40 20.22
N ASN C 63 -5.09 16.20 20.17
CA ASN C 63 -5.14 15.33 21.34
C ASN C 63 -3.77 14.78 21.70
N VAL C 64 -2.91 14.64 20.70
CA VAL C 64 -1.57 14.09 20.91
C VAL C 64 -0.48 15.16 20.81
N ILE C 65 0.60 14.95 21.55
CA ILE C 65 1.71 15.91 21.60
C ILE C 65 2.73 15.61 20.51
N PHE C 66 3.21 16.66 19.87
CA PHE C 66 4.15 16.51 18.78
C PHE C 66 5.51 17.09 19.17
N LEU C 67 6.50 16.22 19.29
CA LEU C 67 7.84 16.62 19.70
C LEU C 67 8.84 16.50 18.56
N GLU C 68 9.62 17.55 18.34
CA GLU C 68 10.62 17.56 17.27
C GLU C 68 12.05 17.59 17.85
N VAL C 69 12.87 16.61 17.45
CA VAL C 69 14.23 16.50 17.96
C VAL C 69 15.25 16.57 16.83
N ASP C 70 16.28 17.41 17.01
CA ASP C 70 17.37 17.47 16.05
C ASP C 70 18.48 16.53 16.48
N VAL C 71 18.99 15.74 15.53
CA VAL C 71 20.03 14.77 15.83
C VAL C 71 21.37 15.45 16.09
N ASP C 72 21.68 16.46 15.27
CA ASP C 72 22.95 17.18 15.39
C ASP C 72 23.05 17.96 16.69
N ASP C 73 21.95 18.60 17.09
CA ASP C 73 21.94 19.39 18.31
C ASP C 73 21.66 18.56 19.55
N CYS C 74 21.33 17.29 19.35
CA CYS C 74 21.09 16.36 20.45
C CYS C 74 21.70 14.99 20.16
N GLN C 75 23.01 14.86 20.36
CA GLN C 75 23.70 13.61 20.10
C GLN C 75 23.33 12.54 21.12
N ASP C 76 23.05 12.97 22.35
CA ASP C 76 22.72 12.05 23.43
C ASP C 76 21.32 11.46 23.29
N VAL C 77 20.40 12.25 22.73
CA VAL C 77 19.02 11.81 22.55
C VAL C 77 18.90 10.75 21.47
N ALA C 78 19.51 11.02 20.32
CA ALA C 78 19.46 10.11 19.18
C ALA C 78 20.15 8.78 19.47
N SER C 79 21.18 8.84 20.31
CA SER C 79 21.92 7.64 20.67
C SER C 79 21.16 6.80 21.70
N GLU C 80 20.40 7.49 22.56
CA GLU C 80 19.63 6.82 23.60
C GLU C 80 18.42 6.11 23.01
N CYS C 81 17.77 6.76 22.06
CA CYS C 81 16.57 6.21 21.44
C CYS C 81 16.90 5.36 20.21
N GLU C 82 18.20 5.12 20.01
CA GLU C 82 18.70 4.27 18.93
C GLU C 82 18.24 4.72 17.54
N VAL C 83 18.49 5.97 17.19
CA VAL C 83 18.20 6.47 15.86
C VAL C 83 19.23 5.95 14.86
N LYS C 84 18.76 5.50 13.70
CA LYS C 84 19.65 5.09 12.62
C LYS C 84 19.12 5.65 11.31
N CYS C 85 18.01 5.11 10.83
CA CYS C 85 17.35 5.68 9.67
C CYS C 85 16.67 7.00 10.05
N MET C 86 16.72 7.95 9.12
CA MET C 86 16.10 9.25 9.32
C MET C 86 15.47 9.76 8.02
N PRO C 87 14.24 10.30 8.07
CA PRO C 87 13.42 10.61 9.26
C PRO C 87 12.86 9.40 9.97
N THR C 88 13.01 9.38 11.29
CA THR C 88 12.48 8.31 12.12
C THR C 88 11.44 8.91 13.06
N PHE C 89 10.27 8.28 13.10
CA PHE C 89 9.18 8.75 13.93
C PHE C 89 8.94 7.74 15.05
N GLN C 90 8.65 8.23 16.25
CA GLN C 90 8.38 7.36 17.39
C GLN C 90 7.20 7.86 18.20
N PHE C 91 6.44 6.91 18.75
CA PHE C 91 5.24 7.23 19.51
C PHE C 91 5.35 6.69 20.93
N PHE C 92 4.77 7.41 21.88
CA PHE C 92 4.74 6.94 23.25
C PHE C 92 3.39 7.21 23.90
N LYS C 93 2.91 6.20 24.62
CA LYS C 93 1.80 6.35 25.54
C LYS C 93 2.37 5.91 26.87
N LYS C 94 2.10 6.66 27.95
CA LYS C 94 2.66 6.36 29.26
C LYS C 94 4.19 6.40 29.10
N GLY C 95 4.88 5.34 29.53
CA GLY C 95 6.20 5.01 29.04
C GLY C 95 6.10 3.74 28.21
N GLN C 96 7.25 3.14 27.84
CA GLN C 96 7.33 1.97 26.94
C GLN C 96 7.21 2.34 25.47
N LYS C 97 7.88 1.57 24.62
CA LYS C 97 8.14 1.92 23.23
C LYS C 97 6.94 2.17 22.31
N VAL C 98 5.94 1.29 22.37
CA VAL C 98 4.91 1.21 21.33
C VAL C 98 5.59 0.98 19.97
N GLY C 99 5.47 1.89 19.02
CA GLY C 99 6.00 1.65 17.69
C GLY C 99 6.84 2.76 17.10
N GLU C 100 7.67 2.39 16.13
CA GLU C 100 8.58 3.30 15.48
C GLU C 100 8.70 2.87 14.04
N PHE C 101 9.14 3.78 13.18
CA PHE C 101 9.37 3.47 11.77
C PHE C 101 10.08 4.63 11.10
N SER C 102 10.65 4.37 9.93
CA SER C 102 11.48 5.36 9.26
C SER C 102 11.09 5.52 7.79
N GLY C 103 11.60 6.59 7.19
CA GLY C 103 11.35 6.86 5.78
C GLY C 103 10.40 8.02 5.56
N ALA C 104 10.44 8.57 4.35
CA ALA C 104 9.57 9.70 4.00
C ALA C 104 8.25 9.21 3.45
N ASN C 105 7.24 9.13 4.33
CA ASN C 105 5.91 8.68 3.92
C ASN C 105 4.82 9.39 4.74
N LYS C 106 4.01 10.20 4.05
CA LYS C 106 2.94 10.95 4.70
C LYS C 106 1.79 10.03 5.11
N GLU C 107 1.55 9.00 4.31
CA GLU C 107 0.46 8.06 4.56
C GLU C 107 0.70 7.23 5.81
N LYS C 108 1.90 6.67 5.92
CA LYS C 108 2.27 5.82 7.06
C LYS C 108 2.27 6.62 8.36
N LEU C 109 2.66 7.88 8.27
CA LEU C 109 2.74 8.75 9.44
C LEU C 109 1.35 9.05 10.01
N GLU C 110 0.42 9.41 9.15
CA GLU C 110 -0.94 9.76 9.57
C GLU C 110 -1.73 8.53 9.98
N ALA C 111 -1.49 7.42 9.30
CA ALA C 111 -2.22 6.18 9.57
C ALA C 111 -1.82 5.57 10.91
N THR C 112 -0.57 5.77 11.30
CA THR C 112 -0.06 5.17 12.55
C THR C 112 -0.67 5.85 13.77
N ILE C 113 -0.89 7.16 13.67
CA ILE C 113 -1.50 7.92 14.76
C ILE C 113 -2.93 7.44 15.00
N ASN C 114 -3.65 7.19 13.92
CA ASN C 114 -5.01 6.65 14.01
C ASN C 114 -5.01 5.20 14.48
N GLU C 115 -4.01 4.45 14.05
CA GLU C 115 -3.87 3.04 14.41
C GLU C 115 -3.72 2.88 15.91
N LEU C 116 -3.04 3.83 16.55
CA LEU C 116 -2.85 3.82 17.98
C LEU C 116 -3.99 4.53 18.69
N VAL C 117 -4.16 5.81 18.39
CA VAL C 117 -5.23 6.61 18.96
C VAL C 117 -6.06 7.30 17.88
N HIS D 6 -14.79 -19.92 36.36
CA HIS D 6 -14.37 -19.46 35.05
C HIS D 6 -15.09 -20.21 33.93
N HIS D 7 -15.67 -19.46 33.00
CA HIS D 7 -16.40 -20.05 31.88
C HIS D 7 -15.75 -19.70 30.55
N HIS D 8 -15.64 -20.70 29.67
CA HIS D 8 -15.04 -20.50 28.35
C HIS D 8 -15.74 -21.35 27.30
N HIS D 9 -15.97 -20.75 26.12
CA HIS D 9 -16.65 -21.45 25.04
C HIS D 9 -15.80 -21.41 23.76
N HIS D 10 -15.87 -22.49 22.98
CA HIS D 10 -15.10 -22.59 21.75
C HIS D 10 -15.72 -21.75 20.64
N GLY D 11 -15.04 -21.68 19.50
CA GLY D 11 -15.53 -20.94 18.36
C GLY D 11 -15.15 -19.47 18.40
N SER D 12 -15.48 -18.75 17.33
CA SER D 12 -15.18 -17.33 17.24
C SER D 12 -16.18 -16.52 18.06
N MET D 13 -15.90 -15.23 18.21
CA MET D 13 -16.78 -14.34 18.96
C MET D 13 -17.79 -13.69 18.03
N VAL D 14 -17.80 -14.12 16.77
CA VAL D 14 -18.71 -13.57 15.78
C VAL D 14 -20.13 -14.08 15.99
N LYS D 15 -21.08 -13.14 16.08
CA LYS D 15 -22.48 -13.49 16.30
C LYS D 15 -23.28 -13.42 15.00
N GLN D 16 -23.91 -14.52 14.64
CA GLN D 16 -24.75 -14.56 13.45
C GLN D 16 -26.14 -13.99 13.74
N ILE D 17 -26.60 -13.11 12.86
CA ILE D 17 -27.90 -12.46 13.03
C ILE D 17 -28.98 -13.18 12.22
N GLU D 18 -30.24 -13.02 12.64
CA GLU D 18 -31.35 -13.67 11.95
C GLU D 18 -32.48 -12.69 11.67
N SER D 19 -32.57 -11.63 12.48
CA SER D 19 -33.64 -10.66 12.34
C SER D 19 -33.11 -9.24 12.44
N LYS D 20 -33.75 -8.32 11.72
CA LYS D 20 -33.36 -6.92 11.76
C LYS D 20 -33.67 -6.32 13.13
N THR D 21 -34.70 -6.85 13.77
CA THR D 21 -35.08 -6.41 15.12
C THR D 21 -34.01 -6.82 16.13
N ALA D 22 -33.37 -7.95 15.87
CA ALA D 22 -32.27 -8.42 16.72
C ALA D 22 -30.96 -7.76 16.32
N PHE D 23 -30.86 -7.39 15.04
CA PHE D 23 -29.69 -6.68 14.53
C PHE D 23 -29.59 -5.30 15.16
N GLN D 24 -30.70 -4.58 15.20
CA GLN D 24 -30.76 -3.27 15.81
C GLN D 24 -30.56 -3.36 17.32
N GLU D 25 -31.05 -4.45 17.91
CA GLU D 25 -30.93 -4.68 19.34
C GLU D 25 -29.49 -4.93 19.75
N ALA D 26 -28.75 -5.64 18.91
CA ALA D 26 -27.37 -6.02 19.21
C ALA D 26 -26.43 -4.83 19.28
N LEU D 27 -26.62 -3.88 18.37
CA LEU D 27 -25.73 -2.71 18.29
C LEU D 27 -26.06 -1.65 19.35
N ASP D 28 -27.20 -1.82 20.01
CA ASP D 28 -27.57 -0.93 21.12
C ASP D 28 -26.95 -1.41 22.41
N ALA D 29 -26.72 -2.72 22.51
CA ALA D 29 -26.13 -3.33 23.70
C ALA D 29 -24.61 -3.42 23.58
N ALA D 30 -24.01 -2.39 22.99
CA ALA D 30 -22.56 -2.34 22.82
C ALA D 30 -21.96 -1.24 23.69
N GLY D 31 -22.58 -0.07 23.68
CA GLY D 31 -22.13 1.04 24.48
C GLY D 31 -21.02 1.84 23.82
N ASP D 32 -19.86 1.88 24.47
CA ASP D 32 -18.72 2.63 23.96
C ASP D 32 -17.88 1.79 23.01
N LYS D 33 -18.15 0.48 23.00
CA LYS D 33 -17.40 -0.44 22.15
C LYS D 33 -17.68 -0.22 20.67
N LEU D 34 -16.85 -0.83 19.82
CA LEU D 34 -17.01 -0.73 18.38
C LEU D 34 -17.64 -2.01 17.83
N VAL D 35 -18.44 -1.87 16.78
CA VAL D 35 -19.08 -3.02 16.15
C VAL D 35 -18.73 -3.12 14.68
N VAL D 36 -18.03 -4.19 14.31
CA VAL D 36 -17.68 -4.44 12.92
C VAL D 36 -18.61 -5.50 12.32
N VAL D 37 -19.29 -5.13 11.23
CA VAL D 37 -20.26 -6.01 10.60
C VAL D 37 -19.81 -6.49 9.23
N ASP D 38 -19.86 -7.81 9.03
CA ASP D 38 -19.52 -8.40 7.74
C ASP D 38 -20.78 -8.56 6.90
N PHE D 39 -20.64 -8.29 5.60
CA PHE D 39 -21.75 -8.48 4.67
C PHE D 39 -21.36 -9.47 3.58
N SER D 40 -21.44 -10.76 3.90
CA SER D 40 -21.03 -11.81 2.98
C SER D 40 -22.22 -12.67 2.55
N ALA D 41 -21.97 -13.60 1.63
CA ALA D 41 -22.96 -14.60 1.29
C ALA D 41 -22.33 -15.96 1.00
N THR D 42 -23.13 -16.87 0.46
CA THR D 42 -22.71 -18.23 0.20
C THR D 42 -21.99 -18.36 -1.14
N TRP D 43 -22.68 -17.97 -2.21
CA TRP D 43 -22.18 -18.15 -3.57
C TRP D 43 -20.96 -17.30 -3.90
N CYS D 44 -20.65 -16.32 -3.05
CA CYS D 44 -19.57 -15.38 -3.33
C CYS D 44 -18.20 -15.97 -3.09
N GLY D 45 -17.32 -15.81 -4.08
CA GLY D 45 -15.94 -16.25 -3.99
C GLY D 45 -15.08 -15.39 -3.07
N PRO D 46 -14.88 -14.11 -3.43
CA PRO D 46 -14.08 -13.15 -2.64
C PRO D 46 -14.45 -13.10 -1.17
N CYS D 47 -15.70 -13.41 -0.83
CA CYS D 47 -16.12 -13.45 0.57
C CYS D 47 -15.41 -14.57 1.32
N LYS D 48 -15.20 -15.68 0.63
CA LYS D 48 -14.55 -16.85 1.23
C LYS D 48 -13.07 -16.61 1.49
N MET D 49 -12.46 -15.70 0.75
CA MET D 49 -11.04 -15.41 0.88
C MET D 49 -10.73 -14.70 2.20
N ILE D 50 -11.66 -13.87 2.65
CA ILE D 50 -11.45 -13.07 3.84
C ILE D 50 -12.32 -13.58 4.99
N LYS D 51 -13.08 -14.63 4.72
CA LYS D 51 -13.98 -15.19 5.73
C LYS D 51 -13.28 -15.80 6.96
N PRO D 52 -12.31 -16.72 6.74
CA PRO D 52 -11.66 -17.29 7.93
C PRO D 52 -10.88 -16.24 8.72
N PHE D 53 -10.26 -15.30 8.00
CA PHE D 53 -9.48 -14.25 8.63
C PHE D 53 -10.35 -13.30 9.44
N PHE D 54 -11.62 -13.18 9.05
CA PHE D 54 -12.55 -12.32 9.76
C PHE D 54 -12.88 -12.87 11.14
N HIS D 55 -12.94 -14.20 11.23
CA HIS D 55 -13.24 -14.86 12.50
C HIS D 55 -12.04 -14.84 13.43
N SER D 56 -10.84 -14.80 12.85
CA SER D 56 -9.61 -14.80 13.64
C SER D 56 -9.40 -13.47 14.34
N LEU D 57 -9.96 -12.41 13.76
CA LEU D 57 -9.86 -11.09 14.36
C LEU D 57 -10.80 -10.97 15.56
N SER D 58 -11.79 -11.87 15.63
CA SER D 58 -12.74 -11.88 16.73
C SER D 58 -12.10 -12.47 17.99
N GLU D 59 -11.20 -13.44 17.80
CA GLU D 59 -10.51 -14.06 18.91
C GLU D 59 -9.36 -13.19 19.40
N LYS D 60 -8.78 -12.43 18.48
CA LYS D 60 -7.68 -11.53 18.83
C LYS D 60 -8.20 -10.27 19.53
N TYR D 61 -9.10 -9.56 18.86
CA TYR D 61 -9.67 -8.34 19.42
C TYR D 61 -10.91 -8.66 20.26
N SER D 62 -10.74 -8.70 21.57
CA SER D 62 -11.85 -9.00 22.47
C SER D 62 -12.52 -7.71 22.96
N ASN D 63 -12.12 -6.59 22.37
CA ASN D 63 -12.68 -5.30 22.75
C ASN D 63 -13.92 -4.96 21.93
N VAL D 64 -13.86 -5.28 20.64
CA VAL D 64 -14.95 -4.92 19.72
C VAL D 64 -15.83 -6.13 19.39
N ILE D 65 -17.07 -5.86 19.00
CA ILE D 65 -18.04 -6.91 18.70
C ILE D 65 -18.06 -7.25 17.21
N PHE D 66 -18.11 -8.54 16.91
CA PHE D 66 -18.11 -9.01 15.53
C PHE D 66 -19.46 -9.59 15.13
N LEU D 67 -20.05 -9.06 14.07
CA LEU D 67 -21.34 -9.52 13.58
C LEU D 67 -21.27 -9.84 12.09
N GLU D 68 -21.97 -10.88 11.67
CA GLU D 68 -22.06 -11.21 10.26
C GLU D 68 -23.51 -11.26 9.78
N VAL D 69 -23.81 -10.49 8.73
CA VAL D 69 -25.17 -10.42 8.19
C VAL D 69 -25.21 -10.96 6.78
N ASP D 70 -25.82 -12.13 6.61
CA ASP D 70 -25.97 -12.72 5.29
C ASP D 70 -26.99 -11.93 4.47
N VAL D 71 -26.60 -11.53 3.27
CA VAL D 71 -27.44 -10.71 2.41
C VAL D 71 -28.68 -11.45 1.91
N ASP D 72 -28.49 -12.68 1.46
CA ASP D 72 -29.55 -13.46 0.81
C ASP D 72 -30.84 -13.59 1.61
N ASP D 73 -30.73 -13.92 2.90
CA ASP D 73 -31.93 -14.09 3.73
C ASP D 73 -32.31 -12.84 4.51
N CYS D 74 -31.41 -11.86 4.55
CA CYS D 74 -31.68 -10.59 5.23
C CYS D 74 -31.55 -9.41 4.29
N GLN D 75 -32.41 -9.36 3.28
CA GLN D 75 -32.35 -8.30 2.27
C GLN D 75 -32.89 -6.97 2.80
N ASP D 76 -33.63 -7.04 3.90
CA ASP D 76 -34.17 -5.83 4.52
C ASP D 76 -33.06 -5.01 5.17
N VAL D 77 -32.04 -5.70 5.67
CA VAL D 77 -30.91 -5.05 6.30
C VAL D 77 -29.89 -4.62 5.24
N ALA D 78 -29.78 -5.43 4.18
CA ALA D 78 -28.85 -5.14 3.10
C ALA D 78 -29.19 -3.85 2.37
N SER D 79 -30.49 -3.58 2.24
CA SER D 79 -30.95 -2.36 1.59
C SER D 79 -31.01 -1.22 2.61
N GLU D 80 -31.04 -1.57 3.89
CA GLU D 80 -31.09 -0.59 4.96
C GLU D 80 -29.74 0.13 5.10
N CYS D 81 -28.66 -0.62 4.95
CA CYS D 81 -27.31 -0.10 5.14
C CYS D 81 -26.62 0.20 3.81
N GLU D 82 -27.40 0.18 2.73
CA GLU D 82 -26.93 0.53 1.40
C GLU D 82 -25.83 -0.38 0.84
N VAL D 83 -25.94 -1.68 1.08
CA VAL D 83 -25.00 -2.62 0.47
C VAL D 83 -25.18 -2.65 -1.05
N LYS D 84 -24.07 -2.48 -1.77
CA LYS D 84 -24.10 -2.50 -3.23
C LYS D 84 -23.11 -3.55 -3.74
N CYS D 85 -22.00 -3.71 -3.03
CA CYS D 85 -21.06 -4.80 -3.33
C CYS D 85 -20.58 -5.48 -2.06
N MET D 86 -20.07 -6.69 -2.21
CA MET D 86 -19.63 -7.49 -1.07
C MET D 86 -18.40 -8.32 -1.41
N PRO D 87 -17.59 -8.68 -0.39
CA PRO D 87 -17.80 -8.44 1.04
C PRO D 87 -17.66 -6.97 1.39
N THR D 88 -18.58 -6.48 2.22
CA THR D 88 -18.52 -5.11 2.68
C THR D 88 -18.51 -5.07 4.21
N PHE D 89 -17.50 -4.41 4.75
CA PHE D 89 -17.38 -4.27 6.20
C PHE D 89 -17.84 -2.88 6.60
N GLN D 90 -18.73 -2.84 7.59
CA GLN D 90 -19.20 -1.58 8.13
C GLN D 90 -18.93 -1.53 9.63
N PHE D 91 -18.61 -0.35 10.13
CA PHE D 91 -18.23 -0.19 11.53
C PHE D 91 -19.16 0.78 12.25
N PHE D 92 -19.64 0.38 13.42
CA PHE D 92 -20.63 1.15 14.16
C PHE D 92 -20.21 1.36 15.61
N LYS D 93 -20.48 2.57 16.13
CA LYS D 93 -20.33 2.84 17.55
C LYS D 93 -21.46 3.75 18.03
N LYS D 94 -22.00 3.46 19.21
CA LYS D 94 -23.12 4.20 19.78
C LYS D 94 -24.31 4.28 18.83
N GLY D 95 -24.50 3.21 18.06
CA GLY D 95 -25.62 3.13 17.13
C GLY D 95 -25.50 4.04 15.92
N GLN D 96 -24.26 4.38 15.56
CA GLN D 96 -24.03 5.24 14.40
C GLN D 96 -22.88 4.70 13.55
N LYS D 97 -23.03 4.78 12.23
CA LYS D 97 -22.02 4.28 11.31
C LYS D 97 -20.79 5.20 11.29
N VAL D 98 -19.62 4.60 11.45
CA VAL D 98 -18.37 5.37 11.45
C VAL D 98 -17.67 5.28 10.10
N GLY D 99 -17.10 4.11 9.81
CA GLY D 99 -16.38 3.91 8.57
C GLY D 99 -16.99 2.82 7.70
N GLU D 100 -16.83 2.97 6.39
CA GLU D 100 -17.35 2.00 5.45
C GLU D 100 -16.25 1.51 4.50
N PHE D 101 -16.11 0.21 4.36
CA PHE D 101 -15.08 -0.37 3.51
C PHE D 101 -15.57 -1.65 2.82
N SER D 102 -15.20 -1.80 1.56
CA SER D 102 -15.59 -2.99 0.79
C SER D 102 -14.41 -3.56 0.01
N GLY D 103 -14.38 -4.87 -0.17
CA GLY D 103 -13.33 -5.53 -0.91
C GLY D 103 -12.61 -6.59 -0.09
N ALA D 104 -12.14 -7.63 -0.78
CA ALA D 104 -11.46 -8.73 -0.12
C ALA D 104 -10.00 -8.39 0.17
N ASN D 105 -9.78 -7.55 1.18
CA ASN D 105 -8.44 -7.16 1.57
C ASN D 105 -8.23 -7.33 3.07
N LYS D 106 -7.43 -8.32 3.44
CA LYS D 106 -7.18 -8.63 4.85
C LYS D 106 -6.44 -7.50 5.54
N GLU D 107 -5.54 -6.84 4.81
CA GLU D 107 -4.70 -5.78 5.37
C GLU D 107 -5.52 -4.56 5.77
N LYS D 108 -6.40 -4.12 4.88
CA LYS D 108 -7.22 -2.94 5.13
C LYS D 108 -8.20 -3.17 6.26
N LEU D 109 -8.75 -4.38 6.35
CA LEU D 109 -9.71 -4.73 7.38
C LEU D 109 -9.13 -4.59 8.78
N GLU D 110 -7.97 -5.21 9.00
CA GLU D 110 -7.31 -5.18 10.30
C GLU D 110 -6.84 -3.78 10.65
N ALA D 111 -6.34 -3.06 9.65
CA ALA D 111 -5.84 -1.71 9.86
C ALA D 111 -6.96 -0.73 10.17
N THR D 112 -8.15 -0.99 9.61
CA THR D 112 -9.30 -0.11 9.83
C THR D 112 -9.83 -0.24 11.24
N ILE D 113 -9.73 -1.45 11.81
CA ILE D 113 -10.19 -1.70 13.16
C ILE D 113 -9.41 -0.87 14.17
N ASN D 114 -8.09 -0.98 14.14
CA ASN D 114 -7.22 -0.23 15.03
C ASN D 114 -7.28 1.27 14.78
N GLU D 115 -7.67 1.64 13.56
CA GLU D 115 -7.82 3.05 13.20
C GLU D 115 -8.92 3.70 14.05
N LEU D 116 -9.95 2.92 14.36
CA LEU D 116 -11.07 3.42 15.15
C LEU D 116 -10.86 3.19 16.64
N VAL D 117 -10.23 2.07 16.98
CA VAL D 117 -9.91 1.77 18.37
C VAL D 117 -8.43 1.47 18.54
#